data_9IAH
# 
_entry.id   9IAH 
# 
_audit_conform.dict_name       mmcif_pdbx.dic 
_audit_conform.dict_version    5.407 
_audit_conform.dict_location   http://mmcif.pdb.org/dictionaries/ascii/mmcif_pdbx.dic 
# 
loop_
_database_2.database_id 
_database_2.database_code 
_database_2.pdbx_database_accession 
_database_2.pdbx_DOI 
PDB   9IAH         pdb_00009iah 10.2210/pdb9iah/pdb 
WWPDB D_1292145160 ?            ?                   
EMDB  EMD-52781    ?            ?                   
# 
loop_
_pdbx_audit_revision_history.ordinal 
_pdbx_audit_revision_history.data_content_type 
_pdbx_audit_revision_history.major_revision 
_pdbx_audit_revision_history.minor_revision 
_pdbx_audit_revision_history.revision_date 
_pdbx_audit_revision_history.part_number 
1  'Structure model' 1 0 2025-03-05 ? 
2  'EM metadata'     1 0 2025-03-05 ? 
3  FSC               1 0 2025-03-05 ? 
4  'Half map'        1 0 2025-03-05 1 
5  'Half map'        1 0 2025-03-05 2 
6  Image             1 0 2025-03-05 ? 
7  Mask              1 0 2025-03-05 1 
8  'Primary map'     1 0 2025-03-05 ? 
9  'Structure model' 1 1 2025-11-05 ? 
10 'Structure model' 1 2 2025-11-26 ? 
# 
loop_
_pdbx_audit_revision_details.ordinal 
_pdbx_audit_revision_details.revision_ordinal 
_pdbx_audit_revision_details.data_content_type 
_pdbx_audit_revision_details.provider 
_pdbx_audit_revision_details.type 
_pdbx_audit_revision_details.description 
_pdbx_audit_revision_details.details 
1 1 'Structure model' repository 'Initial release' ? ? 
2 2 'EM metadata'     repository 'Initial release' ? ? 
3 3 FSC               repository 'Initial release' ? ? 
4 4 'Half map'        repository 'Initial release' ? ? 
5 5 'Half map'        repository 'Initial release' ? ? 
6 6 Image             repository 'Initial release' ? ? 
7 7 Mask              repository 'Initial release' ? ? 
8 8 'Primary map'     repository 'Initial release' ? ? 
# 
loop_
_pdbx_audit_revision_group.ordinal 
_pdbx_audit_revision_group.revision_ordinal 
_pdbx_audit_revision_group.data_content_type 
_pdbx_audit_revision_group.group 
1 9  'Structure model' 'Data collection'     
2 9  'Structure model' 'Database references' 
3 10 'Structure model' 'Data collection'     
4 10 'Structure model' 'Database references' 
# 
loop_
_pdbx_audit_revision_category.ordinal 
_pdbx_audit_revision_category.revision_ordinal 
_pdbx_audit_revision_category.data_content_type 
_pdbx_audit_revision_category.category 
1 9  'Structure model' citation        
2 9  'Structure model' citation_author 
3 9  'Structure model' em_admin        
4 10 'Structure model' citation        
5 10 'Structure model' citation_author 
6 10 'Structure model' em_admin        
# 
loop_
_pdbx_audit_revision_item.ordinal 
_pdbx_audit_revision_item.revision_ordinal 
_pdbx_audit_revision_item.data_content_type 
_pdbx_audit_revision_item.item 
1  9  'Structure model' '_citation.country'                 
2  9  'Structure model' '_citation.journal_abbrev'          
3  9  'Structure model' '_citation.journal_id_CSD'          
4  9  'Structure model' '_citation.journal_id_ISSN'         
5  9  'Structure model' '_citation.pdbx_database_id_DOI'    
6  9  'Structure model' '_citation.pdbx_database_id_PubMed' 
7  9  'Structure model' '_citation.title'                   
8  9  'Structure model' '_citation.year'                    
9  9  'Structure model' '_em_admin.last_update'             
10 10 'Structure model' '_citation.journal_volume'          
11 10 'Structure model' '_citation.page_first'              
12 10 'Structure model' '_citation.page_last'               
13 10 'Structure model' '_citation_author.identifier_ORCID' 
14 10 'Structure model' '_em_admin.last_update'             
# 
_pdbx_database_status.status_code                     REL 
_pdbx_database_status.status_code_sf                  ? 
_pdbx_database_status.status_code_mr                  ? 
_pdbx_database_status.entry_id                        9IAH 
_pdbx_database_status.recvd_initial_deposition_date   2025-02-10 
_pdbx_database_status.SG_entry                        N 
_pdbx_database_status.deposit_site                    PDBE 
_pdbx_database_status.process_site                    PDBE 
_pdbx_database_status.status_code_cs                  ? 
_pdbx_database_status.status_code_nmr_data            ? 
_pdbx_database_status.methods_development_category    ? 
_pdbx_database_status.pdb_format_compatible           Y 
# 
_pdbx_database_related.db_name        EMDB 
_pdbx_database_related.details        'Structure of beta-lactoglobulin fibril' 
_pdbx_database_related.db_id          EMD-52781 
_pdbx_database_related.content_type   'associated EM volume' 
# 
_pdbx_contact_author.id                 2 
_pdbx_contact_author.email              jinghui.luo@psi.ch 
_pdbx_contact_author.name_first         Jinghui 
_pdbx_contact_author.name_last          Luo 
_pdbx_contact_author.name_mi            ? 
_pdbx_contact_author.role               'principal investigator/group leader' 
_pdbx_contact_author.identifier_ORCID   0000-0002-7014-8153 
# 
loop_
_audit_author.name 
_audit_author.pdbx_ordinal 
_audit_author.identifier_ORCID 
'Sternke-Hoffmann, R.' 1 ? 
'Rhyner, D.'           2 ? 
'Qureshi, B.'          3 ? 
'Riek, R.'             4 ? 
'Greenwald, J.'        5 ? 
'Luo, J.'              6 ? 
# 
_citation.abstract                  ? 
_citation.abstract_id_CAS           ? 
_citation.book_id_ISBN              ? 
_citation.book_publisher            ? 
_citation.book_publisher_city       ? 
_citation.book_title                ? 
_citation.coordinate_linkage        ? 
_citation.country                   US 
_citation.database_id_Medline       ? 
_citation.details                   ? 
_citation.id                        primary 
_citation.journal_abbrev            'Nano Lett.' 
_citation.journal_id_ASTM           ? 
_citation.journal_id_CSD            ? 
_citation.journal_id_ISSN           1530-6992 
_citation.journal_full              ? 
_citation.journal_issue             ? 
_citation.journal_volume            25 
_citation.language                  ? 
_citation.page_first                16146 
_citation.page_last                 16153 
_citation.title                     'Structural Insights and Functional Dynamics of beta-Lactoglobulin Fibrils.' 
_citation.year                      2025 
_citation.database_id_CSD           ? 
_citation.pdbx_database_id_DOI      10.1021/acs.nanolett.5c04125 
_citation.pdbx_database_id_PubMed   41129746 
_citation.pdbx_database_id_patent   ? 
_citation.unpublished_flag          ? 
# 
loop_
_citation_author.citation_id 
_citation_author.name 
_citation_author.ordinal 
_citation_author.identifier_ORCID 
primary 'Sternke-Hoffmann, R.' 1 ? 
primary 'Rhyner, D.'           2 ? 
primary 'Terashi, G.'          3 ? 
primary 'Qureshi, B.M.'        4 ? 
primary 'Riek, R.'             5 ? 
primary 'Greenwald, J.'        6 ? 
primary 'Kihara, D.'           7 ? 
primary 'Lutz-Bueno, V.'       8 ? 
primary 'Luo, J.'              9 ? 
# 
_entity.id                         1 
_entity.type                       polymer 
_entity.src_method                 nat 
_entity.pdbx_description           Beta-lactoglobulin 
_entity.formula_weight             3627.232 
_entity.pdbx_number_of_molecules   5 
_entity.pdbx_ec                    ? 
_entity.pdbx_mutation              ? 
_entity.pdbx_fragment              ? 
_entity.details                    ? 
# 
_entity_name_com.entity_id   1 
_entity_name_com.name        Beta-LG 
# 
_entity_poly.entity_id                      1 
_entity_poly.type                           'polypeptide(L)' 
_entity_poly.nstd_linkage                   no 
_entity_poly.nstd_monomer                   no 
_entity_poly.pdbx_seq_one_letter_code       LIVTQTMKGLDIQKVAGTWYSLAMAASDISLLDA 
_entity_poly.pdbx_seq_one_letter_code_can   LIVTQTMKGLDIQKVAGTWYSLAMAASDISLLDA 
_entity_poly.pdbx_strand_id                 E,D,C,B,A 
_entity_poly.pdbx_target_identifier         ? 
# 
loop_
_entity_poly_seq.entity_id 
_entity_poly_seq.num 
_entity_poly_seq.mon_id 
_entity_poly_seq.hetero 
1 1  LEU n 
1 2  ILE n 
1 3  VAL n 
1 4  THR n 
1 5  GLN n 
1 6  THR n 
1 7  MET n 
1 8  LYS n 
1 9  GLY n 
1 10 LEU n 
1 11 ASP n 
1 12 ILE n 
1 13 GLN n 
1 14 LYS n 
1 15 VAL n 
1 16 ALA n 
1 17 GLY n 
1 18 THR n 
1 19 TRP n 
1 20 TYR n 
1 21 SER n 
1 22 LEU n 
1 23 ALA n 
1 24 MET n 
1 25 ALA n 
1 26 ALA n 
1 27 SER n 
1 28 ASP n 
1 29 ILE n 
1 30 SER n 
1 31 LEU n 
1 32 LEU n 
1 33 ASP n 
1 34 ALA n 
# 
_entity_src_nat.entity_id                  1 
_entity_src_nat.pdbx_src_id                1 
_entity_src_nat.pdbx_alt_source_flag       sample 
_entity_src_nat.pdbx_beg_seq_num           1 
_entity_src_nat.pdbx_end_seq_num           34 
_entity_src_nat.common_name                'domestic cattle' 
_entity_src_nat.pdbx_organism_scientific   'Bos taurus' 
_entity_src_nat.pdbx_ncbi_taxonomy_id      9913 
_entity_src_nat.genus                      ? 
_entity_src_nat.species                    ? 
_entity_src_nat.strain                     ? 
_entity_src_nat.tissue                     ? 
_entity_src_nat.tissue_fraction            ? 
_entity_src_nat.pdbx_secretion             ? 
_entity_src_nat.pdbx_fragment              ? 
_entity_src_nat.pdbx_variant               ? 
_entity_src_nat.pdbx_cell_line             ? 
_entity_src_nat.pdbx_atcc                  ? 
_entity_src_nat.pdbx_cellular_location     ? 
_entity_src_nat.pdbx_organ                 ? 
_entity_src_nat.pdbx_organelle             ? 
_entity_src_nat.pdbx_cell                  ? 
_entity_src_nat.pdbx_plasmid_name          ? 
_entity_src_nat.pdbx_plasmid_details       ? 
_entity_src_nat.details                    ? 
# 
loop_
_chem_comp.id 
_chem_comp.type 
_chem_comp.mon_nstd_flag 
_chem_comp.name 
_chem_comp.pdbx_synonyms 
_chem_comp.formula 
_chem_comp.formula_weight 
ALA 'L-peptide linking' y ALANINE         ? 'C3 H7 N O2'     89.093  
ASP 'L-peptide linking' y 'ASPARTIC ACID' ? 'C4 H7 N O4'     133.103 
GLN 'L-peptide linking' y GLUTAMINE       ? 'C5 H10 N2 O3'   146.144 
GLY 'peptide linking'   y GLYCINE         ? 'C2 H5 N O2'     75.067  
ILE 'L-peptide linking' y ISOLEUCINE      ? 'C6 H13 N O2'    131.173 
LEU 'L-peptide linking' y LEUCINE         ? 'C6 H13 N O2'    131.173 
LYS 'L-peptide linking' y LYSINE          ? 'C6 H15 N2 O2 1' 147.195 
MET 'L-peptide linking' y METHIONINE      ? 'C5 H11 N O2 S'  149.211 
SER 'L-peptide linking' y SERINE          ? 'C3 H7 N O3'     105.093 
THR 'L-peptide linking' y THREONINE       ? 'C4 H9 N O3'     119.119 
TRP 'L-peptide linking' y TRYPTOPHAN      ? 'C11 H12 N2 O2'  204.225 
TYR 'L-peptide linking' y TYROSINE        ? 'C9 H11 N O3'    181.189 
VAL 'L-peptide linking' y VALINE          ? 'C5 H11 N O2'    117.146 
# 
loop_
_pdbx_poly_seq_scheme.asym_id 
_pdbx_poly_seq_scheme.entity_id 
_pdbx_poly_seq_scheme.seq_id 
_pdbx_poly_seq_scheme.mon_id 
_pdbx_poly_seq_scheme.ndb_seq_num 
_pdbx_poly_seq_scheme.pdb_seq_num 
_pdbx_poly_seq_scheme.auth_seq_num 
_pdbx_poly_seq_scheme.pdb_mon_id 
_pdbx_poly_seq_scheme.auth_mon_id 
_pdbx_poly_seq_scheme.pdb_strand_id 
_pdbx_poly_seq_scheme.pdb_ins_code 
_pdbx_poly_seq_scheme.hetero 
A 1 1  LEU 1  1  1  LEU LEU E . n 
A 1 2  ILE 2  2  2  ILE ILE E . n 
A 1 3  VAL 3  3  3  VAL VAL E . n 
A 1 4  THR 4  4  4  THR THR E . n 
A 1 5  GLN 5  5  5  GLN GLN E . n 
A 1 6  THR 6  6  6  THR THR E . n 
A 1 7  MET 7  7  7  MET MET E . n 
A 1 8  LYS 8  8  8  LYS LYS E . n 
A 1 9  GLY 9  9  9  GLY GLY E . n 
A 1 10 LEU 10 10 10 LEU LEU E . n 
A 1 11 ASP 11 11 11 ASP ASP E . n 
A 1 12 ILE 12 12 12 ILE ILE E . n 
A 1 13 GLN 13 13 13 GLN GLN E . n 
A 1 14 LYS 14 14 14 LYS LYS E . n 
A 1 15 VAL 15 15 15 VAL VAL E . n 
A 1 16 ALA 16 16 16 ALA ALA E . n 
A 1 17 GLY 17 17 17 GLY GLY E . n 
A 1 18 THR 18 18 18 THR THR E . n 
A 1 19 TRP 19 19 19 TRP TRP E . n 
A 1 20 TYR 20 20 20 TYR TYR E . n 
A 1 21 SER 21 21 21 SER SER E . n 
A 1 22 LEU 22 22 22 LEU LEU E . n 
A 1 23 ALA 23 23 23 ALA ALA E . n 
A 1 24 MET 24 24 24 MET MET E . n 
A 1 25 ALA 25 25 25 ALA ALA E . n 
A 1 26 ALA 26 26 26 ALA ALA E . n 
A 1 27 SER 27 27 27 SER SER E . n 
A 1 28 ASP 28 28 28 ASP ASP E . n 
A 1 29 ILE 29 29 29 ILE ILE E . n 
A 1 30 SER 30 30 30 SER SER E . n 
A 1 31 LEU 31 31 31 LEU LEU E . n 
A 1 32 LEU 32 32 32 LEU LEU E . n 
A 1 33 ASP 33 33 33 ASP ASP E . n 
A 1 34 ALA 34 34 34 ALA ALA E . n 
B 1 1  LEU 1  1  1  LEU LEU D . n 
B 1 2  ILE 2  2  2  ILE ILE D . n 
B 1 3  VAL 3  3  3  VAL VAL D . n 
B 1 4  THR 4  4  4  THR THR D . n 
B 1 5  GLN 5  5  5  GLN GLN D . n 
B 1 6  THR 6  6  6  THR THR D . n 
B 1 7  MET 7  7  7  MET MET D . n 
B 1 8  LYS 8  8  8  LYS LYS D . n 
B 1 9  GLY 9  9  9  GLY GLY D . n 
B 1 10 LEU 10 10 10 LEU LEU D . n 
B 1 11 ASP 11 11 11 ASP ASP D . n 
B 1 12 ILE 12 12 12 ILE ILE D . n 
B 1 13 GLN 13 13 13 GLN GLN D . n 
B 1 14 LYS 14 14 14 LYS LYS D . n 
B 1 15 VAL 15 15 15 VAL VAL D . n 
B 1 16 ALA 16 16 16 ALA ALA D . n 
B 1 17 GLY 17 17 17 GLY GLY D . n 
B 1 18 THR 18 18 18 THR THR D . n 
B 1 19 TRP 19 19 19 TRP TRP D . n 
B 1 20 TYR 20 20 20 TYR TYR D . n 
B 1 21 SER 21 21 21 SER SER D . n 
B 1 22 LEU 22 22 22 LEU LEU D . n 
B 1 23 ALA 23 23 23 ALA ALA D . n 
B 1 24 MET 24 24 24 MET MET D . n 
B 1 25 ALA 25 25 25 ALA ALA D . n 
B 1 26 ALA 26 26 26 ALA ALA D . n 
B 1 27 SER 27 27 27 SER SER D . n 
B 1 28 ASP 28 28 28 ASP ASP D . n 
B 1 29 ILE 29 29 29 ILE ILE D . n 
B 1 30 SER 30 30 30 SER SER D . n 
B 1 31 LEU 31 31 31 LEU LEU D . n 
B 1 32 LEU 32 32 32 LEU LEU D . n 
B 1 33 ASP 33 33 33 ASP ASP D . n 
B 1 34 ALA 34 34 34 ALA ALA D . n 
C 1 1  LEU 1  1  1  LEU LEU C . n 
C 1 2  ILE 2  2  2  ILE ILE C . n 
C 1 3  VAL 3  3  3  VAL VAL C . n 
C 1 4  THR 4  4  4  THR THR C . n 
C 1 5  GLN 5  5  5  GLN GLN C . n 
C 1 6  THR 6  6  6  THR THR C . n 
C 1 7  MET 7  7  7  MET MET C . n 
C 1 8  LYS 8  8  8  LYS LYS C . n 
C 1 9  GLY 9  9  9  GLY GLY C . n 
C 1 10 LEU 10 10 10 LEU LEU C . n 
C 1 11 ASP 11 11 11 ASP ASP C . n 
C 1 12 ILE 12 12 12 ILE ILE C . n 
C 1 13 GLN 13 13 13 GLN GLN C . n 
C 1 14 LYS 14 14 14 LYS LYS C . n 
C 1 15 VAL 15 15 15 VAL VAL C . n 
C 1 16 ALA 16 16 16 ALA ALA C . n 
C 1 17 GLY 17 17 17 GLY GLY C . n 
C 1 18 THR 18 18 18 THR THR C . n 
C 1 19 TRP 19 19 19 TRP TRP C . n 
C 1 20 TYR 20 20 20 TYR TYR C . n 
C 1 21 SER 21 21 21 SER SER C . n 
C 1 22 LEU 22 22 22 LEU LEU C . n 
C 1 23 ALA 23 23 23 ALA ALA C . n 
C 1 24 MET 24 24 24 MET MET C . n 
C 1 25 ALA 25 25 25 ALA ALA C . n 
C 1 26 ALA 26 26 26 ALA ALA C . n 
C 1 27 SER 27 27 27 SER SER C . n 
C 1 28 ASP 28 28 28 ASP ASP C . n 
C 1 29 ILE 29 29 29 ILE ILE C . n 
C 1 30 SER 30 30 30 SER SER C . n 
C 1 31 LEU 31 31 31 LEU LEU C . n 
C 1 32 LEU 32 32 32 LEU LEU C . n 
C 1 33 ASP 33 33 33 ASP ASP C . n 
C 1 34 ALA 34 34 34 ALA ALA C . n 
D 1 1  LEU 1  1  1  LEU LEU B . n 
D 1 2  ILE 2  2  2  ILE ILE B . n 
D 1 3  VAL 3  3  3  VAL VAL B . n 
D 1 4  THR 4  4  4  THR THR B . n 
D 1 5  GLN 5  5  5  GLN GLN B . n 
D 1 6  THR 6  6  6  THR THR B . n 
D 1 7  MET 7  7  7  MET MET B . n 
D 1 8  LYS 8  8  8  LYS LYS B . n 
D 1 9  GLY 9  9  9  GLY GLY B . n 
D 1 10 LEU 10 10 10 LEU LEU B . n 
D 1 11 ASP 11 11 11 ASP ASP B . n 
D 1 12 ILE 12 12 12 ILE ILE B . n 
D 1 13 GLN 13 13 13 GLN GLN B . n 
D 1 14 LYS 14 14 14 LYS LYS B . n 
D 1 15 VAL 15 15 15 VAL VAL B . n 
D 1 16 ALA 16 16 16 ALA ALA B . n 
D 1 17 GLY 17 17 17 GLY GLY B . n 
D 1 18 THR 18 18 18 THR THR B . n 
D 1 19 TRP 19 19 19 TRP TRP B . n 
D 1 20 TYR 20 20 20 TYR TYR B . n 
D 1 21 SER 21 21 21 SER SER B . n 
D 1 22 LEU 22 22 22 LEU LEU B . n 
D 1 23 ALA 23 23 23 ALA ALA B . n 
D 1 24 MET 24 24 24 MET MET B . n 
D 1 25 ALA 25 25 25 ALA ALA B . n 
D 1 26 ALA 26 26 26 ALA ALA B . n 
D 1 27 SER 27 27 27 SER SER B . n 
D 1 28 ASP 28 28 28 ASP ASP B . n 
D 1 29 ILE 29 29 29 ILE ILE B . n 
D 1 30 SER 30 30 30 SER SER B . n 
D 1 31 LEU 31 31 31 LEU LEU B . n 
D 1 32 LEU 32 32 32 LEU LEU B . n 
D 1 33 ASP 33 33 33 ASP ASP B . n 
D 1 34 ALA 34 34 34 ALA ALA B . n 
E 1 1  LEU 1  1  1  LEU LEU A . n 
E 1 2  ILE 2  2  2  ILE ILE A . n 
E 1 3  VAL 3  3  3  VAL VAL A . n 
E 1 4  THR 4  4  4  THR THR A . n 
E 1 5  GLN 5  5  5  GLN GLN A . n 
E 1 6  THR 6  6  6  THR THR A . n 
E 1 7  MET 7  7  7  MET MET A . n 
E 1 8  LYS 8  8  8  LYS LYS A . n 
E 1 9  GLY 9  9  9  GLY GLY A . n 
E 1 10 LEU 10 10 10 LEU LEU A . n 
E 1 11 ASP 11 11 11 ASP ASP A . n 
E 1 12 ILE 12 12 12 ILE ILE A . n 
E 1 13 GLN 13 13 13 GLN GLN A . n 
E 1 14 LYS 14 14 14 LYS LYS A . n 
E 1 15 VAL 15 15 15 VAL VAL A . n 
E 1 16 ALA 16 16 16 ALA ALA A . n 
E 1 17 GLY 17 17 17 GLY GLY A . n 
E 1 18 THR 18 18 18 THR THR A . n 
E 1 19 TRP 19 19 19 TRP TRP A . n 
E 1 20 TYR 20 20 20 TYR TYR A . n 
E 1 21 SER 21 21 21 SER SER A . n 
E 1 22 LEU 22 22 22 LEU LEU A . n 
E 1 23 ALA 23 23 23 ALA ALA A . n 
E 1 24 MET 24 24 24 MET MET A . n 
E 1 25 ALA 25 25 25 ALA ALA A . n 
E 1 26 ALA 26 26 26 ALA ALA A . n 
E 1 27 SER 27 27 27 SER SER A . n 
E 1 28 ASP 28 28 28 ASP ASP A . n 
E 1 29 ILE 29 29 29 ILE ILE A . n 
E 1 30 SER 30 30 30 SER SER A . n 
E 1 31 LEU 31 31 31 LEU LEU A . n 
E 1 32 LEU 32 32 32 LEU LEU A . n 
E 1 33 ASP 33 33 33 ASP ASP A . n 
E 1 34 ALA 34 34 34 ALA ALA A . n 
# 
_exptl.absorpt_coefficient_mu     ? 
_exptl.absorpt_correction_T_max   ? 
_exptl.absorpt_correction_T_min   ? 
_exptl.absorpt_correction_type    ? 
_exptl.absorpt_process_details    ? 
_exptl.entry_id                   9IAH 
_exptl.crystals_number            ? 
_exptl.details                    ? 
_exptl.method                     'ELECTRON MICROSCOPY' 
_exptl.method_details             ? 
# 
_struct.entry_id                     9IAH 
_struct.title                        'Structure of beta-lactoglobulin fibril' 
_struct.pdbx_model_details           ? 
_struct.pdbx_formula_weight          ? 
_struct.pdbx_formula_weight_method   ? 
_struct.pdbx_model_type_details      ? 
_struct.pdbx_CASP_flag               N 
# 
_struct_keywords.entry_id        9IAH 
_struct_keywords.text            
'Whey protein, Nutrient transport, Amyloid fibrillation, Cross-beta structure, Nanomaterial, BIOSYNTHETIC PROTEIN' 
_struct_keywords.pdbx_keywords   'BIOSYNTHETIC PROTEIN' 
# 
loop_
_struct_asym.id 
_struct_asym.pdbx_blank_PDB_chainid_flag 
_struct_asym.pdbx_modified 
_struct_asym.entity_id 
_struct_asym.details 
A N N 1 ? 
B N N 1 ? 
C N N 1 ? 
D N N 1 ? 
E N N 1 ? 
# 
_struct_ref.id                         1 
_struct_ref.db_name                    UNP 
_struct_ref.db_code                    LACB_BOVIN 
_struct_ref.pdbx_db_accession          P02754 
_struct_ref.pdbx_db_isoform            ? 
_struct_ref.entity_id                  1 
_struct_ref.pdbx_seq_one_letter_code   LIVTQTMKGLDIQKVAGTWYSLAMAASDISLLDA 
_struct_ref.pdbx_align_begin           17 
# 
loop_
_struct_ref_seq.align_id 
_struct_ref_seq.ref_id 
_struct_ref_seq.pdbx_PDB_id_code 
_struct_ref_seq.pdbx_strand_id 
_struct_ref_seq.seq_align_beg 
_struct_ref_seq.pdbx_seq_align_beg_ins_code 
_struct_ref_seq.seq_align_end 
_struct_ref_seq.pdbx_seq_align_end_ins_code 
_struct_ref_seq.pdbx_db_accession 
_struct_ref_seq.db_align_beg 
_struct_ref_seq.pdbx_db_align_beg_ins_code 
_struct_ref_seq.db_align_end 
_struct_ref_seq.pdbx_db_align_end_ins_code 
_struct_ref_seq.pdbx_auth_seq_align_beg 
_struct_ref_seq.pdbx_auth_seq_align_end 
1 1 9IAH E 1 ? 34 ? P02754 17 ? 50 ? 1 34 
2 1 9IAH D 1 ? 34 ? P02754 17 ? 50 ? 1 34 
3 1 9IAH C 1 ? 34 ? P02754 17 ? 50 ? 1 34 
4 1 9IAH B 1 ? 34 ? P02754 17 ? 50 ? 1 34 
5 1 9IAH A 1 ? 34 ? P02754 17 ? 50 ? 1 34 
# 
_pdbx_struct_assembly.id                   1 
_pdbx_struct_assembly.details              author_and_software_defined_assembly 
_pdbx_struct_assembly.method_details       ? 
_pdbx_struct_assembly.oligomeric_details   pentameric 
_pdbx_struct_assembly.oligomeric_count     5 
# 
_pdbx_struct_assembly_gen.assembly_id       1 
_pdbx_struct_assembly_gen.oper_expression   1 
_pdbx_struct_assembly_gen.asym_id_list      A,B,C,D,E 
# 
_pdbx_struct_assembly_auth_evidence.id                     1 
_pdbx_struct_assembly_auth_evidence.assembly_id            1 
_pdbx_struct_assembly_auth_evidence.experimental_support   'electron microscopy' 
_pdbx_struct_assembly_auth_evidence.details                'not applicable' 
# 
_pdbx_struct_oper_list.id                   1 
_pdbx_struct_oper_list.type                 'identity operation' 
_pdbx_struct_oper_list.name                 1_555 
_pdbx_struct_oper_list.symmetry_operation   x,y,z 
_pdbx_struct_oper_list.matrix[1][1]         1.0 
_pdbx_struct_oper_list.matrix[1][2]         0.0 
_pdbx_struct_oper_list.matrix[1][3]         0.0 
_pdbx_struct_oper_list.vector[1]            0.0 
_pdbx_struct_oper_list.matrix[2][1]         0.0 
_pdbx_struct_oper_list.matrix[2][2]         1.0 
_pdbx_struct_oper_list.matrix[2][3]         0.0 
_pdbx_struct_oper_list.vector[2]            0.0 
_pdbx_struct_oper_list.matrix[3][1]         0.0 
_pdbx_struct_oper_list.matrix[3][2]         0.0 
_pdbx_struct_oper_list.matrix[3][3]         1.0 
_pdbx_struct_oper_list.vector[3]            0.0 
# 
loop_
_struct_sheet.id 
_struct_sheet.type 
_struct_sheet.number_strands 
_struct_sheet.details 
AA1 ? 5 ? 
AA2 ? 5 ? 
AA3 ? 5 ? 
AA4 ? 5 ? 
AA5 ? 5 ? 
# 
loop_
_struct_sheet_order.sheet_id 
_struct_sheet_order.range_id_1 
_struct_sheet_order.range_id_2 
_struct_sheet_order.offset 
_struct_sheet_order.sense 
AA1 1 2 ? parallel 
AA1 2 3 ? parallel 
AA1 3 4 ? parallel 
AA1 4 5 ? parallel 
AA2 1 2 ? parallel 
AA2 2 3 ? parallel 
AA2 3 4 ? parallel 
AA2 4 5 ? parallel 
AA3 1 2 ? parallel 
AA3 2 3 ? parallel 
AA3 3 4 ? parallel 
AA3 4 5 ? parallel 
AA4 1 2 ? parallel 
AA4 2 3 ? parallel 
AA4 3 4 ? parallel 
AA4 4 5 ? parallel 
AA5 1 2 ? parallel 
AA5 2 3 ? parallel 
AA5 3 4 ? parallel 
AA5 4 5 ? parallel 
# 
loop_
_struct_sheet_range.sheet_id 
_struct_sheet_range.id 
_struct_sheet_range.beg_label_comp_id 
_struct_sheet_range.beg_label_asym_id 
_struct_sheet_range.beg_label_seq_id 
_struct_sheet_range.pdbx_beg_PDB_ins_code 
_struct_sheet_range.end_label_comp_id 
_struct_sheet_range.end_label_asym_id 
_struct_sheet_range.end_label_seq_id 
_struct_sheet_range.pdbx_end_PDB_ins_code 
_struct_sheet_range.beg_auth_comp_id 
_struct_sheet_range.beg_auth_asym_id 
_struct_sheet_range.beg_auth_seq_id 
_struct_sheet_range.end_auth_comp_id 
_struct_sheet_range.end_auth_asym_id 
_struct_sheet_range.end_auth_seq_id 
AA1 1 ILE A 2  ? LYS A 8  ? ILE E 2  LYS E 8  
AA1 2 ILE B 2  ? LYS B 8  ? ILE D 2  LYS D 8  
AA1 3 ILE C 2  ? LYS C 8  ? ILE C 2  LYS C 8  
AA1 4 ILE D 2  ? LYS D 8  ? ILE B 2  LYS B 8  
AA1 5 ILE E 2  ? LYS E 8  ? ILE A 2  LYS A 8  
AA2 1 ASP A 11 ? GLN A 13 ? ASP E 11 GLN E 13 
AA2 2 ASP B 11 ? GLN B 13 ? ASP D 11 GLN D 13 
AA2 3 ASP C 11 ? GLN C 13 ? ASP C 11 GLN C 13 
AA2 4 ASP D 11 ? GLN D 13 ? ASP B 11 GLN B 13 
AA2 5 ASP E 11 ? GLN E 13 ? ASP A 11 GLN A 13 
AA3 1 THR A 18 ? TRP A 19 ? THR E 18 TRP E 19 
AA3 2 THR B 18 ? TRP B 19 ? THR D 18 TRP D 19 
AA3 3 THR C 18 ? TRP C 19 ? THR C 18 TRP C 19 
AA3 4 THR D 18 ? TRP D 19 ? THR B 18 TRP B 19 
AA3 5 THR E 18 ? TRP E 19 ? THR A 18 TRP A 19 
AA4 1 ALA A 23 ? ALA A 25 ? ALA E 23 ALA E 25 
AA4 2 ALA B 23 ? ALA B 25 ? ALA D 23 ALA D 25 
AA4 3 ALA C 23 ? ALA C 25 ? ALA C 23 ALA C 25 
AA4 4 ALA D 23 ? ALA D 25 ? ALA B 23 ALA B 25 
AA4 5 ALA E 23 ? ALA E 25 ? ALA A 23 ALA A 25 
AA5 1 ASP A 28 ? ASP A 33 ? ASP E 28 ASP E 33 
AA5 2 ASP B 28 ? ASP B 33 ? ASP D 28 ASP D 33 
AA5 3 ASP C 28 ? ASP C 33 ? ASP C 28 ASP C 33 
AA5 4 ASP D 28 ? ASP D 33 ? ASP B 28 ASP B 33 
AA5 5 ASP E 28 ? ASP E 33 ? ASP A 28 ASP A 33 
# 
loop_
_pdbx_struct_sheet_hbond.sheet_id 
_pdbx_struct_sheet_hbond.range_id_1 
_pdbx_struct_sheet_hbond.range_id_2 
_pdbx_struct_sheet_hbond.range_1_label_atom_id 
_pdbx_struct_sheet_hbond.range_1_label_comp_id 
_pdbx_struct_sheet_hbond.range_1_label_asym_id 
_pdbx_struct_sheet_hbond.range_1_label_seq_id 
_pdbx_struct_sheet_hbond.range_1_PDB_ins_code 
_pdbx_struct_sheet_hbond.range_1_auth_atom_id 
_pdbx_struct_sheet_hbond.range_1_auth_comp_id 
_pdbx_struct_sheet_hbond.range_1_auth_asym_id 
_pdbx_struct_sheet_hbond.range_1_auth_seq_id 
_pdbx_struct_sheet_hbond.range_2_label_atom_id 
_pdbx_struct_sheet_hbond.range_2_label_comp_id 
_pdbx_struct_sheet_hbond.range_2_label_asym_id 
_pdbx_struct_sheet_hbond.range_2_label_seq_id 
_pdbx_struct_sheet_hbond.range_2_PDB_ins_code 
_pdbx_struct_sheet_hbond.range_2_auth_atom_id 
_pdbx_struct_sheet_hbond.range_2_auth_comp_id 
_pdbx_struct_sheet_hbond.range_2_auth_asym_id 
_pdbx_struct_sheet_hbond.range_2_auth_seq_id 
AA1 1 2 N THR A 4  ? N THR E 4  O GLN B 5  ? O GLN D 5  
AA1 2 3 N THR B 4  ? N THR D 4  O GLN C 5  ? O GLN C 5  
AA1 3 4 N ILE C 2  ? N ILE C 2  O VAL D 3  ? O VAL B 3  
AA1 4 5 N THR D 4  ? N THR B 4  O GLN E 5  ? O GLN A 5  
AA2 1 2 N ASP A 11 ? N ASP E 11 O ILE B 12 ? O ILE D 12 
AA2 2 3 N ASP B 11 ? N ASP D 11 O ILE C 12 ? O ILE C 12 
AA2 3 4 N ASP C 11 ? N ASP C 11 O ILE D 12 ? O ILE B 12 
AA2 4 5 N ASP D 11 ? N ASP B 11 O ILE E 12 ? O ILE A 12 
AA3 1 2 N THR A 18 ? N THR E 18 O TRP B 19 ? O TRP D 19 
AA3 2 3 N THR B 18 ? N THR D 18 O TRP C 19 ? O TRP C 19 
AA3 3 4 N THR C 18 ? N THR C 18 O TRP D 19 ? O TRP B 19 
AA3 4 5 N THR D 18 ? N THR B 18 O TRP E 19 ? O TRP A 19 
AA4 1 2 N MET A 24 ? N MET E 24 O ALA B 23 ? O ALA D 23 
AA4 2 3 N MET B 24 ? N MET D 24 O ALA C 23 ? O ALA C 23 
AA4 3 4 N MET C 24 ? N MET C 24 O ALA D 23 ? O ALA B 23 
AA4 4 5 N MET D 24 ? N MET B 24 O ALA E 23 ? O ALA A 23 
AA5 1 2 N LEU A 31 ? N LEU E 31 O LEU B 32 ? O LEU D 32 
AA5 2 3 N LEU B 31 ? N LEU D 31 O LEU C 32 ? O LEU C 32 
AA5 3 4 N LEU C 31 ? N LEU C 31 O LEU D 32 ? O LEU B 32 
AA5 4 5 N LEU D 31 ? N LEU B 31 O LEU E 32 ? O LEU A 32 
# 
_pdbx_entry_details.entry_id                   9IAH 
_pdbx_entry_details.nonpolymer_details         ? 
_pdbx_entry_details.sequence_details           ? 
_pdbx_entry_details.compound_details           ? 
_pdbx_entry_details.source_details             ? 
_pdbx_entry_details.has_ligand_of_interest     ? 
_pdbx_entry_details.has_protein_modification   N 
# 
_em_3d_fitting.id                1 
_em_3d_fitting.entry_id          9IAH 
_em_3d_fitting.method            ? 
_em_3d_fitting.target_criteria   ? 
_em_3d_fitting.details           ? 
_em_3d_fitting.overall_b_value   ? 
_em_3d_fitting.ref_space         ? 
_em_3d_fitting.ref_protocol      ? 
# 
_em_3d_reconstruction.entry_id                    9IAH 
_em_3d_reconstruction.id                          1 
_em_3d_reconstruction.method                      ? 
_em_3d_reconstruction.algorithm                   ? 
_em_3d_reconstruction.citation_id                 ? 
_em_3d_reconstruction.details                     ? 
_em_3d_reconstruction.resolution                  3.17 
_em_3d_reconstruction.resolution_method           'FSC 0.143 CUT-OFF' 
_em_3d_reconstruction.magnification_calibration   ? 
_em_3d_reconstruction.nominal_pixel_size          ? 
_em_3d_reconstruction.actual_pixel_size           ? 
_em_3d_reconstruction.num_particles               67843 
_em_3d_reconstruction.euler_angles_details        ? 
_em_3d_reconstruction.num_class_averages          ? 
_em_3d_reconstruction.refinement_type             ? 
_em_3d_reconstruction.image_processing_id         1 
_em_3d_reconstruction.symmetry_type               HELICAL 
# 
_em_buffer.id            1 
_em_buffer.specimen_id   1 
_em_buffer.name          ? 
_em_buffer.details       ? 
_em_buffer.pH            2.5 
# 
_em_entity_assembly.id                   1 
_em_entity_assembly.parent_id            0 
_em_entity_assembly.source               NATURAL 
_em_entity_assembly.type                 COMPLEX 
_em_entity_assembly.name                 'Beta-lactoglobulin fibril' 
_em_entity_assembly.details              ? 
_em_entity_assembly.synonym              ? 
_em_entity_assembly.oligomeric_details   ? 
_em_entity_assembly.entity_id_list       1 
# 
_em_image_scans.entry_id                9IAH 
_em_image_scans.id                      1 
_em_image_scans.number_digital_images   ? 
_em_image_scans.details                 ? 
_em_image_scans.scanner_model           ? 
_em_image_scans.sampling_size           ? 
_em_image_scans.od_range                ? 
_em_image_scans.quant_bit_size          ? 
_em_image_scans.citation_id             ? 
_em_image_scans.dimension_height        4092 
_em_image_scans.dimension_width         5760 
_em_image_scans.frames_per_image        ? 
_em_image_scans.image_recording_id      1 
_em_image_scans.used_frames_per_image   ? 
# 
_em_imaging.entry_id                        9IAH 
_em_imaging.id                              1 
_em_imaging.astigmatism                     ? 
_em_imaging.electron_beam_tilt_params       ? 
_em_imaging.residual_tilt                   ? 
_em_imaging.microscope_model                'TFS KRIOS' 
_em_imaging.specimen_holder_type            ? 
_em_imaging.specimen_holder_model           'FEI TITAN KRIOS AUTOGRID HOLDER' 
_em_imaging.details                         ? 
_em_imaging.date                            ? 
_em_imaging.accelerating_voltage            300 
_em_imaging.illumination_mode               'FLOOD BEAM' 
_em_imaging.mode                            'BRIGHT FIELD' 
_em_imaging.nominal_cs                      2.7 
_em_imaging.nominal_defocus_min             500 
_em_imaging.nominal_defocus_max             2500 
_em_imaging.calibrated_defocus_min          500 
_em_imaging.calibrated_defocus_max          2500 
_em_imaging.tilt_angle_min                  ? 
_em_imaging.tilt_angle_max                  ? 
_em_imaging.nominal_magnification           130000 
_em_imaging.calibrated_magnification        ? 
_em_imaging.electron_source                 'FIELD EMISSION GUN' 
_em_imaging.citation_id                     ? 
_em_imaging.temperature                     ? 
_em_imaging.detector_distance               ? 
_em_imaging.recording_temperature_minimum   88.15 
_em_imaging.recording_temperature_maximum   93.15 
_em_imaging.alignment_procedure             'COMA FREE' 
_em_imaging.c2_aperture_diameter            100 
_em_imaging.specimen_id                     1 
_em_imaging.cryogen                         NITROGEN 
# 
_em_sample_support.id               1 
_em_sample_support.film_material    ? 
_em_sample_support.method           ? 
_em_sample_support.grid_material    COPPER 
_em_sample_support.grid_mesh_size   300 
_em_sample_support.grid_type        'Quantifoil R1.2/1.3' 
_em_sample_support.details          'PELCO easiGLOW Glow discharge cleaning system using 25 mA for 30 s.' 
_em_sample_support.specimen_id      1 
_em_sample_support.citation_id      ? 
# 
_em_vitrification.entry_id              9IAH 
_em_vitrification.id                    1 
_em_vitrification.specimen_id           1 
_em_vitrification.cryogen_name          ETHANE-PROPANE 
_em_vitrification.humidity              100 
_em_vitrification.temp                  ? 
_em_vitrification.chamber_temperature   295.15 
_em_vitrification.instrument            'FEI VITROBOT MARK IV' 
_em_vitrification.method                ? 
_em_vitrification.time_resolved_state   ? 
_em_vitrification.citation_id           ? 
_em_vitrification.details               '3.7 ul sample was applied and blotted for 6 s after a wait time of 30 s with a force of 0' 
# 
_em_experiment.entry_id                9IAH 
_em_experiment.id                      1 
_em_experiment.reconstruction_method   HELICAL 
_em_experiment.aggregation_state       FILAMENT 
_em_experiment.entity_assembly_id      1 
# 
loop_
_chem_comp_atom.comp_id 
_chem_comp_atom.atom_id 
_chem_comp_atom.type_symbol 
_chem_comp_atom.pdbx_aromatic_flag 
_chem_comp_atom.pdbx_stereo_config 
_chem_comp_atom.pdbx_ordinal 
ALA N    N N N 1   
ALA CA   C N S 2   
ALA C    C N N 3   
ALA O    O N N 4   
ALA CB   C N N 5   
ALA OXT  O N N 6   
ALA H    H N N 7   
ALA H2   H N N 8   
ALA HA   H N N 9   
ALA HB1  H N N 10  
ALA HB2  H N N 11  
ALA HB3  H N N 12  
ALA HXT  H N N 13  
ASP N    N N N 14  
ASP CA   C N S 15  
ASP C    C N N 16  
ASP O    O N N 17  
ASP CB   C N N 18  
ASP CG   C N N 19  
ASP OD1  O N N 20  
ASP OD2  O N N 21  
ASP OXT  O N N 22  
ASP H    H N N 23  
ASP H2   H N N 24  
ASP HA   H N N 25  
ASP HB2  H N N 26  
ASP HB3  H N N 27  
ASP HD2  H N N 28  
ASP HXT  H N N 29  
GLN N    N N N 30  
GLN CA   C N S 31  
GLN C    C N N 32  
GLN O    O N N 33  
GLN CB   C N N 34  
GLN CG   C N N 35  
GLN CD   C N N 36  
GLN OE1  O N N 37  
GLN NE2  N N N 38  
GLN OXT  O N N 39  
GLN H    H N N 40  
GLN H2   H N N 41  
GLN HA   H N N 42  
GLN HB2  H N N 43  
GLN HB3  H N N 44  
GLN HG2  H N N 45  
GLN HG3  H N N 46  
GLN HE21 H N N 47  
GLN HE22 H N N 48  
GLN HXT  H N N 49  
GLY N    N N N 50  
GLY CA   C N N 51  
GLY C    C N N 52  
GLY O    O N N 53  
GLY OXT  O N N 54  
GLY H    H N N 55  
GLY H2   H N N 56  
GLY HA2  H N N 57  
GLY HA3  H N N 58  
GLY HXT  H N N 59  
ILE N    N N N 60  
ILE CA   C N S 61  
ILE C    C N N 62  
ILE O    O N N 63  
ILE CB   C N S 64  
ILE CG1  C N N 65  
ILE CG2  C N N 66  
ILE CD1  C N N 67  
ILE OXT  O N N 68  
ILE H    H N N 69  
ILE H2   H N N 70  
ILE HA   H N N 71  
ILE HB   H N N 72  
ILE HG12 H N N 73  
ILE HG13 H N N 74  
ILE HG21 H N N 75  
ILE HG22 H N N 76  
ILE HG23 H N N 77  
ILE HD11 H N N 78  
ILE HD12 H N N 79  
ILE HD13 H N N 80  
ILE HXT  H N N 81  
LEU N    N N N 82  
LEU CA   C N S 83  
LEU C    C N N 84  
LEU O    O N N 85  
LEU CB   C N N 86  
LEU CG   C N N 87  
LEU CD1  C N N 88  
LEU CD2  C N N 89  
LEU OXT  O N N 90  
LEU H    H N N 91  
LEU H2   H N N 92  
LEU HA   H N N 93  
LEU HB2  H N N 94  
LEU HB3  H N N 95  
LEU HG   H N N 96  
LEU HD11 H N N 97  
LEU HD12 H N N 98  
LEU HD13 H N N 99  
LEU HD21 H N N 100 
LEU HD22 H N N 101 
LEU HD23 H N N 102 
LEU HXT  H N N 103 
LYS N    N N N 104 
LYS CA   C N S 105 
LYS C    C N N 106 
LYS O    O N N 107 
LYS CB   C N N 108 
LYS CG   C N N 109 
LYS CD   C N N 110 
LYS CE   C N N 111 
LYS NZ   N N N 112 
LYS OXT  O N N 113 
LYS H    H N N 114 
LYS H2   H N N 115 
LYS HA   H N N 116 
LYS HB2  H N N 117 
LYS HB3  H N N 118 
LYS HG2  H N N 119 
LYS HG3  H N N 120 
LYS HD2  H N N 121 
LYS HD3  H N N 122 
LYS HE2  H N N 123 
LYS HE3  H N N 124 
LYS HZ1  H N N 125 
LYS HZ2  H N N 126 
LYS HZ3  H N N 127 
LYS HXT  H N N 128 
MET N    N N N 129 
MET CA   C N S 130 
MET C    C N N 131 
MET O    O N N 132 
MET CB   C N N 133 
MET CG   C N N 134 
MET SD   S N N 135 
MET CE   C N N 136 
MET OXT  O N N 137 
MET H    H N N 138 
MET H2   H N N 139 
MET HA   H N N 140 
MET HB2  H N N 141 
MET HB3  H N N 142 
MET HG2  H N N 143 
MET HG3  H N N 144 
MET HE1  H N N 145 
MET HE2  H N N 146 
MET HE3  H N N 147 
MET HXT  H N N 148 
SER N    N N N 149 
SER CA   C N S 150 
SER C    C N N 151 
SER O    O N N 152 
SER CB   C N N 153 
SER OG   O N N 154 
SER OXT  O N N 155 
SER H    H N N 156 
SER H2   H N N 157 
SER HA   H N N 158 
SER HB2  H N N 159 
SER HB3  H N N 160 
SER HG   H N N 161 
SER HXT  H N N 162 
THR N    N N N 163 
THR CA   C N S 164 
THR C    C N N 165 
THR O    O N N 166 
THR CB   C N R 167 
THR OG1  O N N 168 
THR CG2  C N N 169 
THR OXT  O N N 170 
THR H    H N N 171 
THR H2   H N N 172 
THR HA   H N N 173 
THR HB   H N N 174 
THR HG1  H N N 175 
THR HG21 H N N 176 
THR HG22 H N N 177 
THR HG23 H N N 178 
THR HXT  H N N 179 
TRP N    N N N 180 
TRP CA   C N S 181 
TRP C    C N N 182 
TRP O    O N N 183 
TRP CB   C N N 184 
TRP CG   C Y N 185 
TRP CD1  C Y N 186 
TRP CD2  C Y N 187 
TRP NE1  N Y N 188 
TRP CE2  C Y N 189 
TRP CE3  C Y N 190 
TRP CZ2  C Y N 191 
TRP CZ3  C Y N 192 
TRP CH2  C Y N 193 
TRP OXT  O N N 194 
TRP H    H N N 195 
TRP H2   H N N 196 
TRP HA   H N N 197 
TRP HB2  H N N 198 
TRP HB3  H N N 199 
TRP HD1  H N N 200 
TRP HE1  H N N 201 
TRP HE3  H N N 202 
TRP HZ2  H N N 203 
TRP HZ3  H N N 204 
TRP HH2  H N N 205 
TRP HXT  H N N 206 
TYR N    N N N 207 
TYR CA   C N S 208 
TYR C    C N N 209 
TYR O    O N N 210 
TYR CB   C N N 211 
TYR CG   C Y N 212 
TYR CD1  C Y N 213 
TYR CD2  C Y N 214 
TYR CE1  C Y N 215 
TYR CE2  C Y N 216 
TYR CZ   C Y N 217 
TYR OH   O N N 218 
TYR OXT  O N N 219 
TYR H    H N N 220 
TYR H2   H N N 221 
TYR HA   H N N 222 
TYR HB2  H N N 223 
TYR HB3  H N N 224 
TYR HD1  H N N 225 
TYR HD2  H N N 226 
TYR HE1  H N N 227 
TYR HE2  H N N 228 
TYR HH   H N N 229 
TYR HXT  H N N 230 
VAL N    N N N 231 
VAL CA   C N S 232 
VAL C    C N N 233 
VAL O    O N N 234 
VAL CB   C N N 235 
VAL CG1  C N N 236 
VAL CG2  C N N 237 
VAL OXT  O N N 238 
VAL H    H N N 239 
VAL H2   H N N 240 
VAL HA   H N N 241 
VAL HB   H N N 242 
VAL HG11 H N N 243 
VAL HG12 H N N 244 
VAL HG13 H N N 245 
VAL HG21 H N N 246 
VAL HG22 H N N 247 
VAL HG23 H N N 248 
VAL HXT  H N N 249 
# 
loop_
_chem_comp_bond.comp_id 
_chem_comp_bond.atom_id_1 
_chem_comp_bond.atom_id_2 
_chem_comp_bond.value_order 
_chem_comp_bond.pdbx_aromatic_flag 
_chem_comp_bond.pdbx_stereo_config 
_chem_comp_bond.pdbx_ordinal 
ALA N   CA   sing N N 1   
ALA N   H    sing N N 2   
ALA N   H2   sing N N 3   
ALA CA  C    sing N N 4   
ALA CA  CB   sing N N 5   
ALA CA  HA   sing N N 6   
ALA C   O    doub N N 7   
ALA C   OXT  sing N N 8   
ALA CB  HB1  sing N N 9   
ALA CB  HB2  sing N N 10  
ALA CB  HB3  sing N N 11  
ALA OXT HXT  sing N N 12  
ASP N   CA   sing N N 13  
ASP N   H    sing N N 14  
ASP N   H2   sing N N 15  
ASP CA  C    sing N N 16  
ASP CA  CB   sing N N 17  
ASP CA  HA   sing N N 18  
ASP C   O    doub N N 19  
ASP C   OXT  sing N N 20  
ASP CB  CG   sing N N 21  
ASP CB  HB2  sing N N 22  
ASP CB  HB3  sing N N 23  
ASP CG  OD1  doub N N 24  
ASP CG  OD2  sing N N 25  
ASP OD2 HD2  sing N N 26  
ASP OXT HXT  sing N N 27  
GLN N   CA   sing N N 28  
GLN N   H    sing N N 29  
GLN N   H2   sing N N 30  
GLN CA  C    sing N N 31  
GLN CA  CB   sing N N 32  
GLN CA  HA   sing N N 33  
GLN C   O    doub N N 34  
GLN C   OXT  sing N N 35  
GLN CB  CG   sing N N 36  
GLN CB  HB2  sing N N 37  
GLN CB  HB3  sing N N 38  
GLN CG  CD   sing N N 39  
GLN CG  HG2  sing N N 40  
GLN CG  HG3  sing N N 41  
GLN CD  OE1  doub N N 42  
GLN CD  NE2  sing N N 43  
GLN NE2 HE21 sing N N 44  
GLN NE2 HE22 sing N N 45  
GLN OXT HXT  sing N N 46  
GLY N   CA   sing N N 47  
GLY N   H    sing N N 48  
GLY N   H2   sing N N 49  
GLY CA  C    sing N N 50  
GLY CA  HA2  sing N N 51  
GLY CA  HA3  sing N N 52  
GLY C   O    doub N N 53  
GLY C   OXT  sing N N 54  
GLY OXT HXT  sing N N 55  
ILE N   CA   sing N N 56  
ILE N   H    sing N N 57  
ILE N   H2   sing N N 58  
ILE CA  C    sing N N 59  
ILE CA  CB   sing N N 60  
ILE CA  HA   sing N N 61  
ILE C   O    doub N N 62  
ILE C   OXT  sing N N 63  
ILE CB  CG1  sing N N 64  
ILE CB  CG2  sing N N 65  
ILE CB  HB   sing N N 66  
ILE CG1 CD1  sing N N 67  
ILE CG1 HG12 sing N N 68  
ILE CG1 HG13 sing N N 69  
ILE CG2 HG21 sing N N 70  
ILE CG2 HG22 sing N N 71  
ILE CG2 HG23 sing N N 72  
ILE CD1 HD11 sing N N 73  
ILE CD1 HD12 sing N N 74  
ILE CD1 HD13 sing N N 75  
ILE OXT HXT  sing N N 76  
LEU N   CA   sing N N 77  
LEU N   H    sing N N 78  
LEU N   H2   sing N N 79  
LEU CA  C    sing N N 80  
LEU CA  CB   sing N N 81  
LEU CA  HA   sing N N 82  
LEU C   O    doub N N 83  
LEU C   OXT  sing N N 84  
LEU CB  CG   sing N N 85  
LEU CB  HB2  sing N N 86  
LEU CB  HB3  sing N N 87  
LEU CG  CD1  sing N N 88  
LEU CG  CD2  sing N N 89  
LEU CG  HG   sing N N 90  
LEU CD1 HD11 sing N N 91  
LEU CD1 HD12 sing N N 92  
LEU CD1 HD13 sing N N 93  
LEU CD2 HD21 sing N N 94  
LEU CD2 HD22 sing N N 95  
LEU CD2 HD23 sing N N 96  
LEU OXT HXT  sing N N 97  
LYS N   CA   sing N N 98  
LYS N   H    sing N N 99  
LYS N   H2   sing N N 100 
LYS CA  C    sing N N 101 
LYS CA  CB   sing N N 102 
LYS CA  HA   sing N N 103 
LYS C   O    doub N N 104 
LYS C   OXT  sing N N 105 
LYS CB  CG   sing N N 106 
LYS CB  HB2  sing N N 107 
LYS CB  HB3  sing N N 108 
LYS CG  CD   sing N N 109 
LYS CG  HG2  sing N N 110 
LYS CG  HG3  sing N N 111 
LYS CD  CE   sing N N 112 
LYS CD  HD2  sing N N 113 
LYS CD  HD3  sing N N 114 
LYS CE  NZ   sing N N 115 
LYS CE  HE2  sing N N 116 
LYS CE  HE3  sing N N 117 
LYS NZ  HZ1  sing N N 118 
LYS NZ  HZ2  sing N N 119 
LYS NZ  HZ3  sing N N 120 
LYS OXT HXT  sing N N 121 
MET N   CA   sing N N 122 
MET N   H    sing N N 123 
MET N   H2   sing N N 124 
MET CA  C    sing N N 125 
MET CA  CB   sing N N 126 
MET CA  HA   sing N N 127 
MET C   O    doub N N 128 
MET C   OXT  sing N N 129 
MET CB  CG   sing N N 130 
MET CB  HB2  sing N N 131 
MET CB  HB3  sing N N 132 
MET CG  SD   sing N N 133 
MET CG  HG2  sing N N 134 
MET CG  HG3  sing N N 135 
MET SD  CE   sing N N 136 
MET CE  HE1  sing N N 137 
MET CE  HE2  sing N N 138 
MET CE  HE3  sing N N 139 
MET OXT HXT  sing N N 140 
SER N   CA   sing N N 141 
SER N   H    sing N N 142 
SER N   H2   sing N N 143 
SER CA  C    sing N N 144 
SER CA  CB   sing N N 145 
SER CA  HA   sing N N 146 
SER C   O    doub N N 147 
SER C   OXT  sing N N 148 
SER CB  OG   sing N N 149 
SER CB  HB2  sing N N 150 
SER CB  HB3  sing N N 151 
SER OG  HG   sing N N 152 
SER OXT HXT  sing N N 153 
THR N   CA   sing N N 154 
THR N   H    sing N N 155 
THR N   H2   sing N N 156 
THR CA  C    sing N N 157 
THR CA  CB   sing N N 158 
THR CA  HA   sing N N 159 
THR C   O    doub N N 160 
THR C   OXT  sing N N 161 
THR CB  OG1  sing N N 162 
THR CB  CG2  sing N N 163 
THR CB  HB   sing N N 164 
THR OG1 HG1  sing N N 165 
THR CG2 HG21 sing N N 166 
THR CG2 HG22 sing N N 167 
THR CG2 HG23 sing N N 168 
THR OXT HXT  sing N N 169 
TRP N   CA   sing N N 170 
TRP N   H    sing N N 171 
TRP N   H2   sing N N 172 
TRP CA  C    sing N N 173 
TRP CA  CB   sing N N 174 
TRP CA  HA   sing N N 175 
TRP C   O    doub N N 176 
TRP C   OXT  sing N N 177 
TRP CB  CG   sing N N 178 
TRP CB  HB2  sing N N 179 
TRP CB  HB3  sing N N 180 
TRP CG  CD1  doub Y N 181 
TRP CG  CD2  sing Y N 182 
TRP CD1 NE1  sing Y N 183 
TRP CD1 HD1  sing N N 184 
TRP CD2 CE2  doub Y N 185 
TRP CD2 CE3  sing Y N 186 
TRP NE1 CE2  sing Y N 187 
TRP NE1 HE1  sing N N 188 
TRP CE2 CZ2  sing Y N 189 
TRP CE3 CZ3  doub Y N 190 
TRP CE3 HE3  sing N N 191 
TRP CZ2 CH2  doub Y N 192 
TRP CZ2 HZ2  sing N N 193 
TRP CZ3 CH2  sing Y N 194 
TRP CZ3 HZ3  sing N N 195 
TRP CH2 HH2  sing N N 196 
TRP OXT HXT  sing N N 197 
TYR N   CA   sing N N 198 
TYR N   H    sing N N 199 
TYR N   H2   sing N N 200 
TYR CA  C    sing N N 201 
TYR CA  CB   sing N N 202 
TYR CA  HA   sing N N 203 
TYR C   O    doub N N 204 
TYR C   OXT  sing N N 205 
TYR CB  CG   sing N N 206 
TYR CB  HB2  sing N N 207 
TYR CB  HB3  sing N N 208 
TYR CG  CD1  doub Y N 209 
TYR CG  CD2  sing Y N 210 
TYR CD1 CE1  sing Y N 211 
TYR CD1 HD1  sing N N 212 
TYR CD2 CE2  doub Y N 213 
TYR CD2 HD2  sing N N 214 
TYR CE1 CZ   doub Y N 215 
TYR CE1 HE1  sing N N 216 
TYR CE2 CZ   sing Y N 217 
TYR CE2 HE2  sing N N 218 
TYR CZ  OH   sing N N 219 
TYR OH  HH   sing N N 220 
TYR OXT HXT  sing N N 221 
VAL N   CA   sing N N 222 
VAL N   H    sing N N 223 
VAL N   H2   sing N N 224 
VAL CA  C    sing N N 225 
VAL CA  CB   sing N N 226 
VAL CA  HA   sing N N 227 
VAL C   O    doub N N 228 
VAL C   OXT  sing N N 229 
VAL CB  CG1  sing N N 230 
VAL CB  CG2  sing N N 231 
VAL CB  HB   sing N N 232 
VAL CG1 HG11 sing N N 233 
VAL CG1 HG12 sing N N 234 
VAL CG1 HG13 sing N N 235 
VAL CG2 HG21 sing N N 236 
VAL CG2 HG22 sing N N 237 
VAL CG2 HG23 sing N N 238 
VAL OXT HXT  sing N N 239 
# 
_em_admin.current_status     REL 
_em_admin.deposition_date    2025-02-10 
_em_admin.deposition_site    PDBE 
_em_admin.entry_id           9IAH 
_em_admin.last_update        2025-11-26 
_em_admin.map_release_date   2025-03-05 
_em_admin.title              'Structure of beta-lactoglobulin fibril' 
# 
_em_buffer_component.buffer_id             1 
_em_buffer_component.concentration         25 
_em_buffer_component.concentration_units   mM 
_em_buffer_component.formula               ? 
_em_buffer_component.id                    1 
_em_buffer_component.name                  'Citric acid-sodium phosphate' 
# 
_em_ctf_correction.details                  ? 
_em_ctf_correction.em_image_processing_id   1 
_em_ctf_correction.id                       1 
_em_ctf_correction.type                     'PHASE FLIPPING AND AMPLITUDE CORRECTION' 
# 
_em_entity_assembly_molwt.entity_assembly_id   1 
_em_entity_assembly_molwt.experimental_flag    NO 
_em_entity_assembly_molwt.id                   1 
_em_entity_assembly_molwt.units                ? 
_em_entity_assembly_molwt.value                ? 
# 
_em_entity_assembly_naturalsource.cell                 ? 
_em_entity_assembly_naturalsource.cellular_location    ? 
_em_entity_assembly_naturalsource.entity_assembly_id   1 
_em_entity_assembly_naturalsource.id                   2 
_em_entity_assembly_naturalsource.ncbi_tax_id          9913 
_em_entity_assembly_naturalsource.organism             'Bos taurus' 
_em_entity_assembly_naturalsource.organelle            ? 
_em_entity_assembly_naturalsource.organ                ? 
_em_entity_assembly_naturalsource.strain               ? 
_em_entity_assembly_naturalsource.tissue               ? 
_em_entity_assembly_naturalsource.details              ? 
# 
loop_
_em_helical_entity.id 
_em_helical_entity.image_processing_id 
_em_helical_entity.details 
_em_helical_entity.axial_symmetry 
_em_helical_entity.angular_rotation_per_subunit 
_em_helical_entity.axial_rise_per_subunit 
1 1 ? C1 -2.73760 4.80371 
2 1 ? C1 -2.73567 4.80359 
# 
_em_image_processing.details              ? 
_em_image_processing.id                   1 
_em_image_processing.image_recording_id   1 
# 
_em_image_recording.average_exposure_time               1 
_em_image_recording.avg_electron_dose_per_subtomogram   ? 
_em_image_recording.avg_electron_dose_per_image         57.5 
_em_image_recording.details                             ? 
_em_image_recording.detector_mode                       COUNTING 
_em_image_recording.film_or_detector_model              'GATAN K3 BIOQUANTUM (6k x 4k)' 
_em_image_recording.id                                  1 
_em_image_recording.imaging_id                          1 
_em_image_recording.num_diffraction_images              ? 
_em_image_recording.num_grids_imaged                    2 
_em_image_recording.num_real_images                     16475 
# 
_em_imaging_optics.chr_aberration_corrector   ? 
_em_imaging_optics.energyfilter_lower         ? 
_em_imaging_optics.energyfilter_slit_width    20 
_em_imaging_optics.energyfilter_name          'GIF Bioquantum' 
_em_imaging_optics.energyfilter_upper         ? 
_em_imaging_optics.id                         1 
_em_imaging_optics.imaging_id                 1 
_em_imaging_optics.phase_plate                ? 
_em_imaging_optics.sph_aberration_corrector   ? 
_em_imaging_optics.details                    ? 
# 
_em_particle_selection.details                  'from 3825 micrographs selected based on rlnCtfMaxResolution with a cut-off of 4 A' 
_em_particle_selection.id                       1 
_em_particle_selection.image_processing_id      1 
_em_particle_selection.method                   ? 
_em_particle_selection.num_particles_selected   1387479 
_em_particle_selection.reference_model          ? 
# 
loop_
_em_software.category 
_em_software.details 
_em_software.id 
_em_software.image_processing_id 
_em_software.fitting_id 
_em_software.imaging_id 
_em_software.name 
_em_software.version 
'PARTICLE SELECTION'       ? 1  1 ? ? ?      ?          
'IMAGE ACQUISITION'        ? 2  ? ? 1 EPU    3.2.0.4776 
MASKING                    ? 3  ? ? ? ?      ?          
'CTF CORRECTION'           ? 4  1 ? ? ?      ?          
'LAYERLINE INDEXING'       ? 5  ? ? ? ?      ?          
'DIFFRACTION INDEXING'     ? 6  ? ? ? ?      ?          
'MODEL FITTING'            ? 7  ? ? ? ?      ?          
'MODEL REFINEMENT'         ? 8  ? ? ? ?      ?          
OTHER                      ? 9  ? ? ? ?      ?          
'INITIAL EULER ASSIGNMENT' ? 10 1 ? ? ?      ?          
'FINAL EULER ASSIGNMENT'   ? 11 1 ? ? ?      ?          
CLASSIFICATION             ? 12 1 ? ? ?      ?          
RECONSTRUCTION             ? 13 1 ? ? RELION 5.0        
# 
_em_specimen.concentration           7 
_em_specimen.details                 
'This sample was monodisperse. The sample was prepared at 7 mg/ml and diluted 15 times for EM grid.' 
_em_specimen.embedding_applied       NO 
_em_specimen.experiment_id           1 
_em_specimen.id                      1 
_em_specimen.shadowing_applied       NO 
_em_specimen.staining_applied        NO 
_em_specimen.vitrification_applied   YES 
# 
loop_
_pdbx_audit_support.funding_organization 
_pdbx_audit_support.country 
_pdbx_audit_support.grant_number 
_pdbx_audit_support.ordinal 
'Swiss National Science Foundation' Switzerland 10002967 1 
'Swiss National Science Foundation' Switzerland 197626   2 
# 
_atom_sites.entry_id                    9IAH 
_atom_sites.Cartn_transf_matrix[1][1]   ? 
_atom_sites.Cartn_transf_matrix[1][2]   ? 
_atom_sites.Cartn_transf_matrix[1][3]   ? 
_atom_sites.Cartn_transf_matrix[2][1]   ? 
_atom_sites.Cartn_transf_matrix[2][2]   ? 
_atom_sites.Cartn_transf_matrix[2][3]   ? 
_atom_sites.Cartn_transf_matrix[3][1]   ? 
_atom_sites.Cartn_transf_matrix[3][2]   ? 
_atom_sites.Cartn_transf_matrix[3][3]   ? 
_atom_sites.Cartn_transf_vector[1]      ? 
_atom_sites.Cartn_transf_vector[2]      ? 
_atom_sites.Cartn_transf_vector[3]      ? 
_atom_sites.Cartn_transform_axes        ? 
_atom_sites.fract_transf_matrix[1][1]   1.000000 
_atom_sites.fract_transf_matrix[1][2]   0.000000 
_atom_sites.fract_transf_matrix[1][3]   0.000000 
_atom_sites.fract_transf_matrix[2][1]   0.000000 
_atom_sites.fract_transf_matrix[2][2]   1.000000 
_atom_sites.fract_transf_matrix[2][3]   0.000000 
_atom_sites.fract_transf_matrix[3][1]   0.000000 
_atom_sites.fract_transf_matrix[3][2]   0.000000 
_atom_sites.fract_transf_matrix[3][3]   1.000000 
_atom_sites.fract_transf_vector[1]      0.00000 
_atom_sites.fract_transf_vector[2]      0.00000 
_atom_sites.fract_transf_vector[3]      0.00000 
_atom_sites.solution_primary            ? 
_atom_sites.solution_secondary          ? 
_atom_sites.solution_hydrogens          ? 
_atom_sites.special_details             ? 
# 
loop_
_atom_type.symbol 
C 
N 
O 
S 
# 
loop_
_atom_site.group_PDB 
_atom_site.id 
_atom_site.type_symbol 
_atom_site.label_atom_id 
_atom_site.label_alt_id 
_atom_site.label_comp_id 
_atom_site.label_asym_id 
_atom_site.label_entity_id 
_atom_site.label_seq_id 
_atom_site.pdbx_PDB_ins_code 
_atom_site.Cartn_x 
_atom_site.Cartn_y 
_atom_site.Cartn_z 
_atom_site.occupancy 
_atom_site.B_iso_or_equiv 
_atom_site.pdbx_formal_charge 
_atom_site.auth_seq_id 
_atom_site.auth_comp_id 
_atom_site.auth_asym_id 
_atom_site.auth_atom_id 
_atom_site.pdbx_PDB_model_num 
ATOM 1    N N   . LEU A 1 1  ? 19.546  4.894   1.650   1.00 51.63 ? 1  LEU E N   1 
ATOM 2    C CA  . LEU A 1 1  ? 18.181  4.611   2.064   1.00 53.13 ? 1  LEU E CA  1 
ATOM 3    C C   . LEU A 1 1  ? 18.046  4.644   3.580   1.00 46.11 ? 1  LEU E C   1 
ATOM 4    O O   . LEU A 1 1  ? 18.659  3.852   4.276   1.00 44.13 ? 1  LEU E O   1 
ATOM 5    C CB  . LEU A 1 1  ? 17.739  3.259   1.510   1.00 51.76 ? 1  LEU E CB  1 
ATOM 6    C CG  . LEU A 1 1  ? 16.373  2.699   1.895   1.00 49.29 ? 1  LEU E CG  1 
ATOM 7    C CD1 . LEU A 1 1  ? 15.267  3.653   1.536   1.00 48.96 ? 1  LEU E CD1 1 
ATOM 8    C CD2 . LEU A 1 1  ? 16.168  1.397   1.177   1.00 44.90 ? 1  LEU E CD2 1 
ATOM 9    N N   . ILE A 1 2  ? 17.236  5.570   4.081   1.00 45.34 ? 2  ILE E N   1 
ATOM 10   C CA  . ILE A 1 2  ? 16.861  5.630   5.487   1.00 44.17 ? 2  ILE E CA  1 
ATOM 11   C C   . ILE A 1 2  ? 15.361  5.421   5.582   1.00 47.81 ? 2  ILE E C   1 
ATOM 12   O O   . ILE A 1 2  ? 14.594  6.113   4.906   1.00 56.95 ? 2  ILE E O   1 
ATOM 13   C CB  . ILE A 1 2  ? 17.261  6.974   6.116   1.00 46.48 ? 2  ILE E CB  1 
ATOM 14   C CG1 . ILE A 1 2  ? 18.779  7.114   6.142   1.00 45.67 ? 2  ILE E CG1 1 
ATOM 15   C CG2 . ILE A 1 2  ? 16.677  7.117   7.498   1.00 41.79 ? 2  ILE E CG2 1 
ATOM 16   C CD1 . ILE A 1 2  ? 19.250  8.526   6.281   1.00 46.62 ? 2  ILE E CD1 1 
ATOM 17   N N   . VAL A 1 3  ? 14.940  4.482   6.423   1.00 40.13 ? 3  VAL E N   1 
ATOM 18   C CA  . VAL A 1 3  ? 13.541  4.097   6.534   1.00 43.60 ? 3  VAL E CA  1 
ATOM 19   C C   . VAL A 1 3  ? 13.130  4.171   7.993   1.00 45.18 ? 3  VAL E C   1 
ATOM 20   O O   . VAL A 1 3  ? 13.854  3.688   8.867   1.00 49.49 ? 3  VAL E O   1 
ATOM 21   C CB  . VAL A 1 3  ? 13.292  2.682   5.984   1.00 38.47 ? 3  VAL E CB  1 
ATOM 22   C CG1 . VAL A 1 3  ? 11.852  2.307   6.156   1.00 38.38 ? 3  VAL E CG1 1 
ATOM 23   C CG2 . VAL A 1 3  ? 13.691  2.591   4.535   1.00 35.86 ? 3  VAL E CG2 1 
ATOM 24   N N   . THR A 1 4  ? 11.992  4.800   8.262   1.00 43.02 ? 4  THR E N   1 
ATOM 25   C CA  . THR A 1 4  ? 11.396  4.813   9.589   1.00 46.67 ? 4  THR E CA  1 
ATOM 26   C C   . THR A 1 4  ? 9.946   4.386   9.462   1.00 43.10 ? 4  THR E C   1 
ATOM 27   O O   . THR A 1 4  ? 9.190   4.997   8.706   1.00 52.65 ? 4  THR E O   1 
ATOM 28   C CB  . THR A 1 4  ? 11.492  6.199   10.222  1.00 51.53 ? 4  THR E CB  1 
ATOM 29   O OG1 . THR A 1 4  ? 12.865  6.507   10.485  1.00 57.58 ? 4  THR E OG1 1 
ATOM 30   C CG2 . THR A 1 4  ? 10.714  6.252   11.517  1.00 47.55 ? 4  THR E CG2 1 
ATOM 31   N N   . GLN A 1 5  ? 9.553   3.345   10.187  1.00 34.13 ? 5  GLN E N   1 
ATOM 32   C CA  . GLN A 1 5  ? 8.171   2.888   10.170  1.00 32.78 ? 5  GLN E CA  1 
ATOM 33   C C   . GLN A 1 5  ? 7.679   2.788   11.602  1.00 40.83 ? 5  GLN E C   1 
ATOM 34   O O   . GLN A 1 5  ? 8.299   2.114   12.424  1.00 56.39 ? 5  GLN E O   1 
ATOM 35   C CB  . GLN A 1 5  ? 8.055   1.553   9.440   1.00 32.95 ? 5  GLN E CB  1 
ATOM 36   C CG  . GLN A 1 5  ? 8.729   1.606   8.088   1.00 36.96 ? 5  GLN E CG  1 
ATOM 37   C CD  . GLN A 1 5  ? 8.530   0.378   7.261   1.00 38.09 ? 5  GLN E CD  1 
ATOM 38   O OE1 . GLN A 1 5  ? 7.629   -0.398  7.509   1.00 49.68 ? 5  GLN E OE1 1 
ATOM 39   N NE2 . GLN A 1 5  ? 9.379   0.187   6.273   1.00 42.64 ? 5  GLN E NE2 1 
ATOM 40   N N   . THR A 1 6  ? 6.565   3.447   11.895  1.00 40.28 ? 6  THR E N   1 
ATOM 41   C CA  . THR A 1 6  ? 6.018   3.520   13.242  1.00 46.60 ? 6  THR E CA  1 
ATOM 42   C C   . THR A 1 6  ? 4.536   3.197   13.189  1.00 45.10 ? 6  THR E C   1 
ATOM 43   O O   . THR A 1 6  ? 3.816   3.753   12.360  1.00 55.33 ? 6  THR E O   1 
ATOM 44   C CB  . THR A 1 6  ? 6.229   4.913   13.834  1.00 50.06 ? 6  THR E CB  1 
ATOM 45   O OG1 . THR A 1 6  ? 7.627   5.155   14.011  1.00 52.80 ? 6  THR E OG1 1 
ATOM 46   C CG2 . THR A 1 6  ? 5.535   5.039   15.171  1.00 48.21 ? 6  THR E CG2 1 
ATOM 47   N N   . MET A 1 7  ? 4.080   2.303   14.057  1.00 43.53 ? 7  MET E N   1 
ATOM 48   C CA  . MET A 1 7  ? 2.668   1.959   14.137  1.00 43.92 ? 7  MET E CA  1 
ATOM 49   C C   . MET A 1 7  ? 2.210   2.032   15.581  1.00 48.98 ? 7  MET E C   1 
ATOM 50   O O   . MET A 1 7  ? 2.890   1.526   16.474  1.00 54.80 ? 7  MET E O   1 
ATOM 51   C CB  . MET A 1 7  ? 2.411   0.573   13.555  1.00 41.09 ? 7  MET E CB  1 
ATOM 52   C CG  . MET A 1 7  ? 2.994   0.428   12.177  1.00 46.46 ? 7  MET E CG  1 
ATOM 53   S SD  . MET A 1 7  ? 2.342   -0.910  11.192  1.00 67.51 ? 7  MET E SD  1 
ATOM 54   C CE  . MET A 1 7  ? 3.334   -0.677  9.729   1.00 52.67 ? 7  MET E CE  1 
ATOM 55   N N   . LYS A 1 8  ? 1.063   2.664   15.810  1.00 47.83 ? 8  LYS E N   1 
ATOM 56   C CA  . LYS A 1 8  ? 0.560   2.895   17.155  1.00 44.00 ? 8  LYS E CA  1 
ATOM 57   C C   . LYS A 1 8  ? -0.919  2.560   17.221  1.00 44.09 ? 8  LYS E C   1 
ATOM 58   O O   . LYS A 1 8  ? -1.687  2.941   16.336  1.00 50.81 ? 8  LYS E O   1 
ATOM 59   C CB  . LYS A 1 8  ? 0.779   4.347   17.576  1.00 41.29 ? 8  LYS E CB  1 
ATOM 60   C CG  . LYS A 1 8  ? 2.226   4.766   17.550  1.00 47.10 ? 8  LYS E CG  1 
ATOM 61   C CD  . LYS A 1 8  ? 2.432   6.128   18.172  1.00 52.76 ? 8  LYS E CD  1 
ATOM 62   C CE  . LYS A 1 8  ? 3.903   6.501   18.160  1.00 54.73 ? 8  LYS E CE  1 
ATOM 63   N NZ  . LYS A 1 8  ? 4.169   7.811   18.811  1.00 55.17 ? 8  LYS E NZ  1 
ATOM 64   N N   . GLY A 1 9  ? -1.308  1.837   18.263  1.00 47.29 ? 9  GLY E N   1 
ATOM 65   C CA  . GLY A 1 9  ? -2.712  1.602   18.548  1.00 46.32 ? 9  GLY E CA  1 
ATOM 66   C C   . GLY A 1 9  ? -3.483  0.844   17.491  1.00 46.63 ? 9  GLY E C   1 
ATOM 67   O O   . GLY A 1 9  ? -4.657  1.149   17.255  1.00 52.79 ? 9  GLY E O   1 
ATOM 68   N N   . LEU A 1 10 ? -2.862  -0.139  16.850  1.00 46.40 ? 10 LEU E N   1 
ATOM 69   C CA  . LEU A 1 10 ? -3.592  -1.007  15.937  1.00 45.87 ? 10 LEU E CA  1 
ATOM 70   C C   . LEU A 1 10 ? -4.367  -2.070  16.701  1.00 46.71 ? 10 LEU E C   1 
ATOM 71   O O   . LEU A 1 10 ? -3.871  -2.627  17.678  1.00 51.47 ? 10 LEU E O   1 
ATOM 72   C CB  . LEU A 1 10 ? -2.632  -1.684  14.965  1.00 46.40 ? 10 LEU E CB  1 
ATOM 73   C CG  . LEU A 1 10 ? -1.486  -0.857  14.389  1.00 53.12 ? 10 LEU E CG  1 
ATOM 74   C CD1 . LEU A 1 10 ? -0.712  -1.681  13.393  1.00 46.59 ? 10 LEU E CD1 1 
ATOM 75   C CD2 . LEU A 1 10 ? -1.973  0.421   13.760  1.00 48.89 ? 10 LEU E CD2 1 
ATOM 76   N N   . ASP A 1 11 ? -5.595  -2.341  16.265  1.00 50.84 ? 11 ASP E N   1 
ATOM 77   C CA  . ASP A 1 11 ? -6.305  -3.561  16.625  1.00 49.65 ? 11 ASP E CA  1 
ATOM 78   C C   . ASP A 1 11 ? -6.399  -4.459  15.401  1.00 45.96 ? 11 ASP E C   1 
ATOM 79   O O   . ASP A 1 11 ? -6.938  -4.048  14.374  1.00 58.65 ? 11 ASP E O   1 
ATOM 80   C CB  . ASP A 1 11 ? -7.700  -3.251  17.157  1.00 55.29 ? 11 ASP E CB  1 
ATOM 81   C CG  . ASP A 1 11 ? -7.666  -2.554  18.491  1.00 59.95 ? 11 ASP E CG  1 
ATOM 82   O OD1 . ASP A 1 11 ? -6.605  -2.004  18.843  1.00 60.38 ? 11 ASP E OD1 1 
ATOM 83   O OD2 . ASP A 1 11 ? -8.699  -2.561  19.189  1.00 60.64 ? 11 ASP E OD2 1 
ATOM 84   N N   . ILE A 1 12 ? -5.887  -5.678  15.511  1.00 35.81 ? 12 ILE E N   1 
ATOM 85   C CA  . ILE A 1 12 ? -5.894  -6.638  14.415  1.00 36.49 ? 12 ILE E CA  1 
ATOM 86   C C   . ILE A 1 12 ? -6.608  -7.892  14.893  1.00 41.12 ? 12 ILE E C   1 
ATOM 87   O O   . ILE A 1 12 ? -6.189  -8.502  15.881  1.00 57.52 ? 12 ILE E O   1 
ATOM 88   C CB  . ILE A 1 12 ? -4.476  -6.951  13.928  1.00 41.90 ? 12 ILE E CB  1 
ATOM 89   C CG1 . ILE A 1 12 ? -3.790  -5.683  13.440  1.00 41.20 ? 12 ILE E CG1 1 
ATOM 90   C CG2 . ILE A 1 12 ? -4.519  -7.939  12.821  1.00 40.19 ? 12 ILE E CG2 1 
ATOM 91   C CD1 . ILE A 1 12 ? -2.331  -5.861  13.182  1.00 42.23 ? 12 ILE E CD1 1 
ATOM 92   N N   . GLN A 1 13 ? -7.685  -8.273  14.217  1.00 38.93 ? 13 GLN E N   1 
ATOM 93   C CA  . GLN A 1 13 ? -8.600  -9.253  14.779  1.00 41.09 ? 13 GLN E CA  1 
ATOM 94   C C   . GLN A 1 13 ? -9.148  -10.173 13.697  1.00 43.46 ? 13 GLN E C   1 
ATOM 95   O O   . GLN A 1 13 ? -9.483  -9.726  12.602  1.00 49.23 ? 13 GLN E O   1 
ATOM 96   C CB  . GLN A 1 13 ? -9.750  -8.550  15.493  1.00 41.61 ? 13 GLN E CB  1 
ATOM 97   C CG  . GLN A 1 13 ? -10.787 -9.460  16.078  1.00 46.44 ? 13 GLN E CG  1 
ATOM 98   C CD  . GLN A 1 13 ? -11.676 -8.729  17.051  1.00 50.06 ? 13 GLN E CD  1 
ATOM 99   O OE1 . GLN A 1 13 ? -11.211 -7.904  17.830  1.00 54.07 ? 13 GLN E OE1 1 
ATOM 100  N NE2 . GLN A 1 13 ? -12.965 -9.028  17.013  1.00 47.73 ? 13 GLN E NE2 1 
ATOM 101  N N   . LYS A 1 14 ? -9.226  -11.461 14.015  1.00 39.86 ? 14 LYS E N   1 
ATOM 102  C CA  . LYS A 1 14 ? -9.802  -12.489 13.142  1.00 43.59 ? 14 LYS E CA  1 
ATOM 103  C C   . LYS A 1 14 ? -9.089  -12.625 11.796  1.00 45.73 ? 14 LYS E C   1 
ATOM 104  O O   . LYS A 1 14 ? -9.716  -12.889 10.773  1.00 44.34 ? 14 LYS E O   1 
ATOM 105  C CB  . LYS A 1 14 ? -11.294 -12.237 12.942  1.00 41.92 ? 14 LYS E CB  1 
ATOM 106  C CG  . LYS A 1 14 ? -12.077 -12.399 14.222  1.00 43.49 ? 14 LYS E CG  1 
ATOM 107  C CD  . LYS A 1 14 ? -13.543 -12.110 14.040  1.00 48.18 ? 14 LYS E CD  1 
ATOM 108  C CE  . LYS A 1 14 ? -14.303 -12.420 15.313  1.00 48.30 ? 14 LYS E CE  1 
ATOM 109  N NZ  . LYS A 1 14 ? -15.759 -12.171 15.184  1.00 49.05 ? 14 LYS E NZ  1 
ATOM 110  N N   . VAL A 1 15 ? -7.771  -12.460 11.796  1.00 41.67 ? 15 VAL E N   1 
ATOM 111  C CA  . VAL A 1 15 ? -6.958  -12.695 10.604  1.00 41.94 ? 15 VAL E CA  1 
ATOM 112  C C   . VAL A 1 15 ? -6.911  -14.192 10.316  1.00 46.20 ? 15 VAL E C   1 
ATOM 113  O O   . VAL A 1 15 ? -6.361  -14.963 11.103  1.00 49.54 ? 15 VAL E O   1 
ATOM 114  C CB  . VAL A 1 15 ? -5.552  -12.122 10.764  1.00 40.27 ? 15 VAL E CB  1 
ATOM 115  C CG1 . VAL A 1 15 ? -4.749  -12.356 9.511   1.00 35.25 ? 15 VAL E CG1 1 
ATOM 116  C CG2 . VAL A 1 15 ? -5.646  -10.663 11.054  1.00 34.04 ? 15 VAL E CG2 1 
ATOM 117  N N   . ALA A 1 16 ? -7.487  -14.612 9.200   1.00 47.73 ? 16 ALA E N   1 
ATOM 118  C CA  . ALA A 1 16 ? -7.315  -15.965 8.701   1.00 42.91 ? 16 ALA E CA  1 
ATOM 119  C C   . ALA A 1 16 ? -6.192  -16.004 7.664   1.00 46.56 ? 16 ALA E C   1 
ATOM 120  O O   . ALA A 1 16 ? -5.477  -15.026 7.449   1.00 51.83 ? 16 ALA E O   1 
ATOM 121  C CB  . ALA A 1 16 ? -8.633  -16.488 8.137   1.00 40.60 ? 16 ALA E CB  1 
ATOM 122  N N   . GLY A 1 17 ? -6.037  -17.149 7.015   1.00 49.33 ? 17 GLY E N   1 
ATOM 123  C CA  . GLY A 1 17 ? -5.137  -17.250 5.874   1.00 48.84 ? 17 GLY E CA  1 
ATOM 124  C C   . GLY A 1 17 ? -3.675  -17.104 6.246   1.00 48.14 ? 17 GLY E C   1 
ATOM 125  O O   . GLY A 1 17 ? -3.189  -17.737 7.184   1.00 52.59 ? 17 GLY E O   1 
ATOM 126  N N   . THR A 1 18 ? -2.960  -16.259 5.509   1.00 45.62 ? 18 THR E N   1 
ATOM 127  C CA  . THR A 1 18 ? -1.517  -16.113 5.636   1.00 46.22 ? 18 THR E CA  1 
ATOM 128  C C   . THR A 1 18 ? -1.177  -14.649 5.841   1.00 42.39 ? 18 THR E C   1 
ATOM 129  O O   . THR A 1 18 ? -1.734  -13.779 5.173   1.00 53.73 ? 18 THR E O   1 
ATOM 130  C CB  . THR A 1 18 ? -0.803  -16.642 4.401   1.00 45.87 ? 18 THR E CB  1 
ATOM 131  O OG1 . THR A 1 18 ? -1.127  -18.023 4.228   1.00 52.04 ? 18 THR E OG1 1 
ATOM 132  C CG2 . THR A 1 18 ? 0.690   -16.509 4.550   1.00 37.09 ? 18 THR E CG2 1 
ATOM 133  N N   . TRP A 1 19 ? -0.261  -14.379 6.765   1.00 34.83 ? 19 TRP E N   1 
ATOM 134  C CA  . TRP A 1 19 ? 0.070   -13.015 7.161   1.00 34.67 ? 19 TRP E CA  1 
ATOM 135  C C   . TRP A 1 19 ? 1.578   -12.876 7.302   1.00 42.34 ? 19 TRP E C   1 
ATOM 136  O O   . TRP A 1 19 ? 2.172   -13.482 8.193   1.00 55.74 ? 19 TRP E O   1 
ATOM 137  C CB  . TRP A 1 19 ? -0.655  -12.661 8.455   1.00 32.25 ? 19 TRP E CB  1 
ATOM 138  C CG  . TRP A 1 19 ? -0.417  -11.292 8.957   1.00 40.17 ? 19 TRP E CG  1 
ATOM 139  C CD1 . TRP A 1 19 ? 0.084   -10.237 8.268   1.00 41.84 ? 19 TRP E CD1 1 
ATOM 140  C CD2 . TRP A 1 19 ? -0.723  -10.810 10.264  1.00 48.18 ? 19 TRP E CD2 1 
ATOM 141  N NE1 . TRP A 1 19 ? 0.152   -9.136  9.079   1.00 40.80 ? 19 TRP E NE1 1 
ATOM 142  C CE2 . TRP A 1 19 ? -0.347  -9.464  10.311  1.00 47.91 ? 19 TRP E CE2 1 
ATOM 143  C CE3 . TRP A 1 19 ? -1.262  -11.398 11.410  1.00 48.59 ? 19 TRP E CE3 1 
ATOM 144  C CZ2 . TRP A 1 19 ? -0.495  -8.693  11.451  1.00 44.13 ? 19 TRP E CZ2 1 
ATOM 145  C CZ3 . TRP A 1 19 ? -1.409  -10.631 12.537  1.00 45.38 ? 19 TRP E CZ3 1 
ATOM 146  C CH2 . TRP A 1 19 ? -1.031  -9.293  12.550  1.00 44.85 ? 19 TRP E CH2 1 
ATOM 147  N N   . TYR A 1 20 ? 2.203   -12.102 6.418   1.00 28.77 ? 20 TYR E N   1 
ATOM 148  C CA  . TYR A 1 20 ? 3.657   -12.026 6.409   1.00 32.87 ? 20 TYR E CA  1 
ATOM 149  C C   . TYR A 1 20 ? 4.225   -10.992 7.367   1.00 39.77 ? 20 TYR E C   1 
ATOM 150  O O   . TYR A 1 20 ? 5.227   -11.271 8.028   1.00 53.04 ? 20 TYR E O   1 
ATOM 151  C CB  . TYR A 1 20 ? 4.160   -11.764 4.993   1.00 30.42 ? 20 TYR E CB  1 
ATOM 152  C CG  . TYR A 1 20 ? 3.877   -12.910 4.070   1.00 36.78 ? 20 TYR E CG  1 
ATOM 153  C CD1 . TYR A 1 20 ? 2.687   -12.999 3.384   1.00 40.06 ? 20 TYR E CD1 1 
ATOM 154  C CD2 . TYR A 1 20 ? 4.814   -13.907 3.887   1.00 40.47 ? 20 TYR E CD2 1 
ATOM 155  C CE1 . TYR A 1 20 ? 2.437   -14.047 2.544   1.00 43.43 ? 20 TYR E CE1 1 
ATOM 156  C CE2 . TYR A 1 20 ? 4.571   -14.957 3.052   1.00 39.07 ? 20 TYR E CE2 1 
ATOM 157  C CZ  . TYR A 1 20 ? 3.383   -15.021 2.379   1.00 45.49 ? 20 TYR E CZ  1 
ATOM 158  O OH  . TYR A 1 20 ? 3.138   -16.085 1.551   1.00 49.36 ? 20 TYR E OH  1 
ATOM 159  N N   . SER A 1 21 ? 3.635   -9.811  7.467   1.00 38.47 ? 21 SER E N   1 
ATOM 160  C CA  . SER A 1 21 ? 4.180   -8.775  8.339   1.00 40.05 ? 21 SER E CA  1 
ATOM 161  C C   . SER A 1 21 ? 3.151   -7.658  8.472   1.00 40.96 ? 21 SER E C   1 
ATOM 162  O O   . SER A 1 21 ? 2.054   -7.725  7.913   1.00 37.71 ? 21 SER E O   1 
ATOM 163  C CB  . SER A 1 21 ? 5.521   -8.259  7.824   1.00 34.55 ? 21 SER E CB  1 
ATOM 164  O OG  . SER A 1 21 ? 5.347   -7.458  6.681   1.00 36.90 ? 21 SER E OG  1 
ATOM 165  N N   . LEU A 1 22 ? 3.506   -6.644  9.258   1.00 40.12 ? 22 LEU E N   1 
ATOM 166  C CA  . LEU A 1 22 ? 2.957   -5.303  9.130   1.00 36.40 ? 22 LEU E CA  1 
ATOM 167  C C   . LEU A 1 22 ? 3.910   -4.331  8.466   1.00 37.99 ? 22 LEU E C   1 
ATOM 168  O O   . LEU A 1 22 ? 3.461   -3.416  7.776   1.00 46.49 ? 22 LEU E O   1 
ATOM 169  C CB  . LEU A 1 22 ? 2.568   -4.742  10.498  1.00 36.63 ? 22 LEU E CB  1 
ATOM 170  C CG  . LEU A 1 22 ? 1.398   -5.386  11.224  1.00 36.41 ? 22 LEU E CG  1 
ATOM 171  C CD1 . LEU A 1 22 ? 1.144   -4.640  12.500  1.00 35.49 ? 22 LEU E CD1 1 
ATOM 172  C CD2 . LEU A 1 22 ? 0.173   -5.362  10.350  1.00 39.26 ? 22 LEU E CD2 1 
ATOM 173  N N   . ALA A 1 23 ? 5.207   -4.501  8.660   1.00 36.74 ? 23 ALA E N   1 
ATOM 174  C CA  . ALA A 1 23 ? 6.212   -3.607  8.118   1.00 29.39 ? 23 ALA E CA  1 
ATOM 175  C C   . ALA A 1 23 ? 7.234   -4.424  7.354   1.00 34.22 ? 23 ALA E C   1 
ATOM 176  O O   . ALA A 1 23 ? 7.641   -5.492  7.809   1.00 46.33 ? 23 ALA E O   1 
ATOM 177  C CB  . ALA A 1 23 ? 6.891   -2.835  9.233   1.00 26.53 ? 23 ALA E CB  1 
ATOM 178  N N   . MET A 1 24 ? 7.622   -3.949  6.180   1.00 30.50 ? 24 MET E N   1 
ATOM 179  C CA  . MET A 1 24 ? 8.728   -4.537  5.443   1.00 31.52 ? 24 MET E CA  1 
ATOM 180  C C   . MET A 1 24 ? 9.665   -3.436  4.986   1.00 34.05 ? 24 MET E C   1 
ATOM 181  O O   . MET A 1 24 ? 9.217   -2.370  4.564   1.00 48.48 ? 24 MET E O   1 
ATOM 182  C CB  . MET A 1 24 ? 8.222   -5.348  4.248   1.00 32.86 ? 24 MET E CB  1 
ATOM 183  C CG  . MET A 1 24 ? 7.961   -6.804  4.575   1.00 38.81 ? 24 MET E CG  1 
ATOM 184  S SD  . MET A 1 24 ? 6.967   -7.705  3.379   1.00 48.34 ? 24 MET E SD  1 
ATOM 185  C CE  . MET A 1 24 ? 7.899   -7.420  1.893   1.00 43.31 ? 24 MET E CE  1 
ATOM 186  N N   . ALA A 1 25 ? 10.961  -3.693  5.073   1.00 34.38 ? 25 ALA E N   1 
ATOM 187  C CA  . ALA A 1 25 ? 11.969  -2.769  4.588   1.00 30.92 ? 25 ALA E CA  1 
ATOM 188  C C   . ALA A 1 25 ? 13.110  -3.571  3.996   1.00 38.19 ? 25 ALA E C   1 
ATOM 189  O O   . ALA A 1 25 ? 13.493  -4.604  4.545   1.00 51.56 ? 25 ALA E O   1 
ATOM 190  C CB  . ALA A 1 25 ? 12.484  -1.864  5.703   1.00 32.62 ? 25 ALA E CB  1 
ATOM 191  N N   . ALA A 1 26 ? 13.644  -3.107  2.879   1.00 41.36 ? 26 ALA E N   1 
ATOM 192  C CA  . ALA A 1 26 ? 14.765  -3.778  2.244   1.00 39.99 ? 26 ALA E CA  1 
ATOM 193  C C   . ALA A 1 26 ? 15.497  -2.760  1.390   1.00 48.25 ? 26 ALA E C   1 
ATOM 194  O O   . ALA A 1 26 ? 15.083  -1.606  1.282   1.00 56.20 ? 26 ALA E O   1 
ATOM 195  C CB  . ALA A 1 26 ? 14.298  -4.974  1.419   1.00 42.91 ? 26 ALA E CB  1 
ATOM 196  N N   . SER A 1 27 ? 16.596  -3.191  0.780   1.00 49.29 ? 27 SER E N   1 
ATOM 197  C CA  . SER A 1 27 ? 17.061  -2.483  -0.402  1.00 48.62 ? 27 SER E CA  1 
ATOM 198  C C   . SER A 1 27 ? 16.310  -2.927  -1.649  1.00 53.63 ? 27 SER E C   1 
ATOM 199  O O   . SER A 1 27 ? 15.915  -2.088  -2.459  1.00 59.49 ? 27 SER E O   1 
ATOM 200  C CB  . SER A 1 27 ? 18.568  -2.666  -0.574  1.00 49.59 ? 27 SER E CB  1 
ATOM 201  O OG  . SER A 1 27 ? 18.861  -3.863  -1.263  1.00 51.09 ? 27 SER E OG  1 
ATOM 202  N N   . ASP A 1 28 ? 16.075  -4.232  -1.813  1.00 52.27 ? 28 ASP E N   1 
ATOM 203  C CA  . ASP A 1 28 ? 15.166  -4.748  -2.829  1.00 52.36 ? 28 ASP E CA  1 
ATOM 204  C C   . ASP A 1 28 ? 14.153  -5.690  -2.201  1.00 48.19 ? 28 ASP E C   1 
ATOM 205  O O   . ASP A 1 28 ? 14.514  -6.542  -1.390  1.00 54.38 ? 28 ASP E O   1 
ATOM 206  C CB  . ASP A 1 28 ? 15.916  -5.523  -3.919  1.00 54.01 ? 28 ASP E CB  1 
ATOM 207  C CG  . ASP A 1 28 ? 16.964  -4.692  -4.631  1.00 64.39 ? 28 ASP E CG  1 
ATOM 208  O OD1 . ASP A 1 28 ? 17.066  -3.479  -4.380  1.00 66.58 ? 28 ASP E OD1 1 
ATOM 209  O OD2 . ASP A 1 28 ? 17.707  -5.269  -5.450  1.00 67.03 ? 28 ASP E OD2 1 
ATOM 210  N N   . ILE A 1 29 ? 12.888  -5.557  -2.590  1.00 48.96 ? 29 ILE E N   1 
ATOM 211  C CA  . ILE A 1 29 ? 11.854  -6.536  -2.277  1.00 49.10 ? 29 ILE E CA  1 
ATOM 212  C C   . ILE A 1 29 ? 11.402  -7.185  -3.575  1.00 48.29 ? 29 ILE E C   1 
ATOM 213  O O   . ILE A 1 29 ? 11.070  -6.488  -4.537  1.00 47.87 ? 29 ILE E O   1 
ATOM 214  C CB  . ILE A 1 29 ? 10.663  -5.902  -1.539  1.00 44.07 ? 29 ILE E CB  1 
ATOM 215  C CG1 . ILE A 1 29 ? 11.131  -5.196  -0.276  1.00 42.88 ? 29 ILE E CG1 1 
ATOM 216  C CG2 . ILE A 1 29 ? 9.646   -6.948  -1.188  1.00 41.21 ? 29 ILE E CG2 1 
ATOM 217  C CD1 . ILE A 1 29 ? 10.025  -4.532  0.479   1.00 40.76 ? 29 ILE E CD1 1 
ATOM 218  N N   . SER A 1 30 ? 11.397  -8.514  -3.608  1.00 49.81 ? 30 SER E N   1 
ATOM 219  C CA  . SER A 1 30 ? 10.876  -9.267  -4.742  1.00 47.43 ? 30 SER E CA  1 
ATOM 220  C C   . SER A 1 30 ? 9.766   -10.194 -4.276  1.00 48.81 ? 30 SER E C   1 
ATOM 221  O O   . SER A 1 30 ? 9.977   -11.008 -3.375  1.00 51.41 ? 30 SER E O   1 
ATOM 222  C CB  . SER A 1 30 ? 11.987  -10.068 -5.412  1.00 44.74 ? 30 SER E CB  1 
ATOM 223  O OG  . SER A 1 30 ? 11.490  -10.754 -6.541  1.00 47.11 ? 30 SER E OG  1 
ATOM 224  N N   . LEU A 1 31 ? 8.593   -10.081 -4.890  1.00 54.12 ? 31 LEU E N   1 
ATOM 225  C CA  . LEU A 1 31 ? 7.497   -11.015 -4.663  1.00 54.82 ? 31 LEU E CA  1 
ATOM 226  C C   . LEU A 1 31 ? 7.155   -11.698 -5.975  1.00 57.31 ? 31 LEU E C   1 
ATOM 227  O O   . LEU A 1 31 ? 6.788   -11.029 -6.944  1.00 61.79 ? 31 LEU E O   1 
ATOM 228  C CB  . LEU A 1 31 ? 6.268   -10.299 -4.106  1.00 55.11 ? 31 LEU E CB  1 
ATOM 229  C CG  . LEU A 1 31 ? 6.416   -9.603  -2.759  1.00 53.62 ? 31 LEU E CG  1 
ATOM 230  C CD1 . LEU A 1 31 ? 6.731   -8.140  -2.940  1.00 56.47 ? 31 LEU E CD1 1 
ATOM 231  C CD2 . LEU A 1 31 ? 5.146   -9.750  -1.979  1.00 52.57 ? 31 LEU E CD2 1 
ATOM 232  N N   . LEU A 1 32 ? 7.269   -13.019 -6.009  1.00 68.82 ? 32 LEU E N   1 
ATOM 233  C CA  . LEU A 1 32 ? 6.789   -13.817 -7.129  1.00 71.25 ? 32 LEU E CA  1 
ATOM 234  C C   . LEU A 1 32 ? 5.603   -14.646 -6.663  1.00 69.84 ? 32 LEU E C   1 
ATOM 235  O O   . LEU A 1 32 ? 5.731   -15.442 -5.730  1.00 73.54 ? 32 LEU E O   1 
ATOM 236  C CB  . LEU A 1 32 ? 7.892   -14.713 -7.690  1.00 69.99 ? 32 LEU E CB  1 
ATOM 237  C CG  . LEU A 1 32 ? 9.274   -14.095 -7.929  1.00 70.19 ? 32 LEU E CG  1 
ATOM 238  C CD1 . LEU A 1 32 ? 10.131  -15.021 -8.771  1.00 69.78 ? 32 LEU E CD1 1 
ATOM 239  C CD2 . LEU A 1 32 ? 9.194   -12.735 -8.578  1.00 71.09 ? 32 LEU E CD2 1 
ATOM 240  N N   . ASP A 1 33 ? 4.456   -14.459 -7.302  1.00 86.17 ? 33 ASP E N   1 
ATOM 241  C CA  . ASP A 1 33 ? 3.189   -14.937 -6.773  1.00 88.24 ? 33 ASP E CA  1 
ATOM 242  C C   . ASP A 1 33 ? 2.478   -15.733 -7.857  1.00 93.95 ? 33 ASP E C   1 
ATOM 243  O O   . ASP A 1 33 ? 2.412   -15.296 -9.009  1.00 94.77 ? 33 ASP E O   1 
ATOM 244  C CB  . ASP A 1 33 ? 2.321   -13.768 -6.298  1.00 90.20 ? 33 ASP E CB  1 
ATOM 245  C CG  . ASP A 1 33 ? 1.035   -14.217 -5.636  1.00 93.19 ? 33 ASP E CG  1 
ATOM 246  O OD1 . ASP A 1 33 ? 0.723   -15.425 -5.657  1.00 94.05 ? 33 ASP E OD1 1 
ATOM 247  O OD2 . ASP A 1 33 ? 0.328   -13.351 -5.083  1.00 93.43 ? 33 ASP E OD2 1 
ATOM 248  N N   . ALA A 1 34 ? 1.957   -16.897 -7.489  1.00 97.16 ? 34 ALA E N   1 
ATOM 249  C CA  . ALA A 1 34 ? 1.185   -17.715 -8.415  1.00 95.19 ? 34 ALA E CA  1 
ATOM 250  C C   . ALA A 1 34 ? -0.017  -18.338 -7.718  1.00 94.68 ? 34 ALA E C   1 
ATOM 251  O O   . ALA A 1 34 ? 0.136   -19.180 -6.834  1.00 95.40 ? 34 ALA E O   1 
ATOM 252  C CB  . ALA A 1 34 ? 2.060   -18.791 -9.024  1.00 93.70 ? 34 ALA E CB  1 
ATOM 253  N N   . LEU B 1 1  ? 17.242  8.323   -0.946  1.00 43.25 ? 1  LEU D N   1 
ATOM 254  C CA  . LEU B 1 1  ? 15.869  7.989   -0.593  1.00 44.20 ? 1  LEU D CA  1 
ATOM 255  C C   . LEU B 1 1  ? 15.667  7.984   0.915   1.00 40.54 ? 1  LEU D C   1 
ATOM 256  O O   . LEU B 1 1  ? 16.285  7.212   1.630   1.00 43.71 ? 1  LEU D O   1 
ATOM 257  C CB  . LEU B 1 1  ? 15.480  6.641   -1.193  1.00 45.80 ? 1  LEU D CB  1 
ATOM 258  C CG  . LEU B 1 1  ? 14.099  6.094   -0.844  1.00 44.40 ? 1  LEU D CG  1 
ATOM 259  C CD1 . LEU B 1 1  ? 13.025  7.097   -1.145  1.00 40.73 ? 1  LEU D CD1 1 
ATOM 260  C CD2 . LEU B 1 1  ? 13.855  4.839   -1.636  1.00 42.45 ? 1  LEU D CD2 1 
ATOM 261  N N   . ILE B 1 2  ? 14.797  8.870   1.388   1.00 38.88 ? 2  ILE D N   1 
ATOM 262  C CA  . ILE B 1 2  ? 14.360  8.903   2.776   1.00 37.64 ? 2  ILE D CA  1 
ATOM 263  C C   . ILE B 1 2  ? 12.867  8.637   2.795   1.00 42.43 ? 2  ILE D C   1 
ATOM 264  O O   . ILE B 1 2  ? 12.110  9.288   2.071   1.00 50.37 ? 2  ILE D O   1 
ATOM 265  C CB  . ILE B 1 2  ? 14.681  10.257  3.430   1.00 40.09 ? 2  ILE D CB  1 
ATOM 266  C CG1 . ILE B 1 2  ? 16.188  10.435  3.564   1.00 40.64 ? 2  ILE D CG1 1 
ATOM 267  C CG2 . ILE B 1 2  ? 14.010  10.375  4.775   1.00 34.53 ? 2  ILE D CG2 1 
ATOM 268  C CD1 . ILE B 1 2  ? 16.612  11.868  3.689   1.00 40.95 ? 2  ILE D CD1 1 
ATOM 269  N N   . VAL B 1 3  ? 12.443  7.686   3.620   1.00 37.31 ? 3  VAL D N   1 
ATOM 270  C CA  . VAL B 1 3  ? 11.048  7.279   3.696   1.00 38.94 ? 3  VAL D CA  1 
ATOM 271  C C   . VAL B 1 3  ? 10.621  7.300   5.151   1.00 37.50 ? 3  VAL D C   1 
ATOM 272  O O   . VAL B 1 3  ? 11.358  6.830   6.020   1.00 42.75 ? 3  VAL D O   1 
ATOM 273  C CB  . VAL B 1 3  ? 10.835  5.872   3.110   1.00 34.60 ? 3  VAL D CB  1 
ATOM 274  C CG1 . VAL B 1 3  ? 9.384   5.494   3.181   1.00 35.99 ? 3  VAL D CG1 1 
ATOM 275  C CG2 . VAL B 1 3  ? 11.340  5.792   1.696   1.00 32.40 ? 3  VAL D CG2 1 
ATOM 276  N N   . THR B 1 4  ? 9.455   7.873   5.424   1.00 37.54 ? 4  THR D N   1 
ATOM 277  C CA  . THR B 1 4  ? 8.848   7.791   6.743   1.00 40.73 ? 4  THR D CA  1 
ATOM 278  C C   . THR B 1 4  ? 7.407   7.342   6.576   1.00 40.00 ? 4  THR D C   1 
ATOM 279  O O   . THR B 1 4  ? 6.652   7.971   5.836   1.00 44.90 ? 4  THR D O   1 
ATOM 280  C CB  . THR B 1 4  ? 8.904   9.139   7.459   1.00 44.57 ? 4  THR D CB  1 
ATOM 281  O OG1 . THR B 1 4  ? 10.269  9.483   7.711   1.00 50.69 ? 4  THR D OG1 1 
ATOM 282  C CG2 . THR B 1 4  ? 8.160   9.076   8.772   1.00 41.73 ? 4  THR D CG2 1 
ATOM 283  N N   . GLN B 1 5  ? 7.021   6.269   7.258   1.00 35.57 ? 5  GLN D N   1 
ATOM 284  C CA  . GLN B 1 5  ? 5.649   5.781   7.194   1.00 29.26 ? 5  GLN D CA  1 
ATOM 285  C C   . GLN B 1 5  ? 5.100   5.646   8.602   1.00 36.85 ? 5  GLN D C   1 
ATOM 286  O O   . GLN B 1 5  ? 5.668   4.923   9.421   1.00 51.90 ? 5  GLN D O   1 
ATOM 287  C CB  . GLN B 1 5  ? 5.581   4.464   6.425   1.00 27.50 ? 5  GLN D CB  1 
ATOM 288  C CG  . GLN B 1 5  ? 6.191   4.609   5.045   1.00 32.01 ? 5  GLN D CG  1 
ATOM 289  C CD  . GLN B 1 5  ? 6.015   3.403   4.180   1.00 35.65 ? 5  GLN D CD  1 
ATOM 290  O OE1 . GLN B 1 5  ? 5.132   2.600   4.408   1.00 47.62 ? 5  GLN D OE1 1 
ATOM 291  N NE2 . GLN B 1 5  ? 6.855   3.266   3.177   1.00 39.61 ? 5  GLN D NE2 1 
ATOM 292  N N   . THR B 1 6  ? 3.993   6.321   8.878   1.00 36.47 ? 6  THR D N   1 
ATOM 293  C CA  . THR B 1 6  ? 3.408   6.369   10.209  1.00 41.76 ? 6  THR D CA  1 
ATOM 294  C C   . THR B 1 6  ? 1.943   5.986   10.122  1.00 39.92 ? 6  THR D C   1 
ATOM 295  O O   . THR B 1 6  ? 1.220   6.514   9.275   1.00 48.87 ? 6  THR D O   1 
ATOM 296  C CB  . THR B 1 6  ? 3.553   7.763   10.817  1.00 45.95 ? 6  THR D CB  1 
ATOM 297  O OG1 . THR B 1 6  ? 4.935   8.035   11.068  1.00 48.62 ? 6  THR D OG1 1 
ATOM 298  C CG2 . THR B 1 6  ? 2.790   7.860   12.116  1.00 42.58 ? 6  THR D CG2 1 
ATOM 299  N N   . MET B 1 7  ? 1.505   5.067   10.975  1.00 39.66 ? 7  MET D N   1 
ATOM 300  C CA  . MET B 1 7  ? 0.106   4.669   11.028  1.00 38.97 ? 7  MET D CA  1 
ATOM 301  C C   . MET B 1 7  ? -0.360  4.677   12.472  1.00 43.49 ? 7  MET D C   1 
ATOM 302  O O   . MET B 1 7  ? 0.338   4.167   13.348  1.00 48.47 ? 7  MET D O   1 
ATOM 303  C CB  . MET B 1 7  ? -0.090  3.288   10.410  1.00 39.18 ? 7  MET D CB  1 
ATOM 304  C CG  . MET B 1 7  ? 0.498   3.207   9.031   1.00 41.77 ? 7  MET D CG  1 
ATOM 305  S SD  . MET B 1 7  ? -0.040  1.829   8.034   1.00 57.72 ? 7  MET D SD  1 
ATOM 306  C CE  . MET B 1 7  ? 0.831   2.228   6.529   1.00 46.53 ? 7  MET D CE  1 
ATOM 307  N N   . LYS B 1 8  ? -1.532  5.257   12.721  1.00 41.60 ? 8  LYS D N   1 
ATOM 308  C CA  . LYS B 1 8  ? -2.063  5.360   14.071  1.00 41.42 ? 8  LYS D CA  1 
ATOM 309  C C   . LYS B 1 8  ? -3.537  4.996   14.085  1.00 42.40 ? 8  LYS D C   1 
ATOM 310  O O   . LYS B 1 8  ? -4.301  5.428   13.223  1.00 42.07 ? 8  LYS D O   1 
ATOM 311  C CB  . LYS B 1 8  ? -1.874  6.765   14.640  1.00 37.96 ? 8  LYS D CB  1 
ATOM 312  C CG  . LYS B 1 8  ? -0.441  7.247   14.599  1.00 43.67 ? 8  LYS D CG  1 
ATOM 313  C CD  . LYS B 1 8  ? -0.266  8.561   15.326  1.00 46.95 ? 8  LYS D CD  1 
ATOM 314  C CE  . LYS B 1 8  ? 1.177   9.027   15.244  1.00 49.27 ? 8  LYS D CE  1 
ATOM 315  N NZ  . LYS B 1 8  ? 1.408   10.294  15.988  1.00 50.53 ? 8  LYS D NZ  1 
ATOM 316  N N   . GLY B 1 9  ? -3.926  4.199   15.071  1.00 49.34 ? 9  GLY D N   1 
ATOM 317  C CA  . GLY B 1 9  ? -5.330  3.930   15.332  1.00 46.52 ? 9  GLY D CA  1 
ATOM 318  C C   . GLY B 1 9  ? -6.077  3.211   14.232  1.00 43.53 ? 9  GLY D C   1 
ATOM 319  O O   . GLY B 1 9  ? -7.259  3.493   14.009  1.00 49.02 ? 9  GLY D O   1 
ATOM 320  N N   . LEU B 1 10 ? -5.425  2.282   13.543  1.00 41.24 ? 10 LEU D N   1 
ATOM 321  C CA  . LEU B 1 10 ? -6.120  1.444   12.578  1.00 37.71 ? 10 LEU D CA  1 
ATOM 322  C C   . LEU B 1 10 ? -6.850  0.314   13.288  1.00 39.18 ? 10 LEU D C   1 
ATOM 323  O O   . LEU B 1 10 ? -6.330  -0.267  14.240  1.00 43.62 ? 10 LEU D O   1 
ATOM 324  C CB  . LEU B 1 10 ? -5.136  0.853   11.573  1.00 39.73 ? 10 LEU D CB  1 
ATOM 325  C CG  . LEU B 1 10 ? -4.000  1.731   11.060  1.00 42.91 ? 10 LEU D CG  1 
ATOM 326  C CD1 . LEU B 1 10 ? -3.203  0.980   10.019  1.00 36.27 ? 10 LEU D CD1 1 
ATOM 327  C CD2 . LEU B 1 10 ? -4.489  3.048   10.518  1.00 42.44 ? 10 LEU D CD2 1 
ATOM 328  N N   . ASP B 1 11 ? -8.063  0.010   12.839  1.00 45.70 ? 11 ASP D N   1 
ATOM 329  C CA  . ASP B 1 11 ? -8.717  -1.252  13.158  1.00 48.00 ? 11 ASP D CA  1 
ATOM 330  C C   . ASP B 1 11 ? -8.772  -2.116  11.909  1.00 43.98 ? 11 ASP D C   1 
ATOM 331  O O   . ASP B 1 11 ? -9.291  -1.684  10.881  1.00 51.51 ? 11 ASP D O   1 
ATOM 332  C CB  . ASP B 1 11 ? -10.127 -1.024  13.693  1.00 49.28 ? 11 ASP D CB  1 
ATOM 333  C CG  . ASP B 1 11 ? -10.130 -0.348  15.038  1.00 54.66 ? 11 ASP D CG  1 
ATOM 334  O OD1 . ASP B 1 11 ? -9.103  0.263   15.390  1.00 54.35 ? 11 ASP D OD1 1 
ATOM 335  O OD2 . ASP B 1 11 ? -11.150 -0.438  15.747  1.00 56.19 ? 11 ASP D OD2 1 
ATOM 336  N N   . ILE B 1 12 ? -8.244  -3.330  11.998  1.00 32.92 ? 12 ILE D N   1 
ATOM 337  C CA  . ILE B 1 12 ? -8.200  -4.254  10.872  1.00 34.39 ? 12 ILE D CA  1 
ATOM 338  C C   . ILE B 1 12 ? -8.877  -5.549  11.289  1.00 35.70 ? 12 ILE D C   1 
ATOM 339  O O   . ILE B 1 12 ? -8.461  -6.180  12.265  1.00 47.36 ? 12 ILE D O   1 
ATOM 340  C CB  . ILE B 1 12 ? -6.764  -4.497  10.401  1.00 36.47 ? 12 ILE D CB  1 
ATOM 341  C CG1 . ILE B 1 12 ? -6.107  -3.171  10.050  1.00 37.70 ? 12 ILE D CG1 1 
ATOM 342  C CG2 . ILE B 1 12 ? -6.757  -5.378  9.204   1.00 34.91 ? 12 ILE D CG2 1 
ATOM 343  C CD1 . ILE B 1 12 ? -4.672  -3.292  9.683   1.00 38.21 ? 12 ILE D CD1 1 
ATOM 344  N N   . GLN B 1 13 ? -9.921  -5.943  10.569  1.00 40.78 ? 13 GLN D N   1 
ATOM 345  C CA  . GLN B 1 13 ? -10.843 -6.943  11.082  1.00 39.08 ? 13 GLN D CA  1 
ATOM 346  C C   . GLN B 1 13 ? -11.339 -7.868  9.978   1.00 39.09 ? 13 GLN D C   1 
ATOM 347  O O   . GLN B 1 13 ? -11.681 -7.413  8.887   1.00 41.83 ? 13 GLN D O   1 
ATOM 348  C CB  . GLN B 1 13 ? -12.026 -6.253  11.753  1.00 39.73 ? 13 GLN D CB  1 
ATOM 349  C CG  . GLN B 1 13 ? -13.097 -7.164  12.264  1.00 43.29 ? 13 GLN D CG  1 
ATOM 350  C CD  . GLN B 1 13 ? -14.004 -6.461  13.242  1.00 44.83 ? 13 GLN D CD  1 
ATOM 351  O OE1 . GLN B 1 13 ? -13.552 -5.664  14.058  1.00 45.06 ? 13 GLN D OE1 1 
ATOM 352  N NE2 . GLN B 1 13 ? -15.291 -6.762  13.176  1.00 43.58 ? 13 GLN D NE2 1 
ATOM 353  N N   . LYS B 1 14 ? -11.365 -9.166  10.272  1.00 32.19 ? 14 LYS D N   1 
ATOM 354  C CA  . LYS B 1 14 ? -11.885 -10.201 9.372   1.00 37.40 ? 14 LYS D CA  1 
ATOM 355  C C   . LYS B 1 14 ? -11.140 -10.296 8.039   1.00 42.17 ? 14 LYS D C   1 
ATOM 356  O O   . LYS B 1 14 ? -11.736 -10.585 7.002   1.00 40.62 ? 14 LYS D O   1 
ATOM 357  C CB  . LYS B 1 14 ? -13.380 -9.992  9.139   1.00 38.36 ? 14 LYS D CB  1 
ATOM 358  C CG  . LYS B 1 14 ? -14.193 -10.157 10.401  1.00 40.87 ? 14 LYS D CG  1 
ATOM 359  C CD  . LYS B 1 14 ? -15.666 -9.936  10.175  1.00 42.93 ? 14 LYS D CD  1 
ATOM 360  C CE  . LYS B 1 14 ? -16.446 -10.257 11.435  1.00 44.06 ? 14 LYS D CE  1 
ATOM 361  N NZ  . LYS B 1 14 ? -17.903 -10.015 11.278  1.00 42.71 ? 14 LYS D NZ  1 
ATOM 362  N N   . VAL B 1 15 ? -9.831  -10.066 8.056   1.00 41.38 ? 15 VAL D N   1 
ATOM 363  C CA  . VAL B 1 15 ? -8.997  -10.251 6.870   1.00 40.76 ? 15 VAL D CA  1 
ATOM 364  C C   . VAL B 1 15 ? -8.887  -11.742 6.558   1.00 42.65 ? 15 VAL D C   1 
ATOM 365  O O   . VAL B 1 15 ? -8.306  -12.500 7.335   1.00 43.08 ? 15 VAL D O   1 
ATOM 366  C CB  . VAL B 1 15 ? -7.613  -9.632  7.057   1.00 35.34 ? 15 VAL D CB  1 
ATOM 367  C CG1 . VAL B 1 15 ? -6.818  -9.740  5.778   1.00 34.86 ? 15 VAL D CG1 1 
ATOM 368  C CG2 . VAL B 1 15 ? -7.753  -8.207  7.478   1.00 35.72 ? 15 VAL D CG2 1 
ATOM 369  N N   . ALA B 1 16 ? -9.441  -12.170 5.432   1.00 44.36 ? 16 ALA D N   1 
ATOM 370  C CA  . ALA B 1 16 ? -9.190  -13.506 4.915   1.00 39.67 ? 16 ALA D CA  1 
ATOM 371  C C   . ALA B 1 16 ? -8.048  -13.468 3.899   1.00 44.64 ? 16 ALA D C   1 
ATOM 372  O O   . ALA B 1 16 ? -7.402  -12.440 3.693   1.00 49.75 ? 16 ALA D O   1 
ATOM 373  C CB  . ALA B 1 16 ? -10.462 -14.095 4.319   1.00 37.58 ? 16 ALA D CB  1 
ATOM 374  N N   . GLY B 1 17 ? -7.782  -14.600 3.263   1.00 42.78 ? 17 GLY D N   1 
ATOM 375  C CA  . GLY B 1 17 ? -6.825  -14.646 2.166   1.00 42.13 ? 17 GLY D CA  1 
ATOM 376  C C   . GLY B 1 17 ? -5.389  -14.423 2.602   1.00 43.29 ? 17 GLY D C   1 
ATOM 377  O O   . GLY B 1 17 ? -4.913  -15.025 3.565   1.00 42.00 ? 17 GLY D O   1 
ATOM 378  N N   . THR B 1 18 ? -4.683  -13.550 1.889   1.00 37.35 ? 18 THR D N   1 
ATOM 379  C CA  . THR B 1 18 ? -3.256  -13.337 2.088   1.00 36.36 ? 18 THR D CA  1 
ATOM 380  C C   . THR B 1 18 ? -2.993  -11.864 2.347   1.00 33.03 ? 18 THR D C   1 
ATOM 381  O O   . THR B 1 18 ? -3.601  -11.002 1.713   1.00 44.42 ? 18 THR D O   1 
ATOM 382  C CB  . THR B 1 18 ? -2.478  -13.793 0.862   1.00 35.22 ? 18 THR D CB  1 
ATOM 383  O OG1 . THR B 1 18 ? -2.724  -15.181 0.642   1.00 44.11 ? 18 THR D OG1 1 
ATOM 384  C CG2 . THR B 1 18 ? -1.008  -13.582 1.051   1.00 29.75 ? 18 THR D CG2 1 
ATOM 385  N N   . TRP B 1 19 ? -2.100  -11.573 3.287   1.00 25.69 ? 19 TRP D N   1 
ATOM 386  C CA  . TRP B 1 19 ? -1.836  -10.200 3.699   1.00 26.58 ? 19 TRP D CA  1 
ATOM 387  C C   . TRP B 1 19 ? -0.345  -10.017 3.939   1.00 33.64 ? 19 TRP D C   1 
ATOM 388  O O   . TRP B 1 19 ? 0.205   -10.608 4.868   1.00 45.91 ? 19 TRP D O   1 
ATOM 389  C CB  . TRP B 1 19 ? -2.657  -9.869  4.940   1.00 25.48 ? 19 TRP D CB  1 
ATOM 390  C CG  . TRP B 1 19 ? -2.443  -8.526  5.500   1.00 32.17 ? 19 TRP D CG  1 
ATOM 391  C CD1 . TRP B 1 19 ? -1.907  -7.450  4.874   1.00 33.45 ? 19 TRP D CD1 1 
ATOM 392  C CD2 . TRP B 1 19 ? -2.812  -8.090  6.805   1.00 36.66 ? 19 TRP D CD2 1 
ATOM 393  N NE1 . TRP B 1 19 ? -1.887  -6.376  5.718   1.00 35.39 ? 19 TRP D NE1 1 
ATOM 394  C CE2 . TRP B 1 19 ? -2.439  -6.746  6.914   1.00 39.89 ? 19 TRP D CE2 1 
ATOM 395  C CE3 . TRP B 1 19 ? -3.403  -8.715  7.904   1.00 36.43 ? 19 TRP D CE3 1 
ATOM 396  C CZ2 . TRP B 1 19 ? -2.645  -6.012  8.068   1.00 36.07 ? 19 TRP D CZ2 1 
ATOM 397  C CZ3 . TRP B 1 19 ? -3.608  -7.986  9.043   1.00 35.55 ? 19 TRP D CZ3 1 
ATOM 398  C CH2 . TRP B 1 19 ? -3.228  -6.651  9.121   1.00 35.12 ? 19 TRP D CH2 1 
ATOM 399  N N   . TYR B 1 20 ? 0.318   -9.230  3.092   1.00 25.60 ? 20 TYR D N   1 
ATOM 400  C CA  . TYR B 1 20 ? 1.770   -9.111  3.139   1.00 26.42 ? 20 TYR D CA  1 
ATOM 401  C C   . TYR B 1 20 ? 2.279   -8.040  4.093   1.00 34.56 ? 20 TYR D C   1 
ATOM 402  O O   . TYR B 1 20 ? 3.307   -8.244  4.741   1.00 44.54 ? 20 TYR D O   1 
ATOM 403  C CB  . TYR B 1 20 ? 2.323   -8.843  1.742   1.00 26.25 ? 20 TYR D CB  1 
ATOM 404  C CG  . TYR B 1 20 ? 2.100   -9.975  0.785   1.00 32.48 ? 20 TYR D CG  1 
ATOM 405  C CD1 . TYR B 1 20 ? 0.915   -10.102 0.097   1.00 32.83 ? 20 TYR D CD1 1 
ATOM 406  C CD2 . TYR B 1 20 ? 3.095   -10.895 0.539   1.00 34.39 ? 20 TYR D CD2 1 
ATOM 407  C CE1 . TYR B 1 20 ? 0.713   -11.132 -0.777  1.00 33.88 ? 20 TYR D CE1 1 
ATOM 408  C CE2 . TYR B 1 20 ? 2.904   -11.925 -0.340  1.00 34.85 ? 20 TYR D CE2 1 
ATOM 409  C CZ  . TYR B 1 20 ? 1.712   -12.040 -0.995  1.00 38.71 ? 20 TYR D CZ  1 
ATOM 410  O OH  . TYR B 1 20 ? 1.520   -13.071 -1.877  1.00 43.08 ? 20 TYR D OH  1 
ATOM 411  N N   . SER B 1 21 ? 1.610   -6.899  4.194   1.00 33.84 ? 21 SER D N   1 
ATOM 412  C CA  . SER B 1 21 ? 2.109   -5.820  5.040   1.00 32.97 ? 21 SER D CA  1 
ATOM 413  C C   . SER B 1 21 ? 1.015   -4.778  5.224   1.00 33.27 ? 21 SER D C   1 
ATOM 414  O O   . SER B 1 21 ? -0.072  -4.884  4.654   1.00 28.52 ? 21 SER D O   1 
ATOM 415  C CB  . SER B 1 21 ? 3.368   -5.188  4.451   1.00 27.54 ? 21 SER D CB  1 
ATOM 416  O OG  . SER B 1 21 ? 3.049   -4.381  3.343   1.00 34.19 ? 21 SER D OG  1 
ATOM 417  N N   . LEU B 1 22 ? 1.305   -3.793  6.070   1.00 30.85 ? 22 LEU D N   1 
ATOM 418  C CA  . LEU B 1 22 ? 0.716   -2.467  5.956   1.00 30.37 ? 22 LEU D CA  1 
ATOM 419  C C   . LEU B 1 22 ? 1.651   -1.452  5.327   1.00 36.52 ? 22 LEU D C   1 
ATOM 420  O O   . LEU B 1 22 ? 1.183   -0.531  4.657   1.00 46.94 ? 22 LEU D O   1 
ATOM 421  C CB  . LEU B 1 22 ? 0.279   -1.944  7.325   1.00 28.95 ? 22 LEU D CB  1 
ATOM 422  C CG  . LEU B 1 22 ? -0.869  -2.663  8.017   1.00 29.48 ? 22 LEU D CG  1 
ATOM 423  C CD1 . LEU B 1 22 ? -1.175  -1.979  9.320   1.00 31.52 ? 22 LEU D CD1 1 
ATOM 424  C CD2 . LEU B 1 22 ? -2.081  -2.676  7.132   1.00 33.14 ? 22 LEU D CD2 1 
ATOM 425  N N   . ALA B 1 23 ? 2.954   -1.588  5.534   1.00 28.16 ? 23 ALA D N   1 
ATOM 426  C CA  . ALA B 1 23 ? 3.934   -0.648  5.022   1.00 22.25 ? 23 ALA D CA  1 
ATOM 427  C C   . ALA B 1 23 ? 5.020   -1.404  4.282   1.00 26.55 ? 23 ALA D C   1 
ATOM 428  O O   . ALA B 1 23 ? 5.491   -2.437  4.755   1.00 42.97 ? 23 ALA D O   1 
ATOM 429  C CB  . ALA B 1 23 ? 4.543   0.158   6.150   1.00 22.28 ? 23 ALA D CB  1 
ATOM 430  N N   . MET B 1 24 ? 5.402   -0.910  3.113   1.00 23.22 ? 24 MET D N   1 
ATOM 431  C CA  . MET B 1 24 ? 6.558   -1.438  2.409   1.00 24.27 ? 24 MET D CA  1 
ATOM 432  C C   . MET B 1 24 ? 7.479   -0.295  2.027   1.00 29.61 ? 24 MET D C   1 
ATOM 433  O O   . MET B 1 24 ? 7.018   0.763   1.601   1.00 43.73 ? 24 MET D O   1 
ATOM 434  C CB  . MET B 1 24 ? 6.147   -2.226  1.164   1.00 24.18 ? 24 MET D CB  1 
ATOM 435  C CG  . MET B 1 24 ? 5.780   -3.668  1.460   1.00 35.58 ? 24 MET D CG  1 
ATOM 436  S SD  . MET B 1 24 ? 4.979   -4.535  0.108   1.00 43.74 ? 24 MET D SD  1 
ATOM 437  C CE  . MET B 1 24 ? 6.278   -4.498  -1.107  1.00 40.54 ? 24 MET D CE  1 
ATOM 438  N N   . ALA B 1 25 ? 8.778   -0.505  2.192   1.00 32.95 ? 25 ALA D N   1 
ATOM 439  C CA  . ALA B 1 25 ? 9.775   0.461   1.767   1.00 27.92 ? 25 ALA D CA  1 
ATOM 440  C C   . ALA B 1 25 ? 10.963  -0.280  1.188   1.00 33.50 ? 25 ALA D C   1 
ATOM 441  O O   . ALA B 1 25 ? 11.396  -1.289  1.740   1.00 47.31 ? 25 ALA D O   1 
ATOM 442  C CB  . ALA B 1 25 ? 10.233  1.339   2.928   1.00 28.18 ? 25 ALA D CB  1 
ATOM 443  N N   . ALA B 1 26 ? 11.492  0.222   0.082   1.00 31.25 ? 26 ALA D N   1 
ATOM 444  C CA  . ALA B 1 26 ? 12.677  -0.374  -0.512  1.00 34.29 ? 26 ALA D CA  1 
ATOM 445  C C   . ALA B 1 26 ? 13.384  0.693   -1.328  1.00 37.79 ? 26 ALA D C   1 
ATOM 446  O O   . ALA B 1 26 ? 12.967  1.849   -1.363  1.00 47.15 ? 26 ALA D O   1 
ATOM 447  C CB  . ALA B 1 26 ? 12.319  -1.590  -1.362  1.00 38.41 ? 26 ALA D CB  1 
ATOM 448  N N   . SER B 1 27 ? 14.468  0.295   -1.985  1.00 40.57 ? 27 SER D N   1 
ATOM 449  C CA  . SER B 1 27 ? 14.941  1.040   -3.137  1.00 43.67 ? 27 SER D CA  1 
ATOM 450  C C   . SER B 1 27 ? 14.280  0.570   -4.423  1.00 48.24 ? 27 SER D C   1 
ATOM 451  O O   . SER B 1 27 ? 13.928  1.397   -5.266  1.00 53.69 ? 27 SER D O   1 
ATOM 452  C CB  . SER B 1 27 ? 16.462  0.941   -3.248  1.00 43.20 ? 27 SER D CB  1 
ATOM 453  O OG  . SER B 1 27 ? 16.845  -0.206  -3.975  1.00 46.17 ? 27 SER D OG  1 
ATOM 454  N N   . ASP B 1 28 ? 14.094  -0.736  -4.593  1.00 44.16 ? 28 ASP D N   1 
ATOM 455  C CA  . ASP B 1 28 ? 13.260  -1.278  -5.654  1.00 45.58 ? 28 ASP D CA  1 
ATOM 456  C C   . ASP B 1 28 ? 12.221  -2.209  -5.057  1.00 41.89 ? 28 ASP D C   1 
ATOM 457  O O   . ASP B 1 28 ? 12.533  -3.010  -4.178  1.00 53.15 ? 28 ASP D O   1 
ATOM 458  C CB  . ASP B 1 28 ? 14.079  -2.070  -6.673  1.00 49.45 ? 28 ASP D CB  1 
ATOM 459  C CG  . ASP B 1 28 ? 15.101  -1.226  -7.401  1.00 59.52 ? 28 ASP D CG  1 
ATOM 460  O OD1 . ASP B 1 28 ? 15.189  -0.012  -7.139  1.00 64.01 ? 28 ASP D OD1 1 
ATOM 461  O OD2 . ASP B 1 28 ? 15.828  -1.787  -8.245  1.00 61.72 ? 28 ASP D OD2 1 
ATOM 462  N N   . ILE B 1 29 ? 10.988  -2.109  -5.542  1.00 41.85 ? 29 ILE D N   1 
ATOM 463  C CA  . ILE B 1 29 ? 9.949   -3.098  -5.286  1.00 41.96 ? 29 ILE D CA  1 
ATOM 464  C C   . ILE B 1 29 ? 9.549   -3.713  -6.616  1.00 45.62 ? 29 ILE D C   1 
ATOM 465  O O   . ILE B 1 29 ? 9.210   -2.989  -7.555  1.00 50.11 ? 29 ILE D O   1 
ATOM 466  C CB  . ILE B 1 29 ? 8.733   -2.479  -4.577  1.00 42.28 ? 29 ILE D CB  1 
ATOM 467  C CG1 . ILE B 1 29 ? 9.128   -1.939  -3.208  1.00 39.71 ? 29 ILE D CG1 1 
ATOM 468  C CG2 . ILE B 1 29 ? 7.620   -3.483  -4.448  1.00 39.99 ? 29 ILE D CG2 1 
ATOM 469  C CD1 . ILE B 1 29 ? 8.029   -1.175  -2.536  1.00 40.18 ? 29 ILE D CD1 1 
ATOM 470  N N   . SER B 1 30 ? 9.601   -5.037  -6.703  1.00 42.33 ? 30 SER D N   1 
ATOM 471  C CA  . SER B 1 30 ? 9.147   -5.766  -7.880  1.00 42.90 ? 30 SER D CA  1 
ATOM 472  C C   . SER B 1 30 ? 8.097   -6.781  -7.465  1.00 41.52 ? 30 SER D C   1 
ATOM 473  O O   . SER B 1 30 ? 8.365   -7.634  -6.618  1.00 48.03 ? 30 SER D O   1 
ATOM 474  C CB  . SER B 1 30 ? 10.312  -6.460  -8.576  1.00 42.63 ? 30 SER D CB  1 
ATOM 475  O OG  . SER B 1 30 ? 9.864   -7.147  -9.726  1.00 45.72 ? 30 SER D OG  1 
ATOM 476  N N   . LEU B 1 31 ? 6.914   -6.701  -8.063  1.00 45.81 ? 31 LEU D N   1 
ATOM 477  C CA  . LEU B 1 31 ? 5.876   -7.708  -7.884  1.00 48.41 ? 31 LEU D CA  1 
ATOM 478  C C   . LEU B 1 31 ? 5.585   -8.353  -9.226  1.00 50.08 ? 31 LEU D C   1 
ATOM 479  O O   . LEU B 1 31 ? 5.199   -7.664  -10.175 1.00 54.60 ? 31 LEU D O   1 
ATOM 480  C CB  . LEU B 1 31 ? 4.605   -7.095  -7.299  1.00 49.07 ? 31 LEU D CB  1 
ATOM 481  C CG  . LEU B 1 31 ? 4.754   -6.472  -5.913  1.00 50.21 ? 31 LEU D CG  1 
ATOM 482  C CD1 . LEU B 1 31 ? 4.622   -4.971  -5.977  1.00 51.66 ? 31 LEU D CD1 1 
ATOM 483  C CD2 . LEU B 1 31 ? 3.726   -7.040  -4.979  1.00 49.20 ? 31 LEU D CD2 1 
ATOM 484  N N   . LEU B 1 32 ? 5.771   -9.664  -9.309  1.00 60.85 ? 32 LEU D N   1 
ATOM 485  C CA  . LEU B 1 32 ? 5.345   -10.447 -10.461 1.00 60.42 ? 32 LEU D CA  1 
ATOM 486  C C   . LEU B 1 32 ? 4.211   -11.357 -10.018 1.00 60.72 ? 32 LEU D C   1 
ATOM 487  O O   . LEU B 1 32 ? 4.389   -12.175 -9.113  1.00 67.86 ? 32 LEU D O   1 
ATOM 488  C CB  . LEU B 1 32 ? 6.497   -11.271 -11.031 1.00 62.72 ? 32 LEU D CB  1 
ATOM 489  C CG  . LEU B 1 32 ? 7.888   -10.642 -11.161 1.00 64.13 ? 32 LEU D CG  1 
ATOM 490  C CD1 . LEU B 1 32 ? 8.790   -11.534 -11.990 1.00 63.78 ? 32 LEU D CD1 1 
ATOM 491  C CD2 . LEU B 1 32 ? 7.848   -9.253  -11.753 1.00 63.85 ? 32 LEU D CD2 1 
ATOM 492  N N   . ASP B 1 33 ? 3.054   -11.214 -10.650 1.00 72.00 ? 33 ASP D N   1 
ATOM 493  C CA  . ASP B 1 33 ? 1.806   -11.736 -10.118 1.00 75.22 ? 33 ASP D CA  1 
ATOM 494  C C   . ASP B 1 33 ? 1.091   -12.480 -11.234 1.00 80.38 ? 33 ASP D C   1 
ATOM 495  O O   . ASP B 1 33 ? 0.964   -11.960 -12.346 1.00 81.54 ? 33 ASP D O   1 
ATOM 496  C CB  . ASP B 1 33 ? 0.937   -10.603 -9.566  1.00 77.51 ? 33 ASP D CB  1 
ATOM 497  C CG  . ASP B 1 33 ? -0.384  -11.087 -8.997  1.00 79.93 ? 33 ASP D CG  1 
ATOM 498  O OD1 . ASP B 1 33 ? -0.710  -12.285 -9.116  1.00 80.54 ? 33 ASP D OD1 1 
ATOM 499  O OD2 . ASP B 1 33 ? -1.107  -10.254 -8.416  1.00 81.66 ? 33 ASP D OD2 1 
ATOM 500  N N   . ALA B 1 34 ? 0.629   -13.690 -10.940 1.00 86.82 ? 34 ALA D N   1 
ATOM 501  C CA  . ALA B 1 34 ? -0.183  -14.443 -11.885 1.00 84.74 ? 34 ALA D CA  1 
ATOM 502  C C   . ALA B 1 34 ? -1.301  -15.194 -11.172 1.00 85.09 ? 34 ALA D C   1 
ATOM 503  O O   . ALA B 1 34 ? -1.054  -16.185 -10.486 1.00 83.94 ? 34 ALA D O   1 
ATOM 504  C CB  . ALA B 1 34 ? 0.679   -15.407 -12.672 1.00 82.27 ? 34 ALA D CB  1 
ATOM 505  N N   . LEU C 1 1  ? 14.824  11.821  -3.441  1.00 43.14 ? 1  LEU C N   1 
ATOM 506  C CA  . LEU C 1 1  ? 13.457  11.422  -3.139  1.00 45.65 ? 1  LEU C CA  1 
ATOM 507  C C   . LEU C 1 1  ? 13.214  11.385  -1.639  1.00 43.36 ? 1  LEU C C   1 
ATOM 508  O O   . LEU C 1 1  ? 13.830  10.608  -0.927  1.00 42.07 ? 1  LEU C O   1 
ATOM 509  C CB  . LEU C 1 1  ? 13.162  10.064  -3.769  1.00 45.35 ? 1  LEU C CB  1 
ATOM 510  C CG  . LEU C 1 1  ? 11.800  9.434   -3.498  1.00 43.87 ? 1  LEU C CG  1 
ATOM 511  C CD1 . LEU C 1 1  ? 10.688  10.366  -3.864  1.00 43.58 ? 1  LEU C CD1 1 
ATOM 512  C CD2 . LEU C 1 1  ? 11.682  8.162   -4.293  1.00 43.10 ? 1  LEU C CD2 1 
ATOM 513  N N   . ILE C 1 2  ? 12.308  12.232  -1.163  1.00 42.96 ? 2  ILE C N   1 
ATOM 514  C CA  . ILE C 1 2  ? 11.829  12.199  0.212   1.00 42.42 ? 2  ILE C CA  1 
ATOM 515  C C   . ILE C 1 2  ? 10.342  11.899  0.192   1.00 44.18 ? 2  ILE C C   1 
ATOM 516  O O   . ILE C 1 2  ? 9.578   12.583  -0.495  1.00 49.88 ? 2  ILE C O   1 
ATOM 517  C CB  . ILE C 1 2  ? 12.099  13.530  0.933   1.00 42.39 ? 2  ILE C CB  1 
ATOM 518  C CG1 . ILE C 1 2  ? 13.599  13.755  1.078   1.00 43.51 ? 2  ILE C CG1 1 
ATOM 519  C CG2 . ILE C 1 2  ? 11.433  13.547  2.286   1.00 39.60 ? 2  ILE C CG2 1 
ATOM 520  C CD1 . ILE C 1 2  ? 13.964  15.182  1.333   1.00 41.01 ? 2  ILE C CD1 1 
ATOM 521  N N   . VAL C 1 3  ? 9.933   10.885  0.946   1.00 34.48 ? 3  VAL C N   1 
ATOM 522  C CA  . VAL C 1 3  ? 8.550   10.430  0.973   1.00 36.00 ? 3  VAL C CA  1 
ATOM 523  C C   . VAL C 1 3  ? 8.080   10.404  2.416   1.00 35.26 ? 3  VAL C C   1 
ATOM 524  O O   . VAL C 1 3  ? 8.798   9.918   3.293   1.00 43.58 ? 3  VAL C O   1 
ATOM 525  C CB  . VAL C 1 3  ? 8.396   9.040   0.335   1.00 34.68 ? 3  VAL C CB  1 
ATOM 526  C CG1 . VAL C 1 3  ? 6.953   8.623   0.351   1.00 35.89 ? 3  VAL C CG1 1 
ATOM 527  C CG2 . VAL C 1 3  ? 8.924   9.041   -1.079  1.00 33.34 ? 3  VAL C CG2 1 
ATOM 528  N N   . THR C 1 4  ? 6.903   10.959  2.674   1.00 36.53 ? 4  THR C N   1 
ATOM 529  C CA  . THR C 1 4  ? 6.262   10.854  3.978   1.00 39.55 ? 4  THR C CA  1 
ATOM 530  C C   . THR C 1 4  ? 4.835   10.388  3.760   1.00 39.58 ? 4  THR C C   1 
ATOM 531  O O   . THR C 1 4  ? 4.084   11.032  3.028   1.00 50.57 ? 4  THR C O   1 
ATOM 532  C CB  . THR C 1 4  ? 6.288   12.195  4.709   1.00 46.07 ? 4  THR C CB  1 
ATOM 533  O OG1 . THR C 1 4  ? 7.641   12.553  5.002   1.00 50.02 ? 4  THR C OG1 1 
ATOM 534  C CG2 . THR C 1 4  ? 5.498   12.119  5.995   1.00 41.79 ? 4  THR C CG2 1 
ATOM 535  N N   . GLN C 1 5  ? 4.455   9.280   4.388   1.00 30.58 ? 5  GLN C N   1 
ATOM 536  C CA  . GLN C 1 5  ? 3.094   8.771   4.282   1.00 29.18 ? 5  GLN C CA  1 
ATOM 537  C C   . GLN C 1 5  ? 2.522   8.580   5.675   1.00 35.13 ? 5  GLN C C   1 
ATOM 538  O O   . GLN C 1 5  ? 3.090   7.844   6.480   1.00 47.70 ? 5  GLN C O   1 
ATOM 539  C CB  . GLN C 1 5  ? 3.083   7.469   3.490   1.00 29.14 ? 5  GLN C CB  1 
ATOM 540  C CG  . GLN C 1 5  ? 3.800   7.617   2.169   1.00 32.39 ? 5  GLN C CG  1 
ATOM 541  C CD  . GLN C 1 5  ? 3.654   6.427   1.281   1.00 34.99 ? 5  GLN C CD  1 
ATOM 542  O OE1 . GLN C 1 5  ? 2.880   5.535   1.564   1.00 44.73 ? 5  GLN C OE1 1 
ATOM 543  N NE2 . GLN C 1 5  ? 4.390   6.408   0.189   1.00 39.68 ? 5  GLN C NE2 1 
ATOM 544  N N   . THR C 1 6  ? 1.393   9.222   5.952   1.00 39.96 ? 6  THR C N   1 
ATOM 545  C CA  . THR C 1 6  ? 0.775   9.198   7.271   1.00 45.39 ? 6  THR C CA  1 
ATOM 546  C C   . THR C 1 6  ? -0.671  8.750   7.144   1.00 43.77 ? 6  THR C C   1 
ATOM 547  O O   . THR C 1 6  ? -1.408  9.281   6.314   1.00 48.29 ? 6  THR C O   1 
ATOM 548  C CB  . THR C 1 6  ? 0.838   10.576  7.927   1.00 47.71 ? 6  THR C CB  1 
ATOM 549  O OG1 . THR C 1 6  ? 2.200   10.909  8.211   1.00 48.36 ? 6  THR C OG1 1 
ATOM 550  C CG2 . THR C 1 6  ? 0.057   10.583  9.220   1.00 44.31 ? 6  THR C CG2 1 
ATOM 551  N N   . MET C 1 7  ? -1.076  7.777   7.953   1.00 41.37 ? 7  MET C N   1 
ATOM 552  C CA  . MET C 1 7  ? -2.454  7.306   7.966   1.00 39.94 ? 7  MET C CA  1 
ATOM 553  C C   . MET C 1 7  ? -2.969  7.283   9.393   1.00 44.46 ? 7  MET C C   1 
ATOM 554  O O   . MET C 1 7  ? -2.273  6.811   10.294  1.00 53.75 ? 7  MET C O   1 
ATOM 555  C CB  . MET C 1 7  ? -2.571  5.932   7.316   1.00 38.16 ? 7  MET C CB  1 
ATOM 556  C CG  . MET C 1 7  ? -2.016  5.947   5.916   1.00 42.85 ? 7  MET C CG  1 
ATOM 557  S SD  . MET C 1 7  ? -2.428  4.552   4.882   1.00 53.83 ? 7  MET C SD  1 
ATOM 558  C CE  . MET C 1 7  ? -1.521  5.020   3.419   1.00 47.77 ? 7  MET C CE  1 
ATOM 559  N N   . LYS C 1 8  ? -4.180  7.795   9.604   1.00 39.99 ? 8  LYS C N   1 
ATOM 560  C CA  . LYS C 1 8  ? -4.758  7.883   10.935  1.00 40.77 ? 8  LYS C CA  1 
ATOM 561  C C   . LYS C 1 8  ? -6.217  7.462   10.914  1.00 41.92 ? 8  LYS C C   1 
ATOM 562  O O   . LYS C 1 8  ? -6.974  7.859   10.030  1.00 44.28 ? 8  LYS C O   1 
ATOM 563  C CB  . LYS C 1 8  ? -4.654  9.301   11.493  1.00 36.14 ? 8  LYS C CB  1 
ATOM 564  C CG  . LYS C 1 8  ? -3.254  9.863   11.502  1.00 42.45 ? 8  LYS C CG  1 
ATOM 565  C CD  . LYS C 1 8  ? -3.193  11.194  12.216  1.00 45.43 ? 8  LYS C CD  1 
ATOM 566  C CE  . LYS C 1 8  ? -1.787  11.766  12.174  1.00 48.09 ? 8  LYS C CE  1 
ATOM 567  N NZ  . LYS C 1 8  ? -1.664  13.036  12.938  1.00 49.14 ? 8  LYS C NZ  1 
ATOM 568  N N   . GLY C 1 9  ? -6.604  6.660   11.897  1.00 45.60 ? 9  GLY C N   1 
ATOM 569  C CA  . GLY C 1 9  ? -8.004  6.342   12.121  1.00 42.91 ? 9  GLY C CA  1 
ATOM 570  C C   . GLY C 1 9  ? -8.699  5.595   11.006  1.00 41.22 ? 9  GLY C C   1 
ATOM 571  O O   . GLY C 1 9  ? -9.880  5.847   10.743  1.00 48.60 ? 9  GLY C O   1 
ATOM 572  N N   . LEU C 1 10 ? -8.004  4.677   10.344  1.00 37.42 ? 10 LEU C N   1 
ATOM 573  C CA  . LEU C 1 10 ? -8.647  3.824   9.355   1.00 36.52 ? 10 LEU C CA  1 
ATOM 574  C C   . LEU C 1 10 ? -9.372  2.666   10.023  1.00 40.37 ? 10 LEU C C   1 
ATOM 575  O O   . LEU C 1 10 ? -8.874  2.080   10.983  1.00 49.58 ? 10 LEU C O   1 
ATOM 576  C CB  . LEU C 1 10 ? -7.621  3.270   8.371   1.00 38.19 ? 10 LEU C CB  1 
ATOM 577  C CG  . LEU C 1 10 ? -6.531  4.193   7.837   1.00 42.28 ? 10 LEU C CG  1 
ATOM 578  C CD1 . LEU C 1 10 ? -5.751  3.493   6.752   1.00 37.33 ? 10 LEU C CD1 1 
ATOM 579  C CD2 . LEU C 1 10 ? -7.074  5.508   7.352   1.00 46.72 ? 10 LEU C CD2 1 
ATOM 580  N N   . ASP C 1 11 ? -10.558 2.338   9.520   1.00 41.71 ? 11 ASP C N   1 
ATOM 581  C CA  . ASP C 1 11 ? -11.190 1.052   9.781   1.00 43.91 ? 11 ASP C CA  1 
ATOM 582  C C   . ASP C 1 11 ? -11.188 0.240   8.497   1.00 42.03 ? 11 ASP C C   1 
ATOM 583  O O   . ASP C 1 11 ? -11.685 0.706   7.472   1.00 51.86 ? 11 ASP C O   1 
ATOM 584  C CB  . ASP C 1 11 ? -12.626 1.228   10.264  1.00 46.74 ? 11 ASP C CB  1 
ATOM 585  C CG  . ASP C 1 11 ? -12.709 1.917   11.597  1.00 52.37 ? 11 ASP C CG  1 
ATOM 586  O OD1 . ASP C 1 11 ? -11.721 2.564   11.992  1.00 54.70 ? 11 ASP C OD1 1 
ATOM 587  O OD2 . ASP C 1 11 ? -13.765 1.813   12.250  1.00 52.06 ? 11 ASP C OD2 1 
ATOM 588  N N   . ILE C 1 12 ? -10.640 -0.965  8.548   1.00 31.58 ? 12 ILE C N   1 
ATOM 589  C CA  . ILE C 1 12 ? -10.549 -1.835  7.383   1.00 33.35 ? 12 ILE C CA  1 
ATOM 590  C C   . ILE C 1 12 ? -11.193 -3.164  7.744   1.00 33.31 ? 12 ILE C C   1 
ATOM 591  O O   . ILE C 1 12 ? -10.800 -3.795  8.729   1.00 47.64 ? 12 ILE C O   1 
ATOM 592  C CB  . ILE C 1 12 ? -9.100  -2.019  6.924   1.00 35.50 ? 12 ILE C CB  1 
ATOM 593  C CG1 . ILE C 1 12 ? -8.485  -0.665  6.606   1.00 38.61 ? 12 ILE C CG1 1 
ATOM 594  C CG2 . ILE C 1 12 ? -9.056  -2.855  5.693   1.00 36.02 ? 12 ILE C CG2 1 
ATOM 595  C CD1 . ILE C 1 12 ? -7.020  -0.726  6.337   1.00 36.15 ? 12 ILE C CD1 1 
ATOM 596  N N   . GLN C 1 13 ? -12.184 -3.585  6.968   1.00 38.35 ? 13 GLN C N   1 
ATOM 597  C CA  . GLN C 1 13 ? -13.087 -4.624  7.432   1.00 36.80 ? 13 GLN C CA  1 
ATOM 598  C C   . GLN C 1 13 ? -13.472 -5.566  6.300   1.00 38.38 ? 13 GLN C C   1 
ATOM 599  O O   . GLN C 1 13 ? -13.734 -5.127  5.181   1.00 38.23 ? 13 GLN C O   1 
ATOM 600  C CB  . GLN C 1 13 ? -14.336 -3.992  8.043   1.00 39.17 ? 13 GLN C CB  1 
ATOM 601  C CG  . GLN C 1 13 ? -15.349 -4.964  8.563   1.00 41.04 ? 13 GLN C CG  1 
ATOM 602  C CD  . GLN C 1 13 ? -16.271 -4.317  9.566   1.00 43.99 ? 13 GLN C CD  1 
ATOM 603  O OE1 . GLN C 1 13 ? -15.832 -3.549  10.416  1.00 43.73 ? 13 GLN C OE1 1 
ATOM 604  N NE2 . GLN C 1 13 ? -17.554 -4.631  9.483   1.00 40.80 ? 13 GLN C NE2 1 
ATOM 605  N N   . LYS C 1 14 ? -13.472 -6.863  6.598   1.00 32.52 ? 14 LYS C N   1 
ATOM 606  C CA  . LYS C 1 14 ? -13.919 -7.912  5.678   1.00 35.65 ? 14 LYS C CA  1 
ATOM 607  C C   . LYS C 1 14 ? -13.130 -7.957  4.369   1.00 38.94 ? 14 LYS C C   1 
ATOM 608  O O   . LYS C 1 14 ? -13.676 -8.264  3.311   1.00 38.34 ? 14 LYS C O   1 
ATOM 609  C CB  . LYS C 1 14 ? -15.412 -7.769  5.399   1.00 35.54 ? 14 LYS C CB  1 
ATOM 610  C CG  . LYS C 1 14 ? -16.265 -7.977  6.627   1.00 36.58 ? 14 LYS C CG  1 
ATOM 611  C CD  . LYS C 1 14 ? -17.734 -7.840  6.333   1.00 40.99 ? 14 LYS C CD  1 
ATOM 612  C CE  . LYS C 1 14 ? -18.556 -8.194  7.553   1.00 41.86 ? 14 LYS C CE  1 
ATOM 613  N NZ  . LYS C 1 14 ? -20.013 -8.043  7.321   1.00 42.35 ? 14 LYS C NZ  1 
ATOM 614  N N   . VAL C 1 15 ? -11.835 -7.668  4.436   1.00 39.12 ? 15 VAL C N   1 
ATOM 615  C CA  . VAL C 1 15 ? -10.958 -7.795  3.274   1.00 37.57 ? 15 VAL C CA  1 
ATOM 616  C C   . VAL C 1 15 ? -10.786 -9.270  2.925   1.00 38.69 ? 15 VAL C C   1 
ATOM 617  O O   . VAL C 1 15 ? -10.188 -10.029 3.688   1.00 41.08 ? 15 VAL C O   1 
ATOM 618  C CB  . VAL C 1 15 ? -9.605  -7.131  3.518   1.00 32.10 ? 15 VAL C CB  1 
ATOM 619  C CG1 . VAL C 1 15 ? -8.739  -7.275  2.292   1.00 29.92 ? 15 VAL C CG1 1 
ATOM 620  C CG2 . VAL C 1 15 ? -9.813  -5.684  3.827   1.00 30.44 ? 15 VAL C CG2 1 
ATOM 621  N N   . ALA C 1 16 ? -11.302 -9.682  1.773   1.00 42.15 ? 16 ALA C N   1 
ATOM 622  C CA  . ALA C 1 16 ? -10.995 -10.993 1.227   1.00 39.38 ? 16 ALA C CA  1 
ATOM 623  C C   . ALA C 1 16 ? -9.830  -10.902 0.243   1.00 43.78 ? 16 ALA C C   1 
ATOM 624  O O   . ALA C 1 16 ? -9.243  -9.842  0.024   1.00 46.58 ? 16 ALA C O   1 
ATOM 625  C CB  . ALA C 1 16 ? -12.230 -11.594 0.565   1.00 38.50 ? 16 ALA C CB  1 
ATOM 626  N N   . GLY C 1 17 ? -9.500  -12.030 -0.370  1.00 44.68 ? 17 GLY C N   1 
ATOM 627  C CA  . GLY C 1 17 ? -8.562  -12.032 -1.484  1.00 41.87 ? 17 GLY C CA  1 
ATOM 628  C C   . GLY C 1 17 ? -7.136  -11.763 -1.048  1.00 42.60 ? 17 GLY C C   1 
ATOM 629  O O   . GLY C 1 17 ? -6.639  -12.362 -0.093  1.00 44.70 ? 17 GLY C O   1 
ATOM 630  N N   . THR C 1 18 ? -6.462  -10.848 -1.741  1.00 39.02 ? 18 THR C N   1 
ATOM 631  C CA  . THR C 1 18 ? -5.044  -10.590 -1.531  1.00 37.98 ? 18 THR C CA  1 
ATOM 632  C C   . THR C 1 18 ? -4.824  -9.111  -1.270  1.00 35.69 ? 18 THR C C   1 
ATOM 633  O O   . THR C 1 18 ? -5.385  -8.264  -1.963  1.00 47.37 ? 18 THR C O   1 
ATOM 634  C CB  . THR C 1 18 ? -4.227  -11.023 -2.739  1.00 37.08 ? 18 THR C CB  1 
ATOM 635  O OG1 . THR C 1 18 ? -4.488  -12.402 -3.013  1.00 45.50 ? 18 THR C OG1 1 
ATOM 636  C CG2 . THR C 1 18 ? -2.756  -10.839 -2.486  1.00 32.07 ? 18 THR C CG2 1 
ATOM 637  N N   . TRP C 1 19 ? -4.004  -8.803  -0.272  1.00 31.43 ? 19 TRP C N   1 
ATOM 638  C CA  . TRP C 1 19 ? -3.799  -7.428  0.169   1.00 34.19 ? 19 TRP C CA  1 
ATOM 639  C C   . TRP C 1 19 ? -2.323  -7.213  0.470   1.00 38.57 ? 19 TRP C C   1 
ATOM 640  O O   . TRP C 1 19 ? -1.804  -7.782  1.429   1.00 45.64 ? 19 TRP C O   1 
ATOM 641  C CB  . TRP C 1 19 ? -4.673  -7.136  1.385   1.00 32.81 ? 19 TRP C CB  1 
ATOM 642  C CG  . TRP C 1 19 ? -4.483  -5.806  1.986   1.00 38.06 ? 19 TRP C CG  1 
ATOM 643  C CD1 . TRP C 1 19 ? -3.896  -4.723  1.423   1.00 37.47 ? 19 TRP C CD1 1 
ATOM 644  C CD2 . TRP C 1 19 ? -4.896  -5.405  3.289   1.00 42.62 ? 19 TRP C CD2 1 
ATOM 645  N NE1 . TRP C 1 19 ? -3.903  -3.673  2.296   1.00 36.65 ? 19 TRP C NE1 1 
ATOM 646  C CE2 . TRP C 1 19 ? -4.521  -4.067  3.451   1.00 42.98 ? 19 TRP C CE2 1 
ATOM 647  C CE3 . TRP C 1 19 ? -5.549  -6.051  4.338   1.00 39.87 ? 19 TRP C CE3 1 
ATOM 648  C CZ2 . TRP C 1 19 ? -4.769  -3.365  4.618   1.00 40.79 ? 19 TRP C CZ2 1 
ATOM 649  C CZ3 . TRP C 1 19 ? -5.797  -5.352  5.489   1.00 37.51 ? 19 TRP C CZ3 1 
ATOM 650  C CH2 . TRP C 1 19 ? -5.410  -4.024  5.623   1.00 39.37 ? 19 TRP C CH2 1 
ATOM 651  N N   . TYR C 1 20 ? -1.648  -6.398  -0.341  1.00 31.86 ? 20 TYR C N   1 
ATOM 652  C CA  . TYR C 1 20 ? -0.203  -6.243  -0.225  1.00 32.95 ? 20 TYR C CA  1 
ATOM 653  C C   . TYR C 1 20 ? 0.238   -5.193  0.784   1.00 37.28 ? 20 TYR C C   1 
ATOM 654  O O   . TYR C 1 20 ? 1.234   -5.403  1.478   1.00 47.47 ? 20 TYR C O   1 
ATOM 655  C CB  . TYR C 1 20 ? 0.399   -5.923  -1.593  1.00 31.72 ? 20 TYR C CB  1 
ATOM 656  C CG  . TYR C 1 20 ? 0.240   -7.038  -2.583  1.00 37.72 ? 20 TYR C CG  1 
ATOM 657  C CD1 . TYR C 1 20 ? -0.904  -7.164  -3.344  1.00 36.86 ? 20 TYR C CD1 1 
ATOM 658  C CD2 . TYR C 1 20 ? 1.248   -7.959  -2.768  1.00 39.84 ? 20 TYR C CD2 1 
ATOM 659  C CE1 . TYR C 1 20 ? -1.035  -8.176  -4.254  1.00 39.30 ? 20 TYR C CE1 1 
ATOM 660  C CE2 . TYR C 1 20 ? 1.120   -8.978  -3.667  1.00 38.33 ? 20 TYR C CE2 1 
ATOM 661  C CZ  . TYR C 1 20 ? -0.019  -9.083  -4.409  1.00 42.85 ? 20 TYR C CZ  1 
ATOM 662  O OH  . TYR C 1 20 ? -0.147  -10.117 -5.300  1.00 44.79 ? 20 TYR C OH  1 
ATOM 663  N N   . SER C 1 21 ? -0.452  -4.063  0.887   1.00 36.95 ? 21 SER C N   1 
ATOM 664  C CA  . SER C 1 21 ? -0.004  -3.005  1.787   1.00 36.02 ? 21 SER C CA  1 
ATOM 665  C C   . SER C 1 21 ? -1.129  -1.995  1.968   1.00 36.01 ? 21 SER C C   1 
ATOM 666  O O   . SER C 1 21 ? -2.184  -2.092  1.337   1.00 32.32 ? 21 SER C O   1 
ATOM 667  C CB  . SER C 1 21 ? 1.267   -2.332  1.274   1.00 31.12 ? 21 SER C CB  1 
ATOM 668  O OG  . SER C 1 21 ? 0.985   -1.500  0.177   1.00 36.46 ? 21 SER C OG  1 
ATOM 669  N N   . LEU C 1 22 ? -0.900  -1.037  2.863   1.00 33.39 ? 22 LEU C N   1 
ATOM 670  C CA  . LEU C 1 22 ? -1.525  0.275   2.774   1.00 29.12 ? 22 LEU C CA  1 
ATOM 671  C C   . LEU C 1 22 ? -0.616  1.334   2.179   1.00 35.26 ? 22 LEU C C   1 
ATOM 672  O O   . LEU C 1 22 ? -1.111  2.266   1.544   1.00 46.72 ? 22 LEU C O   1 
ATOM 673  C CB  . LEU C 1 22 ? -1.970  0.754   4.158   1.00 29.49 ? 22 LEU C CB  1 
ATOM 674  C CG  . LEU C 1 22 ? -3.110  0.029   4.855   1.00 30.72 ? 22 LEU C CG  1 
ATOM 675  C CD1 . LEU C 1 22 ? -3.411  0.707   6.164   1.00 33.84 ? 22 LEU C CD1 1 
ATOM 676  C CD2 . LEU C 1 22 ? -4.322  0.032   3.975   1.00 30.63 ? 22 LEU C CD2 1 
ATOM 677  N N   . ALA C 1 23 ? 0.689   1.227   2.381   1.00 31.40 ? 23 ALA C N   1 
ATOM 678  C CA  . ALA C 1 23 ? 1.644   2.228   1.936   1.00 21.55 ? 23 ALA C CA  1 
ATOM 679  C C   . ALA C 1 23 ? 2.782   1.534   1.216   1.00 28.06 ? 23 ALA C C   1 
ATOM 680  O O   . ALA C 1 23 ? 3.290   0.520   1.698   1.00 43.70 ? 23 ALA C O   1 
ATOM 681  C CB  . ALA C 1 23 ? 2.176   3.024   3.118   1.00 25.36 ? 23 ALA C CB  1 
ATOM 682  N N   . MET C 1 24 ? 3.184   2.061   0.072   1.00 25.95 ? 24 MET C N   1 
ATOM 683  C CA  . MET C 1 24 ? 4.372   1.580   -0.612  1.00 28.54 ? 24 MET C CA  1 
ATOM 684  C C   . MET C 1 24 ? 5.250   2.767   -0.957  1.00 31.39 ? 24 MET C C   1 
ATOM 685  O O   . MET C 1 24 ? 4.750   3.823   -1.342  1.00 44.07 ? 24 MET C O   1 
ATOM 686  C CB  . MET C 1 24 ? 4.011   0.796   -1.878  1.00 28.00 ? 24 MET C CB  1 
ATOM 687  C CG  . MET C 1 24 ? 3.752   -0.676  -1.624  1.00 36.70 ? 24 MET C CG  1 
ATOM 688  S SD  . MET C 1 24 ? 2.959   -1.537  -2.988  1.00 42.74 ? 24 MET C SD  1 
ATOM 689  C CE  . MET C 1 24 ? 4.120   -1.201  -4.290  1.00 39.51 ? 24 MET C CE  1 
ATOM 690  N N   . ALA C 1 25 ? 6.554   2.599   -0.802  1.00 30.78 ? 25 ALA C N   1 
ATOM 691  C CA  . ALA C 1 25 ? 7.516   3.602   -1.220  1.00 26.14 ? 25 ALA C CA  1 
ATOM 692  C C   . ALA C 1 25 ? 8.753   2.898   -1.740  1.00 34.14 ? 25 ALA C C   1 
ATOM 693  O O   . ALA C 1 25 ? 9.181   1.895   -1.172  1.00 49.94 ? 25 ALA C O   1 
ATOM 694  C CB  . ALA C 1 25 ? 7.888   4.541   -0.078  1.00 28.59 ? 25 ALA C CB  1 
ATOM 695  N N   . ALA C 1 26 ? 9.317   3.417   -2.817  1.00 32.09 ? 26 ALA C N   1 
ATOM 696  C CA  . ALA C 1 26 ? 10.544  2.868   -3.370  1.00 36.66 ? 26 ALA C CA  1 
ATOM 697  C C   . ALA C 1 26 ? 11.224  3.968   -4.163  1.00 39.44 ? 26 ALA C C   1 
ATOM 698  O O   . ALA C 1 26 ? 10.743  5.099   -4.222  1.00 45.15 ? 26 ALA C O   1 
ATOM 699  C CB  . ALA C 1 26 ? 10.265  1.634   -4.225  1.00 37.90 ? 26 ALA C CB  1 
ATOM 700  N N   . SER C 1 27 ? 12.357  3.635   -4.767  1.00 41.70 ? 27 SER C N   1 
ATOM 701  C CA  . SER C 1 27 ? 12.826  4.434   -5.888  1.00 43.53 ? 27 SER C CA  1 
ATOM 702  C C   . SER C 1 27 ? 12.219  3.969   -7.203  1.00 48.06 ? 27 SER C C   1 
ATOM 703  O O   . SER C 1 27 ? 11.865  4.801   -8.039  1.00 50.82 ? 27 SER C O   1 
ATOM 704  C CB  . SER C 1 27 ? 14.352  4.415   -5.963  1.00 41.66 ? 27 SER C CB  1 
ATOM 705  O OG  . SER C 1 27 ? 14.815  3.276   -6.658  1.00 45.45 ? 27 SER C OG  1 
ATOM 706  N N   . ASP C 1 28 ? 12.076  2.659   -7.403  1.00 47.02 ? 28 ASP C N   1 
ATOM 707  C CA  . ASP C 1 28 ? 11.294  2.114   -8.503  1.00 45.42 ? 28 ASP C CA  1 
ATOM 708  C C   . ASP C 1 28 ? 10.276  1.115   -7.982  1.00 44.39 ? 28 ASP C C   1 
ATOM 709  O O   . ASP C 1 28 ? 10.603  0.263   -7.156  1.00 55.66 ? 28 ASP C O   1 
ATOM 710  C CB  . ASP C 1 28 ? 12.177  1.389   -9.520  1.00 47.96 ? 28 ASP C CB  1 
ATOM 711  C CG  . ASP C 1 28 ? 13.201  2.289   -10.172 1.00 57.84 ? 28 ASP C CG  1 
ATOM 712  O OD1 . ASP C 1 28 ? 13.245  3.494   -9.868  1.00 60.23 ? 28 ASP C OD1 1 
ATOM 713  O OD2 . ASP C 1 28 ? 13.982  1.777   -11.001 1.00 60.88 ? 28 ASP C OD2 1 
ATOM 714  N N   . ILE C 1 29 ? 9.049   1.208   -8.480  1.00 41.18 ? 29 ILE C N   1 
ATOM 715  C CA  . ILE C 1 29 ? 8.026   0.189   -8.283  1.00 42.24 ? 29 ILE C CA  1 
ATOM 716  C C   . ILE C 1 29 ? 7.659   -0.380  -9.642  1.00 44.44 ? 29 ILE C C   1 
ATOM 717  O O   . ILE C 1 29 ? 7.324   0.373   -10.561 1.00 47.73 ? 29 ILE C O   1 
ATOM 718  C CB  . ILE C 1 29 ? 6.788   0.747   -7.564  1.00 40.38 ? 29 ILE C CB  1 
ATOM 719  C CG1 . ILE C 1 29 ? 7.172   1.253   -6.178  1.00 38.61 ? 29 ILE C CG1 1 
ATOM 720  C CG2 . ILE C 1 29 ? 5.717   -0.308  -7.471  1.00 38.90 ? 29 ILE C CG2 1 
ATOM 721  C CD1 . ILE C 1 29 ? 6.027   1.826   -5.406  1.00 37.20 ? 29 ILE C CD1 1 
ATOM 722  N N   . SER C 1 30 ? 7.723   -1.699  -9.773  1.00 43.06 ? 30 SER C N   1 
ATOM 723  C CA  . SER C 1 30 ? 7.286   -2.392  -10.975 1.00 46.48 ? 30 SER C CA  1 
ATOM 724  C C   . SER C 1 30 ? 6.280   -3.464  -10.596 1.00 45.38 ? 30 SER C C   1 
ATOM 725  O O   . SER C 1 30 ? 6.572   -4.312  -9.753  1.00 48.16 ? 30 SER C O   1 
ATOM 726  C CB  . SER C 1 30 ? 8.467   -3.018  -11.705 1.00 44.63 ? 30 SER C CB  1 
ATOM 727  O OG  . SER C 1 30 ? 8.027   -3.707  -12.856 1.00 48.34 ? 30 SER C OG  1 
ATOM 728  N N   . LEU C 1 31 ? 5.111   -3.438  -11.224 1.00 51.62 ? 31 LEU C N   1 
ATOM 729  C CA  . LEU C 1 31 ? 4.105   -4.476  -11.052 1.00 52.66 ? 31 LEU C CA  1 
ATOM 730  C C   . LEU C 1 31 ? 3.844   -5.139  -12.394 1.00 54.89 ? 31 LEU C C   1 
ATOM 731  O O   . LEU C 1 31 ? 3.441   -4.470  -13.347 1.00 56.93 ? 31 LEU C O   1 
ATOM 732  C CB  . LEU C 1 31 ? 2.809   -3.895  -10.491 1.00 52.30 ? 31 LEU C CB  1 
ATOM 733  C CG  . LEU C 1 31 ? 2.910   -3.202  -9.135  1.00 51.64 ? 31 LEU C CG  1 
ATOM 734  C CD1 . LEU C 1 31 ? 2.903   -1.701  -9.307  1.00 55.73 ? 31 LEU C CD1 1 
ATOM 735  C CD2 . LEU C 1 31 ? 1.768   -3.615  -8.256  1.00 49.54 ? 31 LEU C CD2 1 
ATOM 736  N N   . LEU C 1 32 ? 4.074   -6.444  -12.467 1.00 67.09 ? 32 LEU C N   1 
ATOM 737  C CA  . LEU C 1 32 ? 3.719   -7.240  -13.633 1.00 66.68 ? 32 LEU C CA  1 
ATOM 738  C C   . LEU C 1 32 ? 2.585   -8.178  -13.250 1.00 66.97 ? 32 LEU C C   1 
ATOM 739  O O   . LEU C 1 32 ? 2.730   -8.986  -12.330 1.00 71.93 ? 32 LEU C O   1 
ATOM 740  C CB  . LEU C 1 32 ? 4.917   -8.033  -14.152 1.00 67.15 ? 32 LEU C CB  1 
ATOM 741  C CG  . LEU C 1 32 ? 6.266   -7.325  -14.308 1.00 67.08 ? 32 LEU C CG  1 
ATOM 742  C CD1 . LEU C 1 32 ? 7.201   -8.166  -15.154 1.00 66.37 ? 32 LEU C CD1 1 
ATOM 743  C CD2 . LEU C 1 32 ? 6.122   -5.949  -14.913 1.00 67.16 ? 32 LEU C CD2 1 
ATOM 744  N N   . ASP C 1 33 ? 1.465   -8.074  -13.953 1.00 78.53 ? 33 ASP C N   1 
ATOM 745  C CA  . ASP C 1 33 ? 0.202   -8.628  -13.494 1.00 80.85 ? 33 ASP C CA  1 
ATOM 746  C C   . ASP C 1 33 ? -0.413  -9.426  -14.633 1.00 85.49 ? 33 ASP C C   1 
ATOM 747  O O   . ASP C 1 33 ? -0.481  -8.942  -15.765 1.00 85.00 ? 33 ASP C O   1 
ATOM 748  C CB  . ASP C 1 33 ? -0.743  -7.513  -13.035 1.00 82.35 ? 33 ASP C CB  1 
ATOM 749  C CG  . ASP C 1 33 ? -2.067  -8.033  -12.507 1.00 83.87 ? 33 ASP C CG  1 
ATOM 750  O OD1 . ASP C 1 33 ? -2.344  -9.246  -12.609 1.00 84.87 ? 33 ASP C OD1 1 
ATOM 751  O OD2 . ASP C 1 33 ? -2.841  -7.214  -11.975 1.00 84.10 ? 33 ASP C OD2 1 
ATOM 752  N N   . ALA C 1 34 ? -0.848  -10.645 -14.335 1.00 91.86 ? 34 ALA C N   1 
ATOM 753  C CA  . ALA C 1 34 ? -1.589  -11.447 -15.301 1.00 89.78 ? 34 ALA C CA  1 
ATOM 754  C C   . ALA C 1 34 ? -2.751  -12.168 -14.628 1.00 90.21 ? 34 ALA C C   1 
ATOM 755  O O   . ALA C 1 34 ? -2.576  -13.236 -14.043 1.00 90.06 ? 34 ALA C O   1 
ATOM 756  C CB  . ALA C 1 34 ? -0.672  -12.444 -15.976 1.00 87.85 ? 34 ALA C CB  1 
ATOM 757  N N   . LEU D 1 1  ? 12.321  15.315  -5.928  1.00 48.91 ? 1  LEU B N   1 
ATOM 758  C CA  . LEU D 1 1  ? 10.964  14.853  -5.676  1.00 50.50 ? 1  LEU B CA  1 
ATOM 759  C C   . LEU D 1 1  ? 10.689  14.777  -4.184  1.00 47.37 ? 1  LEU B C   1 
ATOM 760  O O   . LEU D 1 1  ? 11.324  14.015  -3.474  1.00 47.18 ? 1  LEU B O   1 
ATOM 761  C CB  . LEU D 1 1  ? 10.735  13.497  -6.342  1.00 48.95 ? 1  LEU B CB  1 
ATOM 762  C CG  . LEU D 1 1  ? 9.395   12.798  -6.130  1.00 47.16 ? 1  LEU B CG  1 
ATOM 763  C CD1 . LEU D 1 1  ? 8.247   13.684  -6.531  1.00 47.83 ? 1  LEU B CD1 1 
ATOM 764  C CD2 . LEU D 1 1  ? 9.367   11.535  -6.948  1.00 45.50 ? 1  LEU B CD2 1 
ATOM 765  N N   . ILE D 1 2  ? 9.737   15.576  -3.712  1.00 44.66 ? 2  ILE B N   1 
ATOM 766  C CA  . ILE D 1 2  ? 9.233   15.493  -2.348  1.00 43.48 ? 2  ILE B CA  1 
ATOM 767  C C   . ILE D 1 2  ? 7.764   15.119  -2.410  1.00 46.17 ? 2  ILE B C   1 
ATOM 768  O O   . ILE D 1 2  ? 6.982   15.780  -3.099  1.00 53.92 ? 2  ILE B O   1 
ATOM 769  C CB  . ILE D 1 2  ? 9.417   16.822  -1.600  1.00 43.73 ? 2  ILE B CB  1 
ATOM 770  C CG1 . ILE D 1 2  ? 10.899  17.136  -1.441  1.00 44.04 ? 2  ILE B CG1 1 
ATOM 771  C CG2 . ILE D 1 2  ? 8.717   16.788  -0.263  1.00 40.05 ? 2  ILE B CG2 1 
ATOM 772  C CD1 . ILE D 1 2  ? 11.170  18.538  -1.008  1.00 43.17 ? 2  ILE B CD1 1 
ATOM 773  N N   . VAL D 1 3  ? 7.386   14.074  -1.682  1.00 34.91 ? 3  VAL B N   1 
ATOM 774  C CA  . VAL D 1 3  ? 6.033   13.541  -1.713  1.00 36.56 ? 3  VAL B CA  1 
ATOM 775  C C   . VAL D 1 3  ? 5.500   13.511  -0.293  1.00 36.30 ? 3  VAL B C   1 
ATOM 776  O O   . VAL D 1 3  ? 6.187   13.045  0.619   1.00 44.41 ? 3  VAL B O   1 
ATOM 777  C CB  . VAL D 1 3  ? 5.992   12.133  -2.331  1.00 35.20 ? 3  VAL B CB  1 
ATOM 778  C CG1 . VAL D 1 3  ? 4.592   11.593  -2.301  1.00 34.34 ? 3  VAL B CG1 1 
ATOM 779  C CG2 . VAL D 1 3  ? 6.509   12.160  -3.749  1.00 30.67 ? 3  VAL B CG2 1 
ATOM 780  N N   . THR D 1 4  ? 4.299   14.039  -0.099  1.00 35.01 ? 4  THR B N   1 
ATOM 781  C CA  . THR D 1 4  ? 3.584   13.918  1.164   1.00 39.42 ? 4  THR B CA  1 
ATOM 782  C C   . THR D 1 4  ? 2.210   13.344  0.876   1.00 38.28 ? 4  THR B C   1 
ATOM 783  O O   . THR D 1 4  ? 1.465   13.908  0.072   1.00 49.09 ? 4  THR B O   1 
ATOM 784  C CB  . THR D 1 4  ? 3.467   15.271  1.862   1.00 44.19 ? 4  THR B CB  1 
ATOM 785  O OG1 . THR D 1 4  ? 4.769   15.723  2.245   1.00 48.15 ? 4  THR B OG1 1 
ATOM 786  C CG2 . THR D 1 4  ? 2.596   15.160  3.093   1.00 40.18 ? 4  THR B CG2 1 
ATOM 787  N N   . GLN D 1 5  ? 1.867   12.235  1.520   1.00 29.48 ? 5  GLN B N   1 
ATOM 788  C CA  . GLN D 1 5  ? 0.547   11.648  1.359   1.00 29.93 ? 5  GLN B CA  1 
ATOM 789  C C   . GLN D 1 5  ? -0.044  11.409  2.737   1.00 37.35 ? 5  GLN B C   1 
ATOM 790  O O   . GLN D 1 5  ? 0.584   10.763  3.575   1.00 49.01 ? 5  GLN B O   1 
ATOM 791  C CB  . GLN D 1 5  ? 0.621   10.354  0.557   1.00 30.28 ? 5  GLN B CB  1 
ATOM 792  C CG  . GLN D 1 5  ? 1.395   10.527  -0.728  1.00 33.29 ? 5  GLN B CG  1 
ATOM 793  C CD  . GLN D 1 5  ? 1.335   9.327   -1.620  1.00 35.42 ? 5  GLN B CD  1 
ATOM 794  O OE1 . GLN D 1 5  ? 0.545   8.435   -1.399  1.00 44.94 ? 5  GLN B OE1 1 
ATOM 795  N NE2 . GLN D 1 5  ? 2.178   9.295   -2.631  1.00 40.70 ? 5  GLN B NE2 1 
ATOM 796  N N   . THR D 1 6  ? -1.244  11.922  2.968   1.00 42.27 ? 6  THR B N   1 
ATOM 797  C CA  . THR D 1 6  ? -1.885  11.847  4.272   1.00 46.57 ? 6  THR B CA  1 
ATOM 798  C C   . THR D 1 6  ? -3.310  11.360  4.091   1.00 45.90 ? 6  THR B C   1 
ATOM 799  O O   . THR D 1 6  ? -4.025  11.861  3.223   1.00 52.52 ? 6  THR B O   1 
ATOM 800  C CB  . THR D 1 6  ? -1.885  13.214  4.955   1.00 48.77 ? 6  THR B CB  1 
ATOM 801  O OG1 . THR D 1 6  ? -0.539  13.610  5.238   1.00 50.67 ? 6  THR B OG1 1 
ATOM 802  C CG2 . THR D 1 6  ? -2.668  13.167  6.245   1.00 46.96 ? 6  THR B CG2 1 
ATOM 803  N N   . MET D 1 7  ? -3.720  10.384  4.890   1.00 41.07 ? 7  MET B N   1 
ATOM 804  C CA  . MET D 1 7  ? -5.084  9.883   4.858   1.00 40.00 ? 7  MET B CA  1 
ATOM 805  C C   . MET D 1 7  ? -5.639  9.823   6.271   1.00 43.54 ? 7  MET B C   1 
ATOM 806  O O   . MET D 1 7  ? -4.946  9.395   7.193   1.00 50.66 ? 7  MET B O   1 
ATOM 807  C CB  . MET D 1 7  ? -5.144  8.517   4.191   1.00 39.13 ? 7  MET B CB  1 
ATOM 808  C CG  . MET D 1 7  ? -4.482  8.525   2.837   1.00 43.24 ? 7  MET B CG  1 
ATOM 809  S SD  . MET D 1 7  ? -4.890  7.180   1.735   1.00 61.66 ? 7  MET B SD  1 
ATOM 810  C CE  . MET D 1 7  ? -3.890  7.663   0.339   1.00 48.33 ? 7  MET B CE  1 
ATOM 811  N N   . LYS D 1 8  ? -6.881  10.267  6.444   1.00 44.04 ? 8  LYS B N   1 
ATOM 812  C CA  . LYS D 1 8  ? -7.497  10.344  7.761   1.00 43.49 ? 8  LYS B CA  1 
ATOM 813  C C   . LYS D 1 8  ? -8.932  9.851   7.702   1.00 44.51 ? 8  LYS B C   1 
ATOM 814  O O   . LYS D 1 8  ? -9.677  10.212  6.790   1.00 49.31 ? 8  LYS B O   1 
ATOM 815  C CB  . LYS D 1 8  ? -7.467  11.773  8.303   1.00 41.38 ? 8  LYS B CB  1 
ATOM 816  C CG  . LYS D 1 8  ? -6.089  12.377  8.381   1.00 45.99 ? 8  LYS B CG  1 
ATOM 817  C CD  . LYS D 1 8  ? -6.103  13.715  9.082   1.00 48.22 ? 8  LYS B CD  1 
ATOM 818  C CE  . LYS D 1 8  ? -4.709  14.312  9.125   1.00 49.10 ? 8  LYS B CE  1 
ATOM 819  N NZ  . LYS D 1 8  ? -4.669  15.603  9.863   1.00 49.92 ? 8  LYS B NZ  1 
ATOM 820  N N   . GLY D 1 9  ? -9.314  9.029   8.669   1.00 40.92 ? 9  GLY B N   1 
ATOM 821  C CA  . GLY D 1 9  ? -10.707 8.647   8.836   1.00 38.17 ? 9  GLY B CA  1 
ATOM 822  C C   . GLY D 1 9  ? -11.337 7.904   7.680   1.00 39.22 ? 9  GLY B C   1 
ATOM 823  O O   . GLY D 1 9  ? -12.514 8.125   7.378   1.00 46.43 ? 9  GLY B O   1 
ATOM 824  N N   . LEU D 1 10 ? -10.586 7.027   7.024   1.00 40.50 ? 10 LEU B N   1 
ATOM 825  C CA  . LEU D 1 10 ? -11.157 6.166   6.000   1.00 39.92 ? 10 LEU B CA  1 
ATOM 826  C C   . LEU D 1 10 ? -11.877 4.982   6.630   1.00 43.10 ? 10 LEU B C   1 
ATOM 827  O O   . LEU D 1 10 ? -11.393 4.397   7.598   1.00 48.55 ? 10 LEU B O   1 
ATOM 828  C CB  . LEU D 1 10 ? -10.061 5.659   5.066   1.00 41.47 ? 10 LEU B CB  1 
ATOM 829  C CG  . LEU D 1 10 ? -9.006  6.678   4.643   1.00 45.59 ? 10 LEU B CG  1 
ATOM 830  C CD1 . LEU D 1 10 ? -8.026  6.052   3.684   1.00 41.08 ? 10 LEU B CD1 1 
ATOM 831  C CD2 . LEU D 1 10 ? -9.635  7.898   4.036   1.00 47.90 ? 10 LEU B CD2 1 
ATOM 832  N N   . ASP D 1 11 ? -13.043 4.636   6.092   1.00 44.38 ? 11 ASP B N   1 
ATOM 833  C CA  . ASP D 1 11 ? -13.658 3.335   6.323   1.00 43.74 ? 11 ASP B CA  1 
ATOM 834  C C   . ASP D 1 11 ? -13.574 2.514   5.046   1.00 40.15 ? 11 ASP B C   1 
ATOM 835  O O   . ASP D 1 11 ? -14.078 2.937   4.005   1.00 49.36 ? 11 ASP B O   1 
ATOM 836  C CB  . ASP D 1 11 ? -15.112 3.478   6.756   1.00 48.52 ? 11 ASP B CB  1 
ATOM 837  C CG  . ASP D 1 11 ? -15.254 4.137   8.103   1.00 53.39 ? 11 ASP B CG  1 
ATOM 838  O OD1 . ASP D 1 11 ? -14.284 4.773   8.559   1.00 55.50 ? 11 ASP B OD1 1 
ATOM 839  O OD2 . ASP D 1 11 ? -16.338 4.017   8.708   1.00 53.84 ? 11 ASP B OD2 1 
ATOM 840  N N   . ILE D 1 12 ? -12.959 1.342   5.128   1.00 31.99 ? 12 ILE B N   1 
ATOM 841  C CA  . ILE D 1 12 ? -12.786 0.461   3.982   1.00 32.03 ? 12 ILE B CA  1 
ATOM 842  C C   . ILE D 1 12 ? -13.412 -0.882  4.315   1.00 34.71 ? 12 ILE B C   1 
ATOM 843  O O   . ILE D 1 12 ? -13.034 -1.512  5.307   1.00 50.70 ? 12 ILE B O   1 
ATOM 844  C CB  . ILE D 1 12 ? -11.309 0.309   3.608   1.00 34.90 ? 12 ILE B CB  1 
ATOM 845  C CG1 . ILE D 1 12 ? -10.722 1.671   3.265   1.00 35.09 ? 12 ILE B CG1 1 
ATOM 846  C CG2 . ILE D 1 12 ? -11.169 -0.596  2.434   1.00 31.06 ? 12 ILE B CG2 1 
ATOM 847  C CD1 . ILE D 1 12 ? -9.242  1.652   3.082   1.00 34.53 ? 12 ILE B CD1 1 
ATOM 848  N N   . GLN D 1 13 ? -14.378 -1.313  3.513   1.00 32.60 ? 13 GLN B N   1 
ATOM 849  C CA  . GLN D 1 13 ? -15.238 -2.412  3.920   1.00 34.44 ? 13 GLN B CA  1 
ATOM 850  C C   . GLN D 1 13 ? -15.585 -3.304  2.735   1.00 36.73 ? 13 GLN B C   1 
ATOM 851  O O   . GLN D 1 13 ? -15.842 -2.817  1.636   1.00 39.17 ? 13 GLN B O   1 
ATOM 852  C CB  . GLN D 1 13 ? -16.514 -1.866  4.552   1.00 36.17 ? 13 GLN B CB  1 
ATOM 853  C CG  . GLN D 1 13 ? -17.500 -2.899  5.004   1.00 39.06 ? 13 GLN B CG  1 
ATOM 854  C CD  . GLN D 1 13 ? -18.521 -2.312  5.945   1.00 42.68 ? 13 GLN B CD  1 
ATOM 855  O OE1 . GLN D 1 13 ? -18.185 -1.516  6.817   1.00 45.91 ? 13 GLN B OE1 1 
ATOM 856  N NE2 . GLN D 1 13 ? -19.776 -2.698  5.774   1.00 38.90 ? 13 GLN B NE2 1 
ATOM 857  N N   . LYS D 1 14 ? -15.568 -4.612  2.972   1.00 33.14 ? 14 LYS B N   1 
ATOM 858  C CA  . LYS D 1 14 ? -15.964 -5.633  1.997   1.00 37.19 ? 14 LYS B CA  1 
ATOM 859  C C   . LYS D 1 14 ? -15.133 -5.622  0.715   1.00 39.42 ? 14 LYS B C   1 
ATOM 860  O O   . LYS D 1 14 ? -15.645 -5.883  -0.372  1.00 37.73 ? 14 LYS B O   1 
ATOM 861  C CB  . LYS D 1 14 ? -17.451 -5.499  1.681   1.00 36.51 ? 14 LYS B CB  1 
ATOM 862  C CG  . LYS D 1 14 ? -18.315 -5.792  2.887   1.00 39.36 ? 14 LYS B CG  1 
ATOM 863  C CD  . LYS D 1 14 ? -19.786 -5.641  2.607   1.00 40.72 ? 14 LYS B CD  1 
ATOM 864  C CE  . LYS D 1 14 ? -20.598 -6.051  3.821   1.00 43.51 ? 14 LYS B CE  1 
ATOM 865  N NZ  . LYS D 1 14 ? -22.062 -5.922  3.613   1.00 42.30 ? 14 LYS B NZ  1 
ATOM 866  N N   . VAL D 1 15 ? -13.840 -5.334  0.833   1.00 37.94 ? 15 VAL B N   1 
ATOM 867  C CA  . VAL D 1 15 ? -12.922 -5.411  -0.302  1.00 33.44 ? 15 VAL B CA  1 
ATOM 868  C C   . VAL D 1 15 ? -12.690 -6.872  -0.676  1.00 37.62 ? 15 VAL B C   1 
ATOM 869  O O   . VAL D 1 15 ? -12.114 -7.633  0.104   1.00 44.46 ? 15 VAL B O   1 
ATOM 870  C CB  . VAL D 1 15 ? -11.600 -4.705  -0.005  1.00 32.34 ? 15 VAL B CB  1 
ATOM 871  C CG1 . VAL D 1 15 ? -10.687 -4.807  -1.199  1.00 27.27 ? 15 VAL B CG1 1 
ATOM 872  C CG2 . VAL D 1 15 ? -11.862 -3.272  0.318   1.00 28.39 ? 15 VAL B CG2 1 
ATOM 873  N N   . ALA D 1 16 ? -13.132 -7.271  -1.858  1.00 36.52 ? 16 ALA B N   1 
ATOM 874  C CA  . ALA D 1 16 ? -12.779 -8.557  -2.433  1.00 33.32 ? 16 ALA B CA  1 
ATOM 875  C C   . ALA D 1 16 ? -11.589 -8.400  -3.379  1.00 37.07 ? 16 ALA B C   1 
ATOM 876  O O   . ALA D 1 16 ? -10.971 -7.338  -3.467  1.00 41.92 ? 16 ALA B O   1 
ATOM 877  C CB  . ALA D 1 16 ? -13.987 -9.166  -3.141  1.00 31.76 ? 16 ALA B CB  1 
ATOM 878  N N   . GLY D 1 17 ? -11.266 -9.465  -4.097  1.00 37.83 ? 17 GLY B N   1 
ATOM 879  C CA  . GLY D 1 17 ? -10.304 -9.376  -5.187  1.00 36.83 ? 17 GLY B CA  1 
ATOM 880  C C   . GLY D 1 17 ? -8.887  -9.116  -4.714  1.00 39.01 ? 17 GLY B C   1 
ATOM 881  O O   . GLY D 1 17 ? -8.381  -9.792  -3.818  1.00 41.78 ? 17 GLY B O   1 
ATOM 882  N N   . THR D 1 18 ? -8.226  -8.135  -5.323  1.00 37.19 ? 18 THR B N   1 
ATOM 883  C CA  . THR D 1 18 ? -6.821  -7.845  -5.076  1.00 36.77 ? 18 THR B CA  1 
ATOM 884  C C   . THR D 1 18 ? -6.655  -6.377  -4.726  1.00 34.24 ? 18 THR B C   1 
ATOM 885  O O   . THR D 1 18 ? -7.263  -5.513  -5.356  1.00 42.78 ? 18 THR B O   1 
ATOM 886  C CB  . THR D 1 18 ? -5.970  -8.181  -6.291  1.00 37.82 ? 18 THR B CB  1 
ATOM 887  O OG1 . THR D 1 18 ? -6.147  -9.561  -6.619  1.00 43.83 ? 18 THR B OG1 1 
ATOM 888  C CG2 . THR D 1 18 ? -4.511  -7.934  -6.004  1.00 29.33 ? 18 THR B CG2 1 
ATOM 889  N N   . TRP D 1 19 ? -5.838  -6.099  -3.715  1.00 29.98 ? 19 TRP B N   1 
ATOM 890  C CA  . TRP D 1 19 ? -5.682  -4.746  -3.189  1.00 27.99 ? 19 TRP B CA  1 
ATOM 891  C C   . TRP D 1 19 ? -4.212  -4.479  -2.905  1.00 34.02 ? 19 TRP B C   1 
ATOM 892  O O   . TRP D 1 19 ? -3.645  -5.069  -1.985  1.00 47.25 ? 19 TRP B O   1 
ATOM 893  C CB  . TRP D 1 19 ? -6.542  -4.579  -1.939  1.00 27.72 ? 19 TRP B CB  1 
ATOM 894  C CG  . TRP D 1 19 ? -6.477  -3.255  -1.292  1.00 33.41 ? 19 TRP B CG  1 
ATOM 895  C CD1 . TRP D 1 19 ? -6.023  -2.100  -1.832  1.00 35.08 ? 19 TRP B CD1 1 
ATOM 896  C CD2 . TRP D 1 19 ? -6.944  -2.930  0.018   1.00 37.49 ? 19 TRP B CD2 1 
ATOM 897  N NE1 . TRP D 1 19 ? -6.137  -1.079  -0.930  1.00 33.23 ? 19 TRP B NE1 1 
ATOM 898  C CE2 . TRP D 1 19 ? -6.707  -1.564  0.215   1.00 39.87 ? 19 TRP B CE2 1 
ATOM 899  C CE3 . TRP D 1 19 ? -7.526  -3.667  1.048   1.00 40.09 ? 19 TRP B CE3 1 
ATOM 900  C CZ2 . TRP D 1 19 ? -7.029  -0.920  1.397   1.00 36.92 ? 19 TRP B CZ2 1 
ATOM 901  C CZ3 . TRP D 1 19 ? -7.845  -3.025  2.218   1.00 39.29 ? 19 TRP B CZ3 1 
ATOM 902  C CH2 . TRP D 1 19 ? -7.601  -1.665  2.384   1.00 36.69 ? 19 TRP B CH2 1 
ATOM 903  N N   . TYR D 1 20 ? -3.589  -3.599  -3.689  1.00 23.36 ? 20 TYR B N   1 
ATOM 904  C CA  . TYR D 1 20 ? -2.153  -3.381  -3.559  1.00 25.33 ? 20 TYR B CA  1 
ATOM 905  C C   . TYR D 1 20 ? -1.776  -2.356  -2.501  1.00 30.79 ? 20 TYR B C   1 
ATOM 906  O O   . TYR D 1 20 ? -0.832  -2.587  -1.745  1.00 44.03 ? 20 TYR B O   1 
ATOM 907  C CB  . TYR D 1 20 ? -1.561  -2.975  -4.908  1.00 22.93 ? 20 TYR B CB  1 
ATOM 908  C CG  . TYR D 1 20 ? -1.644  -4.065  -5.935  1.00 30.35 ? 20 TYR B CG  1 
ATOM 909  C CD1 . TYR D 1 20 ? -2.763  -4.224  -6.723  1.00 29.95 ? 20 TYR B CD1 1 
ATOM 910  C CD2 . TYR D 1 20 ? -0.589  -4.935  -6.119  1.00 36.49 ? 20 TYR B CD2 1 
ATOM 911  C CE1 . TYR D 1 20 ? -2.834  -5.229  -7.651  1.00 34.24 ? 20 TYR B CE1 1 
ATOM 912  C CE2 . TYR D 1 20 ? -0.650  -5.935  -7.049  1.00 33.58 ? 20 TYR B CE2 1 
ATOM 913  C CZ  . TYR D 1 20 ? -1.772  -6.078  -7.812  1.00 36.11 ? 20 TYR B CZ  1 
ATOM 914  O OH  . TYR D 1 20 ? -1.824  -7.083  -8.742  1.00 39.46 ? 20 TYR B OH  1 
ATOM 915  N N   . SER D 1 21 ? -2.473  -1.232  -2.416  1.00 33.48 ? 21 SER B N   1 
ATOM 916  C CA  . SER D 1 21 ? -2.101  -0.197  -1.455  1.00 34.92 ? 21 SER B CA  1 
ATOM 917  C C   . SER D 1 21 ? -3.247  0.801   -1.332  1.00 34.30 ? 21 SER B C   1 
ATOM 918  O O   . SER D 1 21 ? -4.280  0.679   -1.998  1.00 29.31 ? 21 SER B O   1 
ATOM 919  C CB  . SER D 1 21 ? -0.789  0.478   -1.849  1.00 31.33 ? 21 SER B CB  1 
ATOM 920  O OG  . SER D 1 21 ? -0.968  1.312   -2.964  1.00 33.52 ? 21 SER B OG  1 
ATOM 921  N N   . LEU D 1 22 ? -3.069  1.772   -0.439  1.00 32.07 ? 22 LEU B N   1 
ATOM 922  C CA  . LEU D 1 22 ? -3.735  3.065   -0.514  1.00 31.09 ? 22 LEU B CA  1 
ATOM 923  C C   . LEU D 1 22 ? -2.841  4.172   -1.044  1.00 35.21 ? 22 LEU B C   1 
ATOM 924  O O   . LEU D 1 22 ? -3.343  5.108   -1.669  1.00 46.61 ? 22 LEU B O   1 
ATOM 925  C CB  . LEU D 1 22 ? -4.259  3.482   0.862   1.00 28.77 ? 22 LEU B CB  1 
ATOM 926  C CG  . LEU D 1 22 ? -5.412  2.690   1.463   1.00 29.81 ? 22 LEU B CG  1 
ATOM 927  C CD1 . LEU D 1 22 ? -5.825  3.322   2.760   1.00 30.59 ? 22 LEU B CD1 1 
ATOM 928  C CD2 . LEU D 1 22 ? -6.569  2.660   0.504   1.00 34.63 ? 22 LEU B CD2 1 
ATOM 929  N N   . ALA D 1 23 ? -1.541  4.098   -0.797  1.00 30.48 ? 23 ALA B N   1 
ATOM 930  C CA  . ALA D 1 23 ? -0.593  5.128   -1.184  1.00 23.85 ? 23 ALA B CA  1 
ATOM 931  C C   . ALA D 1 23 ? 0.571   4.484   -1.916  1.00 31.60 ? 23 ALA B C   1 
ATOM 932  O O   . ALA D 1 23 ? 1.074   3.447   -1.490  1.00 45.93 ? 23 ALA B O   1 
ATOM 933  C CB  . ALA D 1 23 ? -0.084  5.868   0.042   1.00 22.77 ? 23 ALA B CB  1 
ATOM 934  N N   . MET D 1 24 ? 0.994   5.083   -3.019  1.00 24.94 ? 24 MET B N   1 
ATOM 935  C CA  . MET D 1 24 ? 2.215   4.668   -3.691  1.00 26.26 ? 24 MET B CA  1 
ATOM 936  C C   . MET D 1 24 ? 3.058   5.891   -3.999  1.00 30.34 ? 24 MET B C   1 
ATOM 937  O O   . MET D 1 24 ? 2.529   6.935   -4.377  1.00 45.24 ? 24 MET B O   1 
ATOM 938  C CB  . MET D 1 24 ? 1.901   3.895   -4.974  1.00 31.39 ? 24 MET B CB  1 
ATOM 939  C CG  . MET D 1 24 ? 1.723   2.407   -4.754  1.00 35.58 ? 24 MET B CG  1 
ATOM 940  S SD  . MET D 1 24 ? 0.943   1.518   -6.104  1.00 39.74 ? 24 MET B SD  1 
ATOM 941  C CE  . MET D 1 24 ? 1.967   2.033   -7.463  1.00 37.08 ? 24 MET B CE  1 
ATOM 942  N N   . ALA D 1 25 ? 4.367   5.763   -3.830  1.00 29.27 ? 25 ALA B N   1 
ATOM 943  C CA  . ALA D 1 25 ? 5.301   6.817   -4.186  1.00 29.52 ? 25 ALA B CA  1 
ATOM 944  C C   . ALA D 1 25 ? 6.576   6.184   -4.704  1.00 33.93 ? 25 ALA B C   1 
ATOM 945  O O   . ALA D 1 25 ? 7.039   5.186   -4.155  1.00 41.86 ? 25 ALA B O   1 
ATOM 946  C CB  . ALA D 1 25 ? 5.609   7.714   -2.995  1.00 28.96 ? 25 ALA B CB  1 
ATOM 947  N N   . ALA D 1 26 ? 7.148   6.761   -5.748  1.00 35.58 ? 26 ALA B N   1 
ATOM 948  C CA  . ALA D 1 26 ? 8.391   6.246   -6.300  1.00 33.68 ? 26 ALA B CA  1 
ATOM 949  C C   . ALA D 1 26 ? 9.088   7.375   -7.036  1.00 39.70 ? 26 ALA B C   1 
ATOM 950  O O   . ALA D 1 26 ? 8.581   8.494   -7.110  1.00 47.06 ? 26 ALA B O   1 
ATOM 951  C CB  . ALA D 1 26 ? 8.132   5.058   -7.219  1.00 36.78 ? 26 ALA B CB  1 
ATOM 952  N N   . SER D 1 27 ? 10.264  7.078   -7.579  1.00 42.09 ? 27 SER B N   1 
ATOM 953  C CA  . SER D 1 27 ? 10.766  7.897   -8.671  1.00 42.78 ? 27 SER B CA  1 
ATOM 954  C C   . SER D 1 27 ? 10.169  7.468   -10.004 1.00 46.30 ? 27 SER B C   1 
ATOM 955  O O   . SER D 1 27 ? 9.777   8.317   -10.805 1.00 51.03 ? 27 SER B O   1 
ATOM 956  C CB  . SER D 1 27 ? 12.291  7.853   -8.714  1.00 43.42 ? 27 SER B CB  1 
ATOM 957  O OG  . SER D 1 27 ? 12.750  6.730   -9.436  1.00 46.14 ? 27 SER B OG  1 
ATOM 958  N N   . ASP D 1 28 ? 10.071  6.163   -10.253 1.00 43.64 ? 28 ASP B N   1 
ATOM 959  C CA  . ASP D 1 28 ? 9.306   5.628   -11.373 1.00 46.30 ? 28 ASP B CA  1 
ATOM 960  C C   . ASP D 1 28 ? 8.339   4.574   -10.870 1.00 43.26 ? 28 ASP B C   1 
ATOM 961  O O   . ASP D 1 28 ? 8.704   3.737   -10.045 1.00 51.29 ? 28 ASP B O   1 
ATOM 962  C CB  . ASP D 1 28 ? 10.206  4.976   -12.424 1.00 48.80 ? 28 ASP B CB  1 
ATOM 963  C CG  . ASP D 1 28 ? 11.203  5.932   -13.035 1.00 58.23 ? 28 ASP B CG  1 
ATOM 964  O OD1 . ASP D 1 28 ? 11.184  7.130   -12.706 1.00 61.01 ? 28 ASP B OD1 1 
ATOM 965  O OD2 . ASP D 1 28 ? 12.025  5.472   -13.854 1.00 59.87 ? 28 ASP B OD2 1 
ATOM 966  N N   . ILE D 1 29 ? 7.113   4.603   -11.377 1.00 42.63 ? 29 ILE B N   1 
ATOM 967  C CA  . ILE D 1 29 ? 6.150   3.524   -11.205 1.00 42.20 ? 29 ILE B CA  1 
ATOM 968  C C   . ILE D 1 29 ? 5.859   2.925   -12.572 1.00 42.61 ? 29 ILE B C   1 
ATOM 969  O O   . ILE D 1 29 ? 5.601   3.659   -13.529 1.00 45.61 ? 29 ILE B O   1 
ATOM 970  C CB  . ILE D 1 29 ? 4.859   4.011   -10.531 1.00 40.05 ? 29 ILE B CB  1 
ATOM 971  C CG1 . ILE D 1 29 ? 5.173   4.629   -9.177  1.00 38.06 ? 29 ILE B CG1 1 
ATOM 972  C CG2 . ILE D 1 29 ? 3.892   2.874   -10.374 1.00 37.64 ? 29 ILE B CG2 1 
ATOM 973  C CD1 . ILE D 1 29 ? 3.969   5.131   -8.454  1.00 35.41 ? 29 ILE B CD1 1 
ATOM 974  N N   . SER D 1 30 ? 5.925   1.601   -12.671 1.00 43.97 ? 30 SER B N   1 
ATOM 975  C CA  . SER D 1 30 ? 5.565   0.891   -13.893 1.00 44.12 ? 30 SER B CA  1 
ATOM 976  C C   . SER D 1 30 ? 4.520   -0.161  -13.572 1.00 43.66 ? 30 SER B C   1 
ATOM 977  O O   . SER D 1 30 ? 4.744   -1.006  -12.703 1.00 47.90 ? 30 SER B O   1 
ATOM 978  C CB  . SER D 1 30 ? 6.793   0.245   -14.528 1.00 41.73 ? 30 SER B CB  1 
ATOM 979  O OG  . SER D 1 30 ? 6.433   -0.427  -15.714 1.00 45.44 ? 30 SER B OG  1 
ATOM 980  N N   . LEU D 1 31 ? 3.386   -0.118  -14.263 1.00 50.53 ? 31 LEU B N   1 
ATOM 981  C CA  . LEU D 1 31 ? 2.381   -1.170  -14.180 1.00 50.50 ? 31 LEU B CA  1 
ATOM 982  C C   . LEU D 1 31 ? 2.196   -1.791  -15.554 1.00 54.58 ? 31 LEU B C   1 
ATOM 983  O O   . LEU D 1 31 ? 1.846   -1.091  -16.507 1.00 59.17 ? 31 LEU B O   1 
ATOM 984  C CB  . LEU D 1 31 ? 1.050   -0.618  -13.674 1.00 51.41 ? 31 LEU B CB  1 
ATOM 985  C CG  . LEU D 1 31 ? 1.045   0.023   -12.292 1.00 49.54 ? 31 LEU B CG  1 
ATOM 986  C CD1 . LEU D 1 31 ? 1.096   1.526   -12.405 1.00 54.98 ? 31 LEU B CD1 1 
ATOM 987  C CD2 . LEU D 1 31 ? -0.192  -0.389  -11.551 1.00 50.22 ? 31 LEU B CD2 1 
ATOM 988  N N   . LEU D 1 32 ? 2.422   -3.095  -15.657 1.00 64.16 ? 32 LEU B N   1 
ATOM 989  C CA  . LEU D 1 32 ? 2.095   -3.861  -16.852 1.00 66.45 ? 32 LEU B CA  1 
ATOM 990  C C   . LEU D 1 32 ? 0.970   -4.826  -16.515 1.00 65.91 ? 32 LEU B C   1 
ATOM 991  O O   . LEU D 1 32 ? 1.122   -5.672  -15.631 1.00 69.35 ? 32 LEU B O   1 
ATOM 992  C CB  . LEU D 1 32 ? 3.313   -4.613  -17.382 1.00 65.58 ? 32 LEU B CB  1 
ATOM 993  C CG  . LEU D 1 32 ? 4.652   -3.874  -17.473 1.00 66.62 ? 32 LEU B CG  1 
ATOM 994  C CD1 . LEU D 1 32 ? 5.652   -4.684  -18.277 1.00 65.39 ? 32 LEU B CD1 1 
ATOM 995  C CD2 . LEU D 1 32 ? 4.510   -2.495  -18.068 1.00 67.98 ? 32 LEU B CD2 1 
ATOM 996  N N   . ASP D 1 33 ? -0.154  -4.704  -17.212 1.00 83.43 ? 33 ASP B N   1 
ATOM 997  C CA  . ASP D 1 33 ? -1.401  -5.313  -16.774 1.00 85.44 ? 33 ASP B CA  1 
ATOM 998  C C   . ASP D 1 33 ? -1.987  -6.098  -17.937 1.00 90.45 ? 33 ASP B C   1 
ATOM 999  O O   . ASP D 1 33 ? -2.088  -5.579  -19.052 1.00 91.40 ? 33 ASP B O   1 
ATOM 1000 C CB  . ASP D 1 33 ? -2.390  -4.252  -16.286 1.00 86.63 ? 33 ASP B CB  1 
ATOM 1001 C CG  . ASP D 1 33 ? -3.700  -4.841  -15.800 1.00 88.28 ? 33 ASP B CG  1 
ATOM 1002 O OD1 . ASP D 1 33 ? -3.889  -6.072  -15.878 1.00 89.45 ? 33 ASP B OD1 1 
ATOM 1003 O OD2 . ASP D 1 33 ? -4.556  -4.063  -15.335 1.00 88.68 ? 33 ASP B OD2 1 
ATOM 1004 N N   . ALA D 1 34 ? -2.363  -7.346  -17.679 1.00 95.95 ? 34 ALA B N   1 
ATOM 1005 C CA  . ALA D 1 34 ? -3.087  -8.148  -18.657 1.00 94.75 ? 34 ALA B CA  1 
ATOM 1006 C C   . ALA D 1 34 ? -4.230  -8.910  -17.996 1.00 93.77 ? 34 ALA B C   1 
ATOM 1007 O O   . ALA D 1 34 ? -4.014  -9.939  -17.354 1.00 93.16 ? 34 ALA B O   1 
ATOM 1008 C CB  . ALA D 1 34 ? -2.149  -9.107  -19.358 1.00 92.43 ? 34 ALA B CB  1 
ATOM 1009 N N   . LEU E 1 1  ? 9.774   18.792  -8.547  1.00 41.85 ? 1  LEU A N   1 
ATOM 1010 C CA  . LEU E 1 1  ? 8.443   18.247  -8.324  1.00 43.10 ? 1  LEU A CA  1 
ATOM 1011 C C   . LEU E 1 1  ? 8.133   18.093  -6.843  1.00 37.09 ? 1  LEU A C   1 
ATOM 1012 O O   . LEU E 1 1  ? 8.776   17.325  -6.146  1.00 38.52 ? 1  LEU A O   1 
ATOM 1013 C CB  . LEU E 1 1  ? 8.298   16.910  -9.042  1.00 42.92 ? 1  LEU A CB  1 
ATOM 1014 C CG  . LEU E 1 1  ? 6.981   16.156  -8.878  1.00 41.56 ? 1  LEU A CG  1 
ATOM 1015 C CD1 . LEU E 1 1  ? 5.810   17.003  -9.273  1.00 38.48 ? 1  LEU A CD1 1 
ATOM 1016 C CD2 . LEU E 1 1  ? 7.022   14.919  -9.730  1.00 39.60 ? 1  LEU A CD2 1 
ATOM 1017 N N   . ILE E 1 2  ? 7.138   18.834  -6.373  1.00 36.48 ? 2  ILE A N   1 
ATOM 1018 C CA  . ILE E 1 2  ? 6.613   18.703  -5.023  1.00 34.47 ? 2  ILE A CA  1 
ATOM 1019 C C   . ILE E 1 2  ? 5.157   18.292  -5.133  1.00 39.88 ? 2  ILE A C   1 
ATOM 1020 O O   . ILE E 1 2  ? 4.380   18.939  -5.840  1.00 45.56 ? 2  ILE A O   1 
ATOM 1021 C CB  . ILE E 1 2  ? 6.736   20.017  -4.234  1.00 37.95 ? 2  ILE A CB  1 
ATOM 1022 C CG1 . ILE E 1 2  ? 8.200   20.380  -4.021  1.00 38.00 ? 2  ILE A CG1 1 
ATOM 1023 C CG2 . ILE E 1 2  ? 6.011   19.920  -2.915  1.00 33.83 ? 2  ILE A CG2 1 
ATOM 1024 C CD1 . ILE E 1 2  ? 8.400   21.807  -3.617  1.00 37.38 ? 2  ILE A CD1 1 
ATOM 1025 N N   . VAL E 1 3  ? 4.786   17.227  -4.433  1.00 33.17 ? 3  VAL A N   1 
ATOM 1026 C CA  . VAL E 1 3  ? 3.440   16.681  -4.505  1.00 35.06 ? 3  VAL A CA  1 
ATOM 1027 C C   . VAL E 1 3  ? 2.895   16.580  -3.094  1.00 32.51 ? 3  VAL A C   1 
ATOM 1028 O O   . VAL E 1 3  ? 3.580   16.082  -2.198  1.00 38.25 ? 3  VAL A O   1 
ATOM 1029 C CB  . VAL E 1 3  ? 3.418   15.299  -5.181  1.00 30.05 ? 3  VAL A CB  1 
ATOM 1030 C CG1 . VAL E 1 3  ? 2.011   14.780  -5.256  1.00 31.73 ? 3  VAL A CG1 1 
ATOM 1031 C CG2 . VAL E 1 3  ? 4.036   15.363  -6.556  1.00 27.03 ? 3  VAL A CG2 1 
ATOM 1032 N N   . THR E 1 4  ? 1.678   17.065  -2.887  1.00 31.30 ? 4  THR A N   1 
ATOM 1033 C CA  . THR E 1 4  ? 0.982   16.863  -1.629  1.00 34.53 ? 4  THR A CA  1 
ATOM 1034 C C   . THR E 1 4  ? -0.391  16.297  -1.933  1.00 34.99 ? 4  THR A C   1 
ATOM 1035 O O   . THR E 1 4  ? -1.151  16.895  -2.696  1.00 41.99 ? 4  THR A O   1 
ATOM 1036 C CB  . THR E 1 4  ? 0.863   18.169  -0.845  1.00 37.32 ? 4  THR A CB  1 
ATOM 1037 O OG1 . THR E 1 4  ? 2.167   18.599  -0.442  1.00 42.78 ? 4  THR A OG1 1 
ATOM 1038 C CG2 . THR E 1 4  ? 0.005   17.978  0.382   1.00 33.97 ? 4  THR A CG2 1 
ATOM 1039 N N   . GLN E 1 5  ? -0.714  15.152  -1.344  1.00 27.58 ? 5  GLN A N   1 
ATOM 1040 C CA  . GLN E 1 5  ? -2.014  14.537  -1.550  1.00 24.69 ? 5  GLN A CA  1 
ATOM 1041 C C   . GLN E 1 5  ? -2.635  14.253  -0.197  1.00 29.47 ? 5  GLN A C   1 
ATOM 1042 O O   . GLN E 1 5  ? -2.024  13.583  0.635   1.00 47.27 ? 5  GLN A O   1 
ATOM 1043 C CB  . GLN E 1 5  ? -1.886  13.271  -2.388  1.00 22.96 ? 5  GLN A CB  1 
ATOM 1044 C CG  . GLN E 1 5  ? -1.187  13.542  -3.702  1.00 27.76 ? 5  GLN A CG  1 
ATOM 1045 C CD  . GLN E 1 5  ? -1.179  12.363  -4.620  1.00 29.87 ? 5  GLN A CD  1 
ATOM 1046 O OE1 . GLN E 1 5  ? -1.955  11.445  -4.454  1.00 41.51 ? 5  GLN A OE1 1 
ATOM 1047 N NE2 . GLN E 1 5  ? -0.281  12.368  -5.582  1.00 33.84 ? 5  GLN A NE2 1 
ATOM 1048 N N   . THR E 1 6  ? -3.848  14.744  0.016   1.00 32.27 ? 6  THR A N   1 
ATOM 1049 C CA  . THR E 1 6  ? -4.534  14.616  1.291   1.00 39.20 ? 6  THR A CA  1 
ATOM 1050 C C   . THR E 1 6  ? -5.935  14.092  1.045   1.00 38.53 ? 6  THR A C   1 
ATOM 1051 O O   . THR E 1 6  ? -6.631  14.585  0.156   1.00 48.10 ? 6  THR A O   1 
ATOM 1052 C CB  . THR E 1 6  ? -4.593  15.962  2.015   1.00 42.93 ? 6  THR A CB  1 
ATOM 1053 O OG1 . THR E 1 6  ? -3.268  16.382  2.358   1.00 43.44 ? 6  THR A OG1 1 
ATOM 1054 C CG2 . THR E 1 6  ? -5.413  15.855  3.277   1.00 41.83 ? 6  THR A CG2 1 
ATOM 1055 N N   . MET E 1 7  ? -6.347  13.088  1.811   1.00 37.14 ? 7  MET A N   1 
ATOM 1056 C CA  . MET E 1 7  ? -7.696  12.556  1.727   1.00 35.28 ? 7  MET A CA  1 
ATOM 1057 C C   . MET E 1 7  ? -8.275  12.432  3.123   1.00 41.25 ? 7  MET A C   1 
ATOM 1058 O O   . MET E 1 7  ? -7.595  11.974  4.040   1.00 49.33 ? 7  MET A O   1 
ATOM 1059 C CB  . MET E 1 7  ? -7.703  11.203  1.029   1.00 35.30 ? 7  MET A CB  1 
ATOM 1060 C CG  . MET E 1 7  ? -7.014  11.251  -0.304  1.00 40.09 ? 7  MET A CG  1 
ATOM 1061 S SD  . MET E 1 7  ? -7.314  9.860   -1.382  1.00 54.87 ? 7  MET A SD  1 
ATOM 1062 C CE  . MET E 1 7  ? -6.442  10.442  -2.825  1.00 45.08 ? 7  MET A CE  1 
ATOM 1063 N N   . LYS E 1 8  ? -9.528  12.850  3.290   1.00 37.60 ? 8  LYS A N   1 
ATOM 1064 C CA  . LYS E 1 8  ? -10.172 12.832  4.594   1.00 37.98 ? 8  LYS A CA  1 
ATOM 1065 C C   . LYS E 1 8  ? -11.594 12.311  4.483   1.00 38.20 ? 8  LYS A C   1 
ATOM 1066 O O   . LYS E 1 8  ? -12.335 12.693  3.579   1.00 40.80 ? 8  LYS A O   1 
ATOM 1067 C CB  . LYS E 1 8  ? -10.176 14.218  5.237   1.00 35.56 ? 8  LYS A CB  1 
ATOM 1068 C CG  . LYS E 1 8  ? -8.798  14.824  5.369   1.00 41.72 ? 8  LYS A CG  1 
ATOM 1069 C CD  . LYS E 1 8  ? -8.819  16.118  6.152   1.00 44.22 ? 8  LYS A CD  1 
ATOM 1070 C CE  . LYS E 1 8  ? -7.430  16.732  6.208   1.00 47.12 ? 8  LYS A CE  1 
ATOM 1071 N NZ  . LYS E 1 8  ? -7.399  18.016  6.959   1.00 46.48 ? 8  LYS A NZ  1 
ATOM 1072 N N   . GLY E 1 9  ? -11.961 11.429  5.404   1.00 41.99 ? 9  GLY A N   1 
ATOM 1073 C CA  . GLY E 1 9  ? -13.344 11.002  5.544   1.00 39.06 ? 9  GLY A CA  1 
ATOM 1074 C C   . GLY E 1 9  ? -13.946 10.296  4.350   1.00 36.60 ? 9  GLY A C   1 
ATOM 1075 O O   . GLY E 1 9  ? -15.131 10.489  4.057   1.00 41.50 ? 9  GLY A O   1 
ATOM 1076 N N   . LEU E 1 10 ? -13.166 9.476   3.655   1.00 38.30 ? 10 LEU A N   1 
ATOM 1077 C CA  . LEU E 1 10 ? -13.709 8.648   2.590   1.00 37.35 ? 10 LEU A CA  1 
ATOM 1078 C C   . LEU E 1 10 ? -14.377 7.406   3.164   1.00 36.95 ? 10 LEU A C   1 
ATOM 1079 O O   . LEU E 1 10 ? -13.868 6.799   4.105   1.00 38.48 ? 10 LEU A O   1 
ATOM 1080 C CB  . LEU E 1 10 ? -12.597 8.218   1.638   1.00 37.00 ? 10 LEU A CB  1 
ATOM 1081 C CG  . LEU E 1 10 ? -11.523 9.242   1.288   1.00 40.86 ? 10 LEU A CG  1 
ATOM 1082 C CD1 . LEU E 1 10 ? -10.556 8.654   0.289   1.00 36.50 ? 10 LEU A CD1 1 
ATOM 1083 C CD2 . LEU E 1 10 ? -12.130 10.516  0.758   1.00 41.88 ? 10 LEU A CD2 1 
ATOM 1084 N N   . ASP E 1 11 ? -15.525 7.030   2.606   1.00 41.45 ? 11 ASP A N   1 
ATOM 1085 C CA  . ASP E 1 11 ? -16.083 5.697   2.798   1.00 40.46 ? 11 ASP A CA  1 
ATOM 1086 C C   . ASP E 1 11 ? -15.947 4.916   1.502   1.00 39.36 ? 11 ASP A C   1 
ATOM 1087 O O   . ASP E 1 11 ? -16.422 5.362   0.458   1.00 47.80 ? 11 ASP A O   1 
ATOM 1088 C CB  . ASP E 1 11 ? -17.548 5.766   3.217   1.00 44.16 ? 11 ASP A CB  1 
ATOM 1089 C CG  . ASP E 1 11 ? -17.727 6.361   4.592   1.00 49.11 ? 11 ASP A CG  1 
ATOM 1090 O OD1 . ASP E 1 11 ? -16.779 7.009   5.081   1.00 49.58 ? 11 ASP A OD1 1 
ATOM 1091 O OD2 . ASP E 1 11 ? -18.809 6.182   5.185   1.00 48.78 ? 11 ASP A OD2 1 
ATOM 1092 N N   . ILE E 1 12 ? -15.309 3.755   1.570   1.00 28.70 ? 12 ILE A N   1 
ATOM 1093 C CA  . ILE E 1 12 ? -15.087 2.901   0.411   1.00 30.21 ? 12 ILE A CA  1 
ATOM 1094 C C   . ILE E 1 12 ? -15.668 1.528   0.700   1.00 32.25 ? 12 ILE A C   1 
ATOM 1095 O O   . ILE E 1 12 ? -15.283 0.886   1.680   1.00 44.20 ? 12 ILE A O   1 
ATOM 1096 C CB  . ILE E 1 12 ? -13.598 2.819   0.056   1.00 32.64 ? 12 ILE A CB  1 
ATOM 1097 C CG1 . ILE E 1 12 ? -13.047 4.220   -0.165  1.00 34.35 ? 12 ILE A CG1 1 
ATOM 1098 C CG2 . ILE E 1 12 ? -13.403 1.996   -1.165  1.00 30.99 ? 12 ILE A CG2 1 
ATOM 1099 C CD1 . ILE E 1 12 ? -11.600 4.254   -0.465  1.00 31.82 ? 12 ILE A CD1 1 
ATOM 1100 N N   . GLN E 1 13 ? -16.599 1.080   -0.133  1.00 31.54 ? 13 GLN A N   1 
ATOM 1101 C CA  . GLN E 1 13 ? -17.436 -0.052  0.228   1.00 31.91 ? 13 GLN A CA  1 
ATOM 1102 C C   . GLN E 1 13 ? -17.719 -0.937  -0.977  1.00 32.97 ? 13 GLN A C   1 
ATOM 1103 O O   . GLN E 1 13 ? -17.989 -0.441  -2.071  1.00 33.37 ? 13 GLN A O   1 
ATOM 1104 C CB  . GLN E 1 13 ? -18.744 0.445   0.838   1.00 32.25 ? 13 GLN A CB  1 
ATOM 1105 C CG  . GLN E 1 13 ? -19.720 -0.623  1.217   1.00 36.56 ? 13 GLN A CG  1 
ATOM 1106 C CD  . GLN E 1 13 ? -20.802 -0.087  2.121   1.00 39.42 ? 13 GLN A CD  1 
ATOM 1107 O OE1 . GLN E 1 13 ? -20.535 0.711   3.016   1.00 41.24 ? 13 GLN A OE1 1 
ATOM 1108 N NE2 . GLN E 1 13 ? -22.031 -0.530  1.901   1.00 36.29 ? 13 GLN A NE2 1 
ATOM 1109 N N   . LYS E 1 14 ? -17.637 -2.250  -0.770  1.00 28.45 ? 14 LYS A N   1 
ATOM 1110 C CA  . LYS E 1 14 ? -17.960 -3.267  -1.777  1.00 32.39 ? 14 LYS A CA  1 
ATOM 1111 C C   . LYS E 1 14 ? -17.097 -3.195  -3.035  1.00 36.60 ? 14 LYS A C   1 
ATOM 1112 O O   . LYS E 1 14 ? -17.574 -3.471  -4.135  1.00 35.95 ? 14 LYS A O   1 
ATOM 1113 C CB  . LYS E 1 14 ? -19.442 -3.211  -2.140  1.00 32.77 ? 14 LYS A CB  1 
ATOM 1114 C CG  . LYS E 1 14 ? -20.335 -3.570  -0.977  1.00 35.41 ? 14 LYS A CG  1 
ATOM 1115 C CD  . LYS E 1 14 ? -21.798 -3.483  -1.331  1.00 35.47 ? 14 LYS A CD  1 
ATOM 1116 C CE  . LYS E 1 14 ? -22.650 -3.952  -0.169  1.00 37.33 ? 14 LYS A CE  1 
ATOM 1117 N NZ  . LYS E 1 14 ? -24.102 -3.875  -0.464  1.00 36.50 ? 14 LYS A NZ  1 
ATOM 1118 N N   . VAL E 1 15 ? -15.825 -2.835  -2.896  1.00 34.81 ? 15 VAL A N   1 
ATOM 1119 C CA  . VAL E 1 15 ? -14.884 -2.865  -4.014  1.00 35.12 ? 15 VAL A CA  1 
ATOM 1120 C C   . VAL E 1 15 ? -14.605 -4.312  -4.404  1.00 35.49 ? 15 VAL A C   1 
ATOM 1121 O O   . VAL E 1 15 ? -14.003 -5.063  -3.635  1.00 37.11 ? 15 VAL A O   1 
ATOM 1122 C CB  . VAL E 1 15 ? -13.588 -2.135  -3.669  1.00 30.23 ? 15 VAL A CB  1 
ATOM 1123 C CG1 . VAL E 1 15 ? -12.672 -2.113  -4.866  1.00 28.01 ? 15 VAL A CG1 1 
ATOM 1124 C CG2 . VAL E 1 15 ? -13.898 -0.749  -3.214  1.00 28.71 ? 15 VAL A CG2 1 
ATOM 1125 N N   . ALA E 1 16 ? -15.029 -4.710  -5.594  1.00 37.87 ? 16 ALA A N   1 
ATOM 1126 C CA  . ALA E 1 16 ? -14.623 -5.974  -6.179  1.00 32.91 ? 16 ALA A CA  1 
ATOM 1127 C C   . ALA E 1 16 ? -13.445 -5.750  -7.127  1.00 36.39 ? 16 ALA A C   1 
ATOM 1128 O O   . ALA E 1 16 ? -12.871 -4.665  -7.194  1.00 40.29 ? 16 ALA A O   1 
ATOM 1129 C CB  . ALA E 1 16 ? -15.805 -6.637  -6.879  1.00 33.14 ? 16 ALA A CB  1 
ATOM 1130 N N   . GLY E 1 17 ? -13.074 -6.792  -7.858  1.00 36.06 ? 17 GLY A N   1 
ATOM 1131 C CA  . GLY E 1 17 ? -12.056 -6.656  -8.891  1.00 35.90 ? 17 GLY A CA  1 
ATOM 1132 C C   . GLY E 1 17 ? -10.673 -6.376  -8.329  1.00 35.58 ? 17 GLY A C   1 
ATOM 1133 O O   . GLY E 1 17 ? -10.220 -7.033  -7.392  1.00 36.54 ? 17 GLY A O   1 
ATOM 1134 N N   . THR E 1 18 ? -9.986  -5.394  -8.909  1.00 33.59 ? 18 THR A N   1 
ATOM 1135 C CA  . THR E 1 18 ? -8.603  -5.081  -8.575  1.00 33.51 ? 18 THR A CA  1 
ATOM 1136 C C   . THR E 1 18 ? -8.489  -3.608  -8.222  1.00 28.46 ? 18 THR A C   1 
ATOM 1137 O O   . THR E 1 18 ? -9.144  -2.769  -8.836  1.00 38.56 ? 18 THR A O   1 
ATOM 1138 C CB  . THR E 1 18 ? -7.684  -5.412  -9.745  1.00 31.60 ? 18 THR A CB  1 
ATOM 1139 O OG1 . THR E 1 18 ? -7.777  -6.808  -10.035 1.00 38.26 ? 18 THR A OG1 1 
ATOM 1140 C CG2 . THR E 1 18 ? -6.257  -5.064  -9.432  1.00 27.05 ? 18 THR A CG2 1 
ATOM 1141 N N   . TRP E 1 19 ? -7.669  -3.297  -7.223  1.00 22.33 ? 19 TRP A N   1 
ATOM 1142 C CA  . TRP E 1 19 ? -7.571  -1.939  -6.696  1.00 20.62 ? 19 TRP A CA  1 
ATOM 1143 C C   . TRP E 1 19 ? -6.124  -1.631  -6.339  1.00 28.23 ? 19 TRP A C   1 
ATOM 1144 O O   . TRP E 1 19 ? -5.584  -2.218  -5.402  1.00 41.35 ? 19 TRP A O   1 
ATOM 1145 C CB  . TRP E 1 19 ? -8.496  -1.780  -5.495  1.00 18.22 ? 19 TRP A CB  1 
ATOM 1146 C CG  . TRP E 1 19 ? -8.466  -0.456  -4.861  1.00 23.67 ? 19 TRP A CG  1 
ATOM 1147 C CD1 . TRP E 1 19 ? -8.009  0.700   -5.399  1.00 28.50 ? 19 TRP A CD1 1 
ATOM 1148 C CD2 . TRP E 1 19 ? -8.962  -0.128  -3.567  1.00 30.31 ? 19 TRP A CD2 1 
ATOM 1149 N NE1 . TRP E 1 19 ? -8.157  1.727   -4.510  1.00 29.60 ? 19 TRP A NE1 1 
ATOM 1150 C CE2 . TRP E 1 19 ? -8.743  1.241   -3.373  1.00 33.41 ? 19 TRP A CE2 1 
ATOM 1151 C CE3 . TRP E 1 19 ? -9.554  -0.865  -2.541  1.00 30.13 ? 19 TRP A CE3 1 
ATOM 1152 C CZ2 . TRP E 1 19 ? -9.102  1.890   -2.206  1.00 30.55 ? 19 TRP A CZ2 1 
ATOM 1153 C CZ3 . TRP E 1 19 ? -9.910  -0.219  -1.390  1.00 28.17 ? 19 TRP A CZ3 1 
ATOM 1154 C CH2 . TRP E 1 19 ? -9.683  1.142   -1.226  1.00 29.79 ? 19 TRP A CH2 1 
ATOM 1155 N N   . TYR E 1 20 ? -5.492  -0.722  -7.079  1.00 16.69 ? 20 TYR A N   1 
ATOM 1156 C CA  . TYR E 1 20 ? -4.069  -0.468  -6.898  1.00 20.28 ? 20 TYR A CA  1 
ATOM 1157 C C   . TYR E 1 20 ? -3.747  0.566   -5.828  1.00 27.26 ? 20 TYR A C   1 
ATOM 1158 O O   . TYR E 1 20 ? -2.772  0.391   -5.096  1.00 38.16 ? 20 TYR A O   1 
ATOM 1159 C CB  . TYR E 1 20 ? -3.438  -0.050  -8.222  1.00 14.95 ? 20 TYR A CB  1 
ATOM 1160 C CG  . TYR E 1 20 ? -3.497  -1.124  -9.270  1.00 24.58 ? 20 TYR A CG  1 
ATOM 1161 C CD1 . TYR E 1 20 ? -4.607  -1.283  -10.068 1.00 25.86 ? 20 TYR A CD1 1 
ATOM 1162 C CD2 . TYR E 1 20 ? -2.422  -1.961  -9.480  1.00 28.57 ? 20 TYR A CD2 1 
ATOM 1163 C CE1 . TYR E 1 20 ? -4.653  -2.260  -11.026 1.00 28.30 ? 20 TYR A CE1 1 
ATOM 1164 C CE2 . TYR E 1 20 ? -2.460  -2.939  -10.437 1.00 28.78 ? 20 TYR A CE2 1 
ATOM 1165 C CZ  . TYR E 1 20 ? -3.575  -3.082  -11.208 1.00 31.51 ? 20 TYR A CZ  1 
ATOM 1166 O OH  . TYR E 1 20 ? -3.618  -4.066  -12.163 1.00 32.39 ? 20 TYR A OH  1 
ATOM 1167 N N   . SER E 1 21 ? -4.516  1.640   -5.709  1.00 25.76 ? 21 SER A N   1 
ATOM 1168 C CA  . SER E 1 21 ? -4.197  2.678   -4.731  1.00 25.35 ? 21 SER A CA  1 
ATOM 1169 C C   . SER E 1 21 ? -5.395  3.611   -4.584  1.00 26.38 ? 21 SER A C   1 
ATOM 1170 O O   . SER E 1 21 ? -6.414  3.456   -5.260  1.00 19.85 ? 21 SER A O   1 
ATOM 1171 C CB  . SER E 1 21 ? -2.931  3.435   -5.124  1.00 20.20 ? 21 SER A CB  1 
ATOM 1172 O OG  . SER E 1 21 ? -3.169  4.287   -6.220  1.00 24.00 ? 21 SER A OG  1 
ATOM 1173 N N   . LEU E 1 22 ? -5.276  4.557   -3.653  1.00 23.58 ? 22 LEU A N   1 
ATOM 1174 C CA  . LEU E 1 22 ? -5.997  5.820   -3.719  1.00 23.13 ? 22 LEU A CA  1 
ATOM 1175 C C   . LEU E 1 22 ? -5.133  6.980   -4.181  1.00 28.12 ? 22 LEU A C   1 
ATOM 1176 O O   . LEU E 1 22 ? -5.636  7.881   -4.852  1.00 38.40 ? 22 LEU A O   1 
ATOM 1177 C CB  . LEU E 1 22 ? -6.597  6.177   -2.358  1.00 22.27 ? 22 LEU A CB  1 
ATOM 1178 C CG  . LEU E 1 22 ? -7.747  5.341   -1.817  1.00 22.63 ? 22 LEU A CG  1 
ATOM 1179 C CD1 . LEU E 1 22 ? -8.217  5.925   -0.513  1.00 23.39 ? 22 LEU A CD1 1 
ATOM 1180 C CD2 . LEU E 1 22 ? -8.872  5.316   -2.809  1.00 24.20 ? 22 LEU A CD2 1 
ATOM 1181 N N   . ALA E 1 23 ? -3.855  6.987   -3.834  1.00 22.87 ? 23 ALA A N   1 
ATOM 1182 C CA  . ALA E 1 23 ? -2.942  8.053   -4.207  1.00 17.09 ? 23 ALA A CA  1 
ATOM 1183 C C   . ALA E 1 23 ? -1.744  7.454   -4.917  1.00 22.35 ? 23 ALA A C   1 
ATOM 1184 O O   . ALA E 1 23 ? -1.212  6.434   -4.483  1.00 35.43 ? 23 ALA A O   1 
ATOM 1185 C CB  . ALA E 1 23 ? -2.488  8.832   -2.987  1.00 18.30 ? 23 ALA A CB  1 
ATOM 1186 N N   . MET E 1 24 ? -1.325  8.071   -6.010  1.00 17.48 ? 24 MET A N   1 
ATOM 1187 C CA  . MET E 1 24 ? -0.072  7.703   -6.649  1.00 20.95 ? 24 MET A CA  1 
ATOM 1188 C C   . MET E 1 24 ? 0.752   8.952   -6.895  1.00 23.82 ? 24 MET A C   1 
ATOM 1189 O O   . MET E 1 24 ? 0.211   9.998   -7.255  1.00 37.97 ? 24 MET A O   1 
ATOM 1190 C CB  . MET E 1 24 ? -0.311  6.950   -7.956  1.00 20.14 ? 24 MET A CB  1 
ATOM 1191 C CG  . MET E 1 24 ? -0.448  5.454   -7.767  1.00 32.08 ? 24 MET A CG  1 
ATOM 1192 S SD  . MET E 1 24 ? -1.127  4.582   -9.178  1.00 40.22 ? 24 MET A SD  1 
ATOM 1193 C CE  . MET E 1 24 ? 0.100   4.963   -10.405 1.00 31.70 ? 24 MET A CE  1 
ATOM 1194 N N   . ALA E 1 25 ? 2.054   8.845   -6.677  1.00 27.18 ? 25 ALA A N   1 
ATOM 1195 C CA  . ALA E 1 25 ? 2.982   9.923   -6.970  1.00 23.18 ? 25 ALA A CA  1 
ATOM 1196 C C   . ALA E 1 25 ? 4.270   9.326   -7.500  1.00 29.03 ? 25 ALA A C   1 
ATOM 1197 O O   . ALA E 1 25 ? 4.732   8.303   -7.000  1.00 40.15 ? 25 ALA A O   1 
ATOM 1198 C CB  . ALA E 1 25 ? 3.273   10.762  -5.729  1.00 24.35 ? 25 ALA A CB  1 
ATOM 1199 N N   . ALA E 1 26 ? 4.849   9.962   -8.509  1.00 29.33 ? 26 ALA A N   1 
ATOM 1200 C CA  . ALA E 1 26 ? 6.123   9.516   -9.045  1.00 30.25 ? 26 ALA A CA  1 
ATOM 1201 C C   . ALA E 1 26 ? 6.806   10.702  -9.700  1.00 35.28 ? 26 ALA A C   1 
ATOM 1202 O O   . ALA E 1 26 ? 6.282   11.815  -9.702  1.00 39.67 ? 26 ALA A O   1 
ATOM 1203 C CB  . ALA E 1 26 ? 5.936   8.363   -10.028 1.00 32.27 ? 26 ALA A CB  1 
ATOM 1204 N N   . SER E 1 27 ? 7.984   10.461  -10.263 1.00 38.11 ? 27 SER A N   1 
ATOM 1205 C CA  . SER E 1 27 ? 8.482   11.360  -11.290 1.00 37.71 ? 27 SER A CA  1 
ATOM 1206 C C   . SER E 1 27 ? 7.984   10.971  -12.673 1.00 42.80 ? 27 SER A C   1 
ATOM 1207 O O   . SER E 1 27 ? 7.619   11.847  -13.458 1.00 49.25 ? 27 SER A O   1 
ATOM 1208 C CB  . SER E 1 27 ? 10.009  11.408  -11.268 1.00 39.24 ? 27 SER A CB  1 
ATOM 1209 O OG  . SER E 1 27 ? 10.560  10.385  -12.074 1.00 41.18 ? 27 SER A OG  1 
ATOM 1210 N N   . ASP E 1 28 ? 7.934   9.676   -12.982 1.00 38.66 ? 28 ASP A N   1 
ATOM 1211 C CA  . ASP E 1 28 ? 7.242   9.167   -14.157 1.00 42.37 ? 28 ASP A CA  1 
ATOM 1212 C C   . ASP E 1 28 ? 6.294   8.059   -13.737 1.00 38.05 ? 28 ASP A C   1 
ATOM 1213 O O   . ASP E 1 28 ? 6.655   7.203   -12.932 1.00 45.17 ? 28 ASP A O   1 
ATOM 1214 C CB  . ASP E 1 28 ? 8.215   8.596   -15.195 1.00 44.23 ? 28 ASP A CB  1 
ATOM 1215 C CG  . ASP E 1 28 ? 9.190   9.622   -15.729 1.00 54.17 ? 28 ASP A CG  1 
ATOM 1216 O OD1 . ASP E 1 28 ? 9.106   10.804  -15.351 1.00 56.53 ? 28 ASP A OD1 1 
ATOM 1217 O OD2 . ASP E 1 28 ? 10.058  9.238   -16.539 1.00 55.53 ? 28 ASP A OD2 1 
ATOM 1218 N N   . ILE E 1 29 ? 5.092   8.061   -14.304 1.00 37.00 ? 29 ILE A N   1 
ATOM 1219 C CA  . ILE E 1 29 ? 4.159   6.947   -14.188 1.00 37.13 ? 29 ILE A CA  1 
ATOM 1220 C C   . ILE E 1 29 ? 3.933   6.373   -15.575 1.00 38.83 ? 29 ILE A C   1 
ATOM 1221 O O   . ILE E 1 29 ? 3.638   7.115   -16.516 1.00 43.16 ? 29 ILE A O   1 
ATOM 1222 C CB  . ILE E 1 29 ? 2.827   7.378   -13.553 1.00 34.80 ? 29 ILE A CB  1 
ATOM 1223 C CG1 . ILE E 1 29 ? 3.051   7.915   -12.146 1.00 30.80 ? 29 ILE A CG1 1 
ATOM 1224 C CG2 . ILE E 1 29 ? 1.849   6.236   -13.532 1.00 32.28 ? 29 ILE A CG2 1 
ATOM 1225 C CD1 . ILE E 1 29 ? 1.814   8.473   -11.520 1.00 32.82 ? 29 ILE A CD1 1 
ATOM 1226 N N   . SER E 1 30 ? 4.090   5.062   -15.708 1.00 33.69 ? 30 SER A N   1 
ATOM 1227 C CA  . SER E 1 30 ? 3.781   4.353   -16.942 1.00 35.14 ? 30 SER A CA  1 
ATOM 1228 C C   . SER E 1 30 ? 2.793   3.239   -16.645 1.00 34.65 ? 30 SER A C   1 
ATOM 1229 O O   . SER E 1 30 ? 3.056   2.390   -15.792 1.00 43.92 ? 30 SER A O   1 
ATOM 1230 C CB  . SER E 1 30 ? 5.045   3.786   -17.580 1.00 33.98 ? 30 SER A CB  1 
ATOM 1231 O OG  . SER E 1 30 ? 4.729   3.110   -18.777 1.00 37.74 ? 30 SER A OG  1 
ATOM 1232 N N   . LEU E 1 31 ? 1.660   3.243   -17.338 1.00 41.48 ? 31 LEU A N   1 
ATOM 1233 C CA  . LEU E 1 31 ? 0.708   2.142   -17.286 1.00 42.78 ? 31 LEU A CA  1 
ATOM 1234 C C   . LEU E 1 31 ? 0.566   1.563   -18.682 1.00 44.44 ? 31 LEU A C   1 
ATOM 1235 O O   . LEU E 1 31 ? 0.175   2.276   -19.610 1.00 48.23 ? 31 LEU A O   1 
ATOM 1236 C CB  . LEU E 1 31 ? -0.651  2.604   -16.769 1.00 42.68 ? 31 LEU A CB  1 
ATOM 1237 C CG  . LEU E 1 31 ? -0.679  3.248   -15.388 1.00 43.89 ? 31 LEU A CG  1 
ATOM 1238 C CD1 . LEU E 1 31 ? -0.775  4.744   -15.528 1.00 46.88 ? 31 LEU A CD1 1 
ATOM 1239 C CD2 . LEU E 1 31 ? -1.843  2.731   -14.592 1.00 43.17 ? 31 LEU A CD2 1 
ATOM 1240 N N   . LEU E 1 32 ? 0.876   0.282   -18.835 1.00 57.36 ? 32 LEU A N   1 
ATOM 1241 C CA  . LEU E 1 32 ? 0.619   -0.442  -20.072 1.00 57.94 ? 32 LEU A CA  1 
ATOM 1242 C C   . LEU E 1 32 ? -0.457  -1.480  -19.794 1.00 59.43 ? 32 LEU A C   1 
ATOM 1243 O O   . LEU E 1 32 ? -0.273  -2.352  -18.943 1.00 64.40 ? 32 LEU A O   1 
ATOM 1244 C CB  . LEU E 1 32 ? 1.885   -1.107  -20.609 1.00 59.65 ? 32 LEU A CB  1 
ATOM 1245 C CG  . LEU E 1 32 ? 3.218   -0.350  -20.579 1.00 60.19 ? 32 LEU A CG  1 
ATOM 1246 C CD1 . LEU E 1 32 ? 4.246   -1.061  -21.437 1.00 59.19 ? 32 LEU A CD1 1 
ATOM 1247 C CD2 . LEU E 1 32 ? 3.077   1.087   -21.032 1.00 59.64 ? 32 LEU A CD2 1 
ATOM 1248 N N   . ASP E 1 33 ? -1.572  -1.387  -20.507 1.00 76.15 ? 33 ASP A N   1 
ATOM 1249 C CA  . ASP E 1 33 ? -2.797  -2.070  -20.124 1.00 78.41 ? 33 ASP A CA  1 
ATOM 1250 C C   . ASP E 1 33 ? -3.349  -2.791  -21.343 1.00 82.86 ? 33 ASP A C   1 
ATOM 1251 O O   . ASP E 1 33 ? -3.469  -2.196  -22.418 1.00 81.77 ? 33 ASP A O   1 
ATOM 1252 C CB  . ASP E 1 33 ? -3.817  -1.075  -19.564 1.00 79.34 ? 33 ASP A CB  1 
ATOM 1253 C CG  . ASP E 1 33 ? -5.131  -1.725  -19.173 1.00 81.53 ? 33 ASP A CG  1 
ATOM 1254 O OD1 . ASP E 1 33 ? -5.295  -2.948  -19.352 1.00 82.71 ? 33 ASP A OD1 1 
ATOM 1255 O OD2 . ASP E 1 33 ? -6.015  -1.000  -18.676 1.00 81.94 ? 33 ASP A OD2 1 
ATOM 1256 N N   . ALA E 1 34 ? -3.684  -4.065  -21.177 1.00 89.48 ? 34 ALA A N   1 
ATOM 1257 C CA  . ALA E 1 34 ? -4.346  -4.821  -22.232 1.00 88.18 ? 34 ALA A CA  1 
ATOM 1258 C C   . ALA E 1 34 ? -5.460  -5.693  -21.667 1.00 87.60 ? 34 ALA A C   1 
ATOM 1259 O O   . ALA E 1 34 ? -5.202  -6.732  -21.062 1.00 86.68 ? 34 ALA A O   1 
ATOM 1260 C CB  . ALA E 1 34 ? -3.343  -5.671  -22.984 1.00 85.63 ? 34 ALA A CB  1 
# 
